data_1SVA
#
_entry.id   1SVA
#
_cell.length_a   558.000
_cell.length_b   558.000
_cell.length_c   558.000
_cell.angle_alpha   90.00
_cell.angle_beta   90.00
_cell.angle_gamma   90.00
#
_symmetry.space_group_name_H-M   'I 2 3'
#
_entity_poly.entity_id   1
_entity_poly.type   'polypeptide(L)'
_entity_poly.pdbx_seq_one_letter_code
;APTKRKGSCPGAAPKKPKEPVQVPKLVIKGGIEVLGVKTGVDSFTEVECFLNPQMGNPDEHQKGLSKSLAAEKQFTDDSP
DKEQLPCYSVARIPLPNINEDLTCGNILMWEAVTVKTEVIGVTAMLNLHSGTQKTHENGAGKPIQGSNFHFFAVGGEPLE
LQGVLANYRTKYPAQTVTPKNATVDSQQMNTDHKAVLDKDNAYPVECWVPDPSKNENTRYFGTYTGGENVPPVLHITNTA
TTVLLDEQGVGPLCKADSLYVSAVDICGLFTNTSGTQQWKGLPRYFKITLRKRSVKNPYPISFLLSDLINRRTQRVDGQP
MIGMSSQVEEVRVYEDTEELPGDPDMIRYIDEFGQTTTRMQ
;
_entity_poly.pdbx_strand_id   1,2,3,4,5,6
#
# COMPACT_ATOMS: atom_id res chain seq x y z
N PRO A 14 28.75 29.22 10.92
CA PRO A 14 27.70 28.45 10.24
C PRO A 14 26.98 27.50 11.21
N LYS A 15 26.43 26.43 10.66
CA LYS A 15 25.76 25.45 11.48
C LYS A 15 26.59 24.20 11.53
N LYS A 16 26.97 23.85 12.74
CA LYS A 16 27.72 22.65 12.97
C LYS A 16 26.57 21.66 12.89
N PRO A 17 26.86 20.45 12.45
CA PRO A 17 25.70 19.57 12.44
C PRO A 17 25.34 19.32 13.90
N LYS A 18 24.16 18.78 14.11
CA LYS A 18 23.69 18.47 15.45
C LYS A 18 24.34 17.14 15.85
N GLU A 19 24.05 16.68 17.06
CA GLU A 19 24.64 15.42 17.55
C GLU A 19 23.78 14.22 17.20
N PRO A 20 24.43 13.09 16.91
CA PRO A 20 23.68 11.90 16.56
C PRO A 20 22.69 11.53 17.62
N VAL A 21 21.50 11.16 17.17
CA VAL A 21 20.45 10.75 18.07
C VAL A 21 20.95 9.51 18.76
N GLN A 22 20.54 9.33 20.01
CA GLN A 22 20.91 8.14 20.76
C GLN A 22 20.00 6.99 20.33
N VAL A 23 20.52 5.78 20.30
CA VAL A 23 19.68 4.68 19.91
C VAL A 23 20.23 3.48 20.63
N PRO A 24 19.38 2.51 20.90
CA PRO A 24 19.77 1.30 21.58
C PRO A 24 21.14 0.84 21.14
N LYS A 25 22.00 0.75 22.14
CA LYS A 25 23.37 0.35 21.95
C LYS A 25 23.48 -1.14 21.65
N LEU A 26 23.92 -1.48 20.45
CA LEU A 26 24.10 -2.89 20.14
C LEU A 26 25.18 -3.40 21.07
N VAL A 27 24.91 -4.57 21.63
CA VAL A 27 25.81 -5.19 22.58
C VAL A 27 26.61 -6.29 21.97
N ILE A 28 25.94 -7.10 21.18
CA ILE A 28 26.62 -8.15 20.52
C ILE A 28 25.65 -8.68 19.55
N LYS A 29 26.18 -9.22 18.48
CA LYS A 29 25.40 -9.76 17.41
C LYS A 29 26.18 -10.97 17.04
N GLY A 30 25.49 -11.98 16.53
CA GLY A 30 26.13 -13.20 16.11
C GLY A 30 25.03 -14.25 16.03
N GLY A 31 25.37 -15.49 16.32
CA GLY A 31 24.39 -16.57 16.28
C GLY A 31 23.70 -16.84 17.60
N ILE A 32 23.02 -18.00 17.66
CA ILE A 32 22.24 -18.43 18.83
C ILE A 32 23.03 -18.40 20.15
N GLU A 33 24.32 -18.65 19.96
CA GLU A 33 25.33 -18.70 20.97
C GLU A 33 25.31 -17.41 21.73
N VAL A 34 25.32 -16.32 20.96
CA VAL A 34 25.35 -14.98 21.49
C VAL A 34 24.44 -14.84 22.68
N LEU A 35 23.41 -15.67 22.70
CA LEU A 35 22.45 -15.67 23.78
C LEU A 35 23.08 -15.75 25.14
N GLY A 36 24.03 -16.67 25.23
CA GLY A 36 24.74 -16.92 26.47
C GLY A 36 25.32 -15.70 27.13
N VAL A 37 25.46 -14.62 26.38
CA VAL A 37 26.00 -13.46 27.01
C VAL A 37 25.08 -12.98 28.10
N LYS A 38 25.65 -12.78 29.26
CA LYS A 38 24.86 -12.30 30.36
C LYS A 38 24.71 -10.81 30.21
N THR A 39 23.52 -10.48 29.75
CA THR A 39 23.06 -9.14 29.48
C THR A 39 22.43 -8.57 30.75
N GLY A 40 21.98 -7.33 30.68
CA GLY A 40 21.38 -6.73 31.86
C GLY A 40 19.90 -7.01 32.01
N VAL A 41 19.29 -6.23 32.89
CA VAL A 41 17.87 -6.35 33.18
C VAL A 41 17.07 -5.76 32.03
N ASP A 42 17.57 -4.65 31.52
CA ASP A 42 16.91 -3.96 30.45
C ASP A 42 17.41 -4.29 29.06
N SER A 43 18.20 -5.33 28.93
CA SER A 43 18.68 -5.68 27.60
C SER A 43 17.45 -6.18 26.93
N PHE A 44 17.54 -6.30 25.62
CA PHE A 44 16.47 -6.89 24.88
C PHE A 44 17.12 -7.56 23.74
N THR A 45 16.47 -8.57 23.21
CA THR A 45 17.17 -9.23 22.18
C THR A 45 16.28 -9.63 21.07
N GLU A 46 16.88 -9.68 19.89
CA GLU A 46 16.17 -10.01 18.70
C GLU A 46 16.67 -11.33 18.14
N VAL A 47 15.73 -12.26 17.93
CA VAL A 47 16.11 -13.55 17.33
C VAL A 47 15.48 -13.70 15.94
N GLU A 48 16.32 -13.72 14.93
CA GLU A 48 15.83 -13.86 13.55
C GLU A 48 16.10 -15.35 13.36
N CYS A 49 15.24 -16.06 12.64
CA CYS A 49 15.42 -17.49 12.43
C CYS A 49 14.34 -17.87 11.49
N PHE A 50 14.03 -19.15 11.44
CA PHE A 50 13.00 -19.57 10.51
C PHE A 50 12.61 -21.02 10.64
N LEU A 51 11.65 -21.41 9.79
CA LEU A 51 11.13 -22.76 9.75
C LEU A 51 10.91 -23.13 8.34
N ASN A 52 11.00 -24.44 8.09
CA ASN A 52 10.83 -25.00 6.77
C ASN A 52 9.48 -25.63 6.65
N PRO A 53 9.00 -25.75 5.43
CA PRO A 53 7.69 -26.33 5.19
C PRO A 53 7.70 -27.84 5.19
N GLN A 54 6.71 -28.44 5.85
CA GLN A 54 6.61 -29.90 5.89
C GLN A 54 5.41 -30.40 5.08
N MET A 55 5.57 -30.45 3.76
CA MET A 55 4.48 -30.88 2.90
C MET A 55 4.41 -32.38 2.70
N GLY A 56 5.25 -33.09 3.44
CA GLY A 56 5.36 -34.53 3.33
C GLY A 56 6.75 -34.84 2.80
N ASN A 57 7.02 -34.43 1.55
CA ASN A 57 8.31 -34.61 0.86
C ASN A 57 8.52 -36.02 0.36
N PRO A 58 7.93 -36.35 -0.81
CA PRO A 58 8.00 -37.67 -1.47
C PRO A 58 9.39 -38.30 -1.58
N ASP A 59 10.25 -37.70 -2.41
CA ASP A 59 11.61 -38.18 -2.56
C ASP A 59 12.50 -37.11 -1.95
N GLU A 60 13.68 -36.91 -2.54
CA GLU A 60 14.55 -35.86 -2.05
C GLU A 60 14.51 -34.78 -3.09
N HIS A 61 14.40 -35.15 -4.36
CA HIS A 61 14.32 -34.15 -5.42
C HIS A 61 13.03 -33.31 -5.32
N GLN A 62 12.27 -33.53 -4.25
CA GLN A 62 11.03 -32.82 -4.04
C GLN A 62 10.78 -32.44 -2.60
N LYS A 63 11.61 -31.54 -2.10
CA LYS A 63 11.40 -31.05 -0.76
C LYS A 63 10.39 -29.89 -0.90
N GLY A 64 9.64 -29.63 0.17
CA GLY A 64 8.64 -28.59 0.16
C GLY A 64 7.56 -28.85 -0.88
N LEU A 65 7.14 -30.11 -0.94
CA LEU A 65 6.13 -30.60 -1.86
C LEU A 65 5.50 -31.81 -1.22
N SER A 66 4.25 -32.07 -1.55
CA SER A 66 3.62 -33.23 -0.99
C SER A 66 3.70 -34.26 -2.08
N LYS A 67 3.39 -35.50 -1.73
CA LYS A 67 3.39 -36.57 -2.70
C LYS A 67 2.19 -36.21 -3.56
N SER A 68 2.16 -36.69 -4.80
CA SER A 68 1.03 -36.42 -5.67
C SER A 68 -0.21 -36.65 -4.83
N LEU A 69 -1.18 -35.77 -4.97
CA LEU A 69 -2.34 -35.89 -4.15
C LEU A 69 -3.43 -36.83 -4.59
N ALA A 70 -3.90 -37.54 -3.57
CA ALA A 70 -4.94 -38.53 -3.65
C ALA A 70 -6.28 -37.86 -3.88
N ALA A 71 -7.06 -38.44 -4.80
CA ALA A 71 -8.37 -37.90 -5.14
C ALA A 71 -9.66 -38.46 -4.46
N GLU A 72 -10.48 -39.16 -5.26
CA GLU A 72 -11.78 -39.69 -4.86
C GLU A 72 -11.92 -40.86 -3.91
N LYS A 73 -11.19 -40.86 -2.81
CA LYS A 73 -11.29 -41.96 -1.86
C LYS A 73 -12.70 -42.16 -1.32
N GLN A 74 -12.98 -43.33 -0.78
CA GLN A 74 -14.28 -43.59 -0.18
C GLN A 74 -14.01 -43.36 1.29
N PHE A 75 -14.96 -42.76 1.99
CA PHE A 75 -14.80 -42.44 3.40
C PHE A 75 -14.26 -43.57 4.25
N THR A 76 -14.72 -44.76 3.94
CA THR A 76 -14.29 -45.94 4.66
C THR A 76 -12.86 -46.25 4.29
N ASP A 77 -12.59 -46.30 2.99
CA ASP A 77 -11.26 -46.60 2.52
C ASP A 77 -10.36 -45.36 2.47
N ASP A 78 -10.45 -44.53 3.50
CA ASP A 78 -9.64 -43.35 3.51
C ASP A 78 -8.48 -43.44 4.46
N SER A 79 -7.34 -43.68 3.85
CA SER A 79 -6.07 -43.68 4.53
C SER A 79 -5.07 -43.39 3.44
N PRO A 80 -4.47 -42.20 3.52
CA PRO A 80 -3.47 -41.68 2.59
C PRO A 80 -2.08 -41.92 3.19
N ASP A 81 -1.05 -41.38 2.55
CA ASP A 81 0.31 -41.54 3.03
C ASP A 81 0.77 -40.26 3.67
N LYS A 82 1.55 -40.39 4.73
CA LYS A 82 2.09 -39.22 5.39
C LYS A 82 2.81 -38.29 4.40
N GLU A 83 3.24 -38.86 3.29
CA GLU A 83 3.91 -38.08 2.27
C GLU A 83 2.89 -37.18 1.59
N GLN A 84 1.62 -37.33 1.97
CA GLN A 84 0.55 -36.51 1.39
C GLN A 84 -0.07 -35.64 2.45
N LEU A 85 0.49 -35.72 3.65
CA LEU A 85 -0.04 -34.96 4.76
C LEU A 85 0.80 -33.82 5.23
N PRO A 86 0.53 -32.63 4.70
CA PRO A 86 1.34 -31.52 5.17
C PRO A 86 1.03 -31.38 6.65
N CYS A 87 2.04 -30.99 7.41
CA CYS A 87 1.90 -30.83 8.85
C CYS A 87 2.49 -29.56 9.45
N TYR A 88 1.96 -29.20 10.59
CA TYR A 88 2.42 -28.05 11.31
C TYR A 88 3.90 -28.27 11.60
N SER A 89 4.69 -27.28 11.17
CA SER A 89 6.13 -27.22 11.34
C SER A 89 6.37 -26.44 12.64
N VAL A 90 7.23 -26.93 13.52
CA VAL A 90 7.45 -26.25 14.79
C VAL A 90 8.92 -26.29 15.24
N ALA A 91 9.26 -25.57 16.32
CA ALA A 91 10.62 -25.55 16.86
C ALA A 91 10.69 -24.77 18.15
N ARG A 92 11.73 -24.99 18.96
CA ARG A 92 11.82 -24.27 20.24
C ARG A 92 13.16 -23.60 20.44
N ILE A 93 13.13 -22.29 20.39
CA ILE A 93 14.33 -21.54 20.57
C ILE A 93 14.54 -21.50 22.05
N PRO A 94 15.60 -22.15 22.50
CA PRO A 94 16.07 -22.30 23.88
C PRO A 94 16.57 -20.98 24.34
N LEU A 95 16.16 -20.53 25.50
CA LEU A 95 16.68 -19.26 25.97
C LEU A 95 17.41 -19.46 27.28
N PRO A 96 18.25 -18.48 27.65
CA PRO A 96 19.06 -18.44 28.87
C PRO A 96 18.21 -18.27 30.12
N ASN A 97 18.41 -19.11 31.13
CA ASN A 97 17.62 -18.93 32.35
C ASN A 97 18.17 -17.69 33.02
N ILE A 98 17.33 -16.69 33.17
CA ILE A 98 17.84 -15.48 33.76
C ILE A 98 17.70 -15.56 35.29
N ASN A 99 17.23 -16.70 35.76
CA ASN A 99 17.10 -16.86 37.20
C ASN A 99 17.94 -18.02 37.66
N GLU A 100 19.16 -17.74 38.11
CA GLU A 100 20.02 -18.81 38.61
C GLU A 100 20.72 -18.38 39.88
N ASP A 101 20.13 -17.40 40.51
CA ASP A 101 20.59 -16.91 41.77
C ASP A 101 19.28 -16.45 42.31
N LEU A 102 18.69 -17.26 43.18
CA LEU A 102 17.38 -16.91 43.74
C LEU A 102 17.59 -16.11 44.99
N THR A 103 18.76 -15.52 45.09
CA THR A 103 19.09 -14.75 46.26
C THR A 103 18.55 -13.32 46.21
N CYS A 104 18.54 -12.69 45.02
CA CYS A 104 18.05 -11.31 44.88
C CYS A 104 16.53 -11.06 45.07
N GLY A 105 15.69 -12.10 44.94
CA GLY A 105 14.29 -11.88 45.24
C GLY A 105 13.15 -12.03 44.25
N ASN A 106 13.18 -11.28 43.15
CA ASN A 106 12.12 -11.36 42.13
C ASN A 106 12.59 -12.04 40.84
N ILE A 107 11.70 -12.86 40.33
CA ILE A 107 11.94 -13.66 39.16
C ILE A 107 11.87 -12.78 37.97
N LEU A 108 12.41 -13.31 36.88
CA LEU A 108 12.41 -12.67 35.59
C LEU A 108 12.16 -13.72 34.54
N MET A 109 11.27 -13.42 33.59
CA MET A 109 11.05 -14.37 32.53
C MET A 109 11.13 -13.67 31.16
N TRP A 110 11.53 -14.46 30.17
CA TRP A 110 11.67 -13.96 28.80
C TRP A 110 10.32 -13.73 28.16
N GLU A 111 10.04 -12.46 27.83
CA GLU A 111 8.78 -12.10 27.20
C GLU A 111 8.93 -11.74 25.75
N ALA A 112 8.09 -12.33 24.92
CA ALA A 112 8.06 -12.06 23.49
C ALA A 112 7.12 -10.90 23.33
N VAL A 113 7.62 -9.90 22.66
CA VAL A 113 6.89 -8.70 22.49
C VAL A 113 6.47 -8.37 21.09
N THR A 114 7.26 -8.79 20.16
CA THR A 114 6.98 -8.41 18.82
C THR A 114 7.52 -9.38 17.85
N VAL A 115 6.87 -9.47 16.73
CA VAL A 115 7.45 -10.36 15.80
C VAL A 115 7.24 -9.80 14.45
N LYS A 116 8.21 -10.08 13.59
CA LYS A 116 8.13 -9.70 12.21
C LYS A 116 8.31 -11.08 11.60
N THR A 117 7.50 -11.44 10.61
CA THR A 117 7.63 -12.76 9.99
C THR A 117 7.27 -12.62 8.53
N GLU A 118 7.69 -13.55 7.69
CA GLU A 118 7.41 -13.42 6.26
C GLU A 118 7.73 -14.68 5.51
N VAL A 119 7.18 -14.79 4.31
CA VAL A 119 7.45 -15.99 3.58
C VAL A 119 8.65 -15.85 2.72
N ILE A 120 9.61 -16.69 3.02
CA ILE A 120 10.81 -16.64 2.25
C ILE A 120 10.64 -17.35 0.94
N GLY A 121 10.90 -16.64 -0.13
CA GLY A 121 10.87 -17.32 -1.41
C GLY A 121 9.65 -17.27 -2.27
N VAL A 122 8.84 -16.24 -2.09
CA VAL A 122 7.64 -16.21 -2.88
C VAL A 122 7.88 -16.12 -4.39
N THR A 123 8.89 -15.37 -4.82
CA THR A 123 9.18 -15.23 -6.28
C THR A 123 9.38 -16.54 -6.96
N ALA A 124 9.85 -17.49 -6.16
CA ALA A 124 10.11 -18.82 -6.62
C ALA A 124 9.01 -19.31 -7.56
N MET A 125 7.74 -19.15 -7.15
CA MET A 125 6.61 -19.61 -7.96
C MET A 125 6.52 -18.93 -9.33
N LEU A 126 7.53 -18.12 -9.65
CA LEU A 126 7.58 -17.48 -10.93
C LEU A 126 8.18 -18.39 -12.00
N ASN A 127 8.64 -19.58 -11.60
CA ASN A 127 9.20 -20.57 -12.55
C ASN A 127 8.04 -21.29 -13.23
N LEU A 128 7.63 -20.79 -14.40
CA LEU A 128 6.52 -21.40 -15.10
C LEU A 128 7.06 -22.33 -16.16
N HIS A 129 8.03 -23.14 -15.77
CA HIS A 129 8.64 -24.05 -16.72
C HIS A 129 9.38 -25.25 -16.16
N SER A 130 9.25 -25.61 -14.90
CA SER A 130 9.96 -26.83 -14.49
C SER A 130 8.91 -27.94 -14.72
N GLY A 131 8.60 -28.76 -13.71
CA GLY A 131 7.61 -29.85 -13.88
C GLY A 131 6.20 -29.46 -14.33
N THR A 132 6.10 -28.20 -14.72
CA THR A 132 4.94 -27.46 -15.21
C THR A 132 3.96 -28.15 -16.12
N GLN A 133 2.68 -27.84 -15.94
CA GLN A 133 1.69 -28.33 -16.89
C GLN A 133 1.37 -27.09 -17.72
N LYS A 134 1.14 -27.27 -19.00
CA LYS A 134 0.88 -26.16 -19.92
C LYS A 134 -0.37 -25.38 -19.61
N THR A 135 -0.26 -24.06 -19.76
CA THR A 135 -1.39 -23.14 -19.56
C THR A 135 -2.34 -23.53 -20.68
N HIS A 136 -1.78 -23.66 -21.88
CA HIS A 136 -2.53 -23.98 -23.07
C HIS A 136 -1.55 -24.01 -24.25
N GLU A 137 -2.10 -24.02 -25.46
CA GLU A 137 -1.37 -24.01 -26.74
C GLU A 137 0.13 -23.93 -26.66
N ASN A 138 0.62 -22.71 -26.46
CA ASN A 138 2.04 -22.45 -26.39
C ASN A 138 2.15 -21.52 -25.21
N GLY A 139 1.25 -21.81 -24.29
CA GLY A 139 1.15 -21.08 -23.07
C GLY A 139 2.26 -21.50 -22.16
N ALA A 140 2.41 -20.75 -21.08
CA ALA A 140 3.45 -21.01 -20.12
C ALA A 140 2.96 -22.12 -19.24
N GLY A 141 3.51 -22.25 -18.06
CA GLY A 141 3.03 -23.28 -17.17
C GLY A 141 1.79 -22.83 -16.44
N LYS A 142 1.14 -23.76 -15.76
CA LYS A 142 -0.01 -23.41 -14.97
C LYS A 142 0.67 -23.23 -13.62
N PRO A 143 0.71 -21.97 -13.15
CA PRO A 143 1.31 -21.56 -11.87
C PRO A 143 0.60 -22.13 -10.65
N ILE A 144 1.32 -22.27 -9.56
CA ILE A 144 0.71 -22.78 -8.34
C ILE A 144 -0.50 -21.95 -7.99
N GLN A 145 -1.60 -22.60 -7.68
CA GLN A 145 -2.82 -21.90 -7.29
C GLN A 145 -3.70 -22.86 -6.54
N GLY A 146 -4.94 -22.45 -6.29
CA GLY A 146 -5.86 -23.29 -5.54
C GLY A 146 -5.66 -23.12 -4.04
N SER A 147 -6.46 -23.84 -3.26
CA SER A 147 -6.41 -23.76 -1.81
C SER A 147 -5.07 -23.44 -1.20
N ASN A 148 -5.11 -22.72 -0.09
CA ASN A 148 -3.89 -22.35 0.57
C ASN A 148 -4.21 -21.95 1.96
N PHE A 149 -3.21 -22.06 2.82
CA PHE A 149 -3.40 -21.74 4.19
C PHE A 149 -2.04 -21.43 4.69
N HIS A 150 -1.98 -20.31 5.39
CA HIS A 150 -0.74 -19.80 5.93
C HIS A 150 -1.07 -19.48 7.36
N PHE A 151 -0.22 -19.90 8.29
CA PHE A 151 -0.52 -19.69 9.69
C PHE A 151 0.79 -19.62 10.40
N PHE A 152 0.77 -19.14 11.63
CA PHE A 152 1.97 -19.13 12.43
C PHE A 152 1.58 -18.68 13.80
N ALA A 153 2.46 -18.92 14.74
CA ALA A 153 2.14 -18.55 16.06
C ALA A 153 3.43 -18.39 16.76
N VAL A 154 3.39 -17.72 17.90
CA VAL A 154 4.58 -17.49 18.65
C VAL A 154 4.14 -17.52 20.09
N GLY A 155 4.76 -18.35 20.94
CA GLY A 155 4.35 -18.38 22.33
C GLY A 155 5.36 -18.92 23.33
N GLY A 156 5.03 -18.81 24.63
CA GLY A 156 5.88 -19.25 25.73
C GLY A 156 5.75 -20.70 26.23
N GLU A 157 4.80 -21.42 25.63
CA GLU A 157 4.51 -22.83 25.90
C GLU A 157 4.27 -23.30 24.53
N PRO A 158 4.07 -24.61 24.36
CA PRO A 158 3.82 -25.05 22.98
C PRO A 158 2.41 -24.70 22.59
N LEU A 159 2.12 -24.95 21.33
CA LEU A 159 0.82 -24.64 20.77
C LEU A 159 -0.20 -25.69 21.14
N GLU A 160 -1.22 -25.29 21.90
CA GLU A 160 -2.31 -26.19 22.31
C GLU A 160 -3.31 -26.37 21.14
N LEU A 161 -3.62 -27.62 20.81
CA LEU A 161 -4.53 -27.87 19.69
C LEU A 161 -5.88 -28.39 20.03
N GLN A 162 -6.60 -28.65 18.95
CA GLN A 162 -7.95 -29.15 19.01
C GLN A 162 -8.12 -29.80 17.69
N GLY A 163 -8.47 -31.07 17.74
CA GLY A 163 -8.61 -31.81 16.51
C GLY A 163 -9.99 -31.58 16.01
N VAL A 164 -10.18 -31.91 14.74
CA VAL A 164 -11.45 -31.80 14.05
C VAL A 164 -11.15 -32.28 12.64
N LEU A 165 -12.09 -32.95 11.99
CA LEU A 165 -11.86 -33.38 10.62
C LEU A 165 -13.07 -33.84 9.86
N ALA A 166 -12.97 -33.78 8.55
CA ALA A 166 -14.07 -34.26 7.73
C ALA A 166 -13.69 -35.71 7.65
N ASN A 167 -14.69 -36.57 7.66
CA ASN A 167 -14.47 -38.02 7.55
C ASN A 167 -13.66 -38.62 8.69
N TYR A 168 -14.22 -38.69 9.89
CA TYR A 168 -13.48 -39.26 11.01
C TYR A 168 -13.11 -40.72 10.69
N ARG A 169 -13.77 -41.25 9.67
CA ARG A 169 -13.53 -42.60 9.21
C ARG A 169 -12.27 -42.68 8.33
N THR A 170 -11.34 -41.76 8.58
CA THR A 170 -10.12 -41.77 7.84
C THR A 170 -9.14 -42.50 8.73
N LYS A 171 -8.52 -43.48 8.11
CA LYS A 171 -7.49 -44.34 8.68
C LYS A 171 -6.22 -43.50 8.53
N TYR A 172 -5.64 -43.08 9.65
CA TYR A 172 -4.47 -42.21 9.57
C TYR A 172 -3.05 -42.74 9.60
N PRO A 173 -2.35 -42.67 8.45
CA PRO A 173 -0.98 -43.11 8.27
C PRO A 173 -0.04 -43.02 9.46
N ALA A 174 0.75 -44.05 9.56
CA ALA A 174 1.76 -44.31 10.57
C ALA A 174 2.23 -43.29 11.60
N GLN A 175 3.25 -42.55 11.19
CA GLN A 175 3.95 -41.58 12.02
C GLN A 175 3.16 -40.38 12.53
N THR A 176 2.17 -39.99 11.74
CA THR A 176 1.33 -38.86 12.02
C THR A 176 0.61 -38.97 13.33
N VAL A 177 0.58 -37.85 14.03
CA VAL A 177 -0.15 -37.82 15.27
C VAL A 177 -1.52 -37.28 14.89
N THR A 178 -2.52 -38.15 14.87
CA THR A 178 -3.85 -37.68 14.54
C THR A 178 -4.67 -37.77 15.79
N PRO A 179 -5.91 -37.27 15.75
CA PRO A 179 -6.74 -37.34 16.95
C PRO A 179 -7.22 -38.78 17.16
N LYS A 180 -7.49 -39.09 18.42
CA LYS A 180 -7.93 -40.40 18.83
C LYS A 180 -9.42 -40.64 18.94
N ASN A 181 -9.83 -41.91 18.85
CA ASN A 181 -11.24 -42.27 18.98
C ASN A 181 -12.12 -41.50 18.00
N ALA A 182 -11.84 -41.66 16.72
CA ALA A 182 -12.63 -40.96 15.70
C ALA A 182 -14.13 -41.27 15.79
N THR A 183 -14.92 -40.39 16.40
CA THR A 183 -16.36 -40.58 16.48
C THR A 183 -16.90 -39.66 15.40
N VAL A 184 -18.22 -39.61 15.19
CA VAL A 184 -18.75 -38.71 14.17
C VAL A 184 -18.54 -37.26 14.58
N ASP A 185 -18.63 -37.03 15.89
CA ASP A 185 -18.44 -35.71 16.47
C ASP A 185 -17.11 -35.06 16.12
N SER A 186 -16.14 -35.88 15.78
CA SER A 186 -14.85 -35.37 15.38
C SER A 186 -15.04 -34.59 14.08
N GLN A 187 -16.08 -34.95 13.33
CA GLN A 187 -16.39 -34.24 12.10
C GLN A 187 -16.77 -32.78 12.46
N GLN A 188 -17.16 -32.58 13.73
CA GLN A 188 -17.50 -31.27 14.28
C GLN A 188 -16.77 -31.11 15.62
N MET A 189 -17.32 -30.37 16.58
CA MET A 189 -16.57 -30.19 17.82
C MET A 189 -16.54 -31.45 18.64
N ASN A 190 -15.35 -31.90 18.95
CA ASN A 190 -15.22 -33.13 19.71
C ASN A 190 -14.16 -33.01 20.80
N THR A 191 -14.55 -32.41 21.90
CA THR A 191 -13.66 -32.17 23.04
C THR A 191 -12.55 -33.15 23.44
N ASP A 192 -12.56 -34.35 22.88
CA ASP A 192 -11.54 -35.34 23.22
C ASP A 192 -10.25 -35.11 22.42
N HIS A 193 -10.31 -34.15 21.53
CA HIS A 193 -9.15 -33.89 20.72
C HIS A 193 -8.34 -32.72 21.13
N LYS A 194 -8.27 -32.49 22.42
CA LYS A 194 -7.43 -31.44 22.90
C LYS A 194 -6.04 -32.08 22.74
N ALA A 195 -5.04 -31.30 22.33
CA ALA A 195 -3.69 -31.82 22.10
C ALA A 195 -2.62 -30.74 22.23
N VAL A 196 -1.41 -31.03 21.74
CA VAL A 196 -0.29 -30.09 21.80
C VAL A 196 0.70 -30.37 20.67
N LEU A 197 1.22 -29.31 20.08
CA LEU A 197 2.18 -29.43 18.99
C LEU A 197 3.52 -29.52 19.61
N ASP A 198 4.09 -30.73 19.58
CA ASP A 198 5.39 -30.95 20.18
C ASP A 198 6.30 -31.70 19.21
N LYS A 199 5.74 -32.12 18.11
CA LYS A 199 6.60 -32.78 17.17
C LYS A 199 6.43 -32.21 15.76
N ASP A 200 7.55 -32.02 15.10
CA ASP A 200 7.54 -31.47 13.76
C ASP A 200 7.20 -32.56 12.74
N ASN A 201 6.63 -32.16 11.59
CA ASN A 201 6.22 -33.08 10.53
C ASN A 201 5.39 -34.15 11.20
N ALA A 202 4.83 -33.80 12.34
CA ALA A 202 4.07 -34.76 13.08
C ALA A 202 2.60 -34.65 12.78
N TYR A 203 1.95 -33.77 13.52
CA TYR A 203 0.52 -33.55 13.43
C TYR A 203 0.19 -32.89 12.12
N PRO A 204 -0.55 -33.57 11.25
CA PRO A 204 -0.92 -33.02 9.93
C PRO A 204 -1.91 -31.90 10.06
N VAL A 205 -1.81 -30.97 9.15
CA VAL A 205 -2.66 -29.78 9.17
C VAL A 205 -4.14 -30.02 9.25
N GLU A 206 -4.62 -30.93 8.41
CA GLU A 206 -6.04 -31.23 8.34
C GLU A 206 -6.67 -31.90 9.53
N CYS A 207 -5.94 -32.03 10.62
CA CYS A 207 -6.54 -32.68 11.78
C CYS A 207 -6.63 -31.68 12.90
N TRP A 208 -5.86 -30.62 12.77
CA TRP A 208 -5.85 -29.66 13.83
C TRP A 208 -5.93 -28.23 13.40
N VAL A 209 -6.16 -27.44 14.42
CA VAL A 209 -6.24 -26.03 14.32
C VAL A 209 -5.95 -25.77 15.78
N PRO A 210 -5.36 -24.62 16.06
CA PRO A 210 -5.07 -24.33 17.44
C PRO A 210 -6.37 -24.29 18.16
N ASP A 211 -6.33 -24.55 19.45
CA ASP A 211 -7.55 -24.49 20.19
C ASP A 211 -7.64 -23.21 21.02
N PRO A 212 -8.58 -22.36 20.62
CA PRO A 212 -9.00 -21.05 21.10
C PRO A 212 -9.30 -21.05 22.54
N SER A 213 -9.87 -22.15 22.98
CA SER A 213 -10.29 -22.23 24.35
C SER A 213 -9.13 -22.20 25.29
N LYS A 214 -7.93 -22.37 24.76
CA LYS A 214 -6.84 -22.40 25.70
C LYS A 214 -5.46 -21.85 25.41
N ASN A 215 -5.20 -21.26 24.26
CA ASN A 215 -3.82 -20.81 24.08
C ASN A 215 -3.49 -19.50 24.78
N GLU A 216 -3.76 -19.48 26.07
CA GLU A 216 -3.55 -18.29 26.86
C GLU A 216 -2.19 -17.64 26.72
N ASN A 217 -1.16 -18.44 26.44
CA ASN A 217 0.20 -17.92 26.36
C ASN A 217 0.94 -17.96 25.02
N THR A 218 0.18 -18.05 23.93
CA THR A 218 0.78 -18.00 22.62
C THR A 218 -0.14 -17.17 21.71
N ARG A 219 0.24 -16.90 20.47
CA ARG A 219 -0.61 -16.09 19.61
C ARG A 219 -0.50 -16.70 18.28
N TYR A 220 -1.66 -16.82 17.65
CA TYR A 220 -1.67 -17.43 16.37
C TYR A 220 -2.43 -16.57 15.44
N PHE A 221 -2.13 -16.84 14.18
CA PHE A 221 -2.70 -16.09 13.12
C PHE A 221 -2.66 -17.01 11.94
N GLY A 222 -3.77 -17.04 11.21
CA GLY A 222 -3.82 -17.87 10.05
C GLY A 222 -5.09 -17.61 9.28
N THR A 223 -5.05 -17.92 7.99
CA THR A 223 -6.19 -17.74 7.13
C THR A 223 -6.26 -18.77 6.00
N TYR A 224 -7.36 -19.51 6.06
CA TYR A 224 -7.61 -20.54 5.10
C TYR A 224 -8.32 -19.83 3.98
N THR A 225 -8.04 -20.30 2.77
CA THR A 225 -8.62 -19.70 1.62
C THR A 225 -8.95 -20.86 0.75
N GLY A 226 -10.13 -21.43 0.96
CA GLY A 226 -10.54 -22.56 0.15
C GLY A 226 -10.88 -22.11 -1.25
N GLY A 227 -10.51 -22.91 -2.25
CA GLY A 227 -10.83 -22.56 -3.61
C GLY A 227 -10.09 -23.47 -4.57
N GLU A 228 -10.79 -23.86 -5.61
CA GLU A 228 -10.20 -24.76 -6.57
C GLU A 228 -9.04 -24.05 -7.26
N ASN A 229 -9.21 -22.78 -7.55
CA ASN A 229 -8.13 -22.06 -8.18
C ASN A 229 -7.97 -20.61 -7.70
N VAL A 230 -7.93 -20.52 -6.37
CA VAL A 230 -7.73 -19.24 -5.75
C VAL A 230 -6.30 -18.91 -6.05
N PRO A 231 -6.01 -17.65 -6.30
CA PRO A 231 -4.65 -17.22 -6.58
C PRO A 231 -4.05 -16.82 -5.26
N PRO A 232 -2.85 -17.30 -5.00
CA PRO A 232 -2.21 -16.95 -3.74
C PRO A 232 -1.70 -15.53 -3.83
N VAL A 233 -1.65 -14.85 -2.70
CA VAL A 233 -1.16 -13.50 -2.73
C VAL A 233 -0.26 -13.29 -1.57
N LEU A 234 0.96 -12.94 -1.88
CA LEU A 234 1.92 -12.77 -0.83
C LEU A 234 2.65 -11.50 -0.82
N HIS A 235 2.92 -11.00 0.39
CA HIS A 235 3.68 -9.78 0.52
C HIS A 235 4.95 -10.03 1.23
N ILE A 236 6.01 -9.49 0.67
CA ILE A 236 7.30 -9.65 1.27
C ILE A 236 7.62 -8.18 1.57
N THR A 237 7.93 -7.92 2.85
CA THR A 237 8.30 -6.59 3.34
C THR A 237 8.96 -6.53 4.69
N ASN A 238 9.99 -5.73 4.75
CA ASN A 238 10.72 -5.66 5.98
C ASN A 238 10.29 -4.52 6.84
N THR A 239 9.13 -3.97 6.57
CA THR A 239 8.70 -2.84 7.39
C THR A 239 7.55 -3.11 8.31
N ALA A 240 7.00 -4.32 8.20
CA ALA A 240 5.83 -4.70 8.99
C ALA A 240 6.09 -5.39 10.29
N THR A 241 5.52 -4.85 11.36
CA THR A 241 5.68 -5.47 12.66
C THR A 241 4.36 -5.88 13.27
N THR A 242 4.42 -6.94 14.06
CA THR A 242 3.26 -7.47 14.73
C THR A 242 3.51 -7.51 16.20
N VAL A 243 2.50 -7.12 16.94
CA VAL A 243 2.65 -7.16 18.37
C VAL A 243 2.10 -8.40 19.01
N LEU A 244 2.85 -8.92 19.96
CA LEU A 244 2.43 -10.13 20.65
C LEU A 244 1.84 -9.76 21.99
N LEU A 245 1.90 -8.47 22.33
CA LEU A 245 1.35 -8.03 23.61
C LEU A 245 -0.10 -8.37 23.82
N ASP A 246 -0.44 -8.63 25.08
CA ASP A 246 -1.81 -8.97 25.41
C ASP A 246 -2.47 -7.72 25.91
N GLU A 247 -3.71 -7.88 26.31
CA GLU A 247 -4.54 -6.81 26.82
C GLU A 247 -3.84 -6.13 28.01
N GLN A 248 -3.29 -6.89 28.94
CA GLN A 248 -2.64 -6.29 30.10
C GLN A 248 -1.33 -5.63 29.69
N GLY A 249 -0.86 -5.97 28.50
CA GLY A 249 0.36 -5.39 28.00
C GLY A 249 1.46 -6.37 28.20
N VAL A 250 1.20 -7.62 27.88
CA VAL A 250 2.20 -8.63 28.09
C VAL A 250 2.16 -9.70 27.03
N GLY A 251 3.25 -9.86 26.33
CA GLY A 251 3.32 -10.88 25.31
C GLY A 251 3.58 -12.16 26.04
N PRO A 252 3.75 -13.23 25.28
CA PRO A 252 4.02 -14.58 25.79
C PRO A 252 5.18 -14.57 26.73
N LEU A 253 5.04 -15.37 27.79
CA LEU A 253 6.09 -15.55 28.78
C LEU A 253 6.68 -16.91 28.49
N CYS A 254 7.99 -16.97 28.32
CA CYS A 254 8.60 -18.25 28.00
C CYS A 254 8.72 -19.05 29.26
N LYS A 255 7.83 -20.03 29.37
CA LYS A 255 7.76 -20.86 30.56
C LYS A 255 9.00 -21.72 30.77
N ALA A 256 9.06 -22.84 30.06
CA ALA A 256 10.25 -23.68 30.14
C ALA A 256 11.01 -22.64 29.38
N ASP A 257 12.10 -22.13 29.93
CA ASP A 257 12.80 -21.06 29.22
C ASP A 257 12.99 -21.43 27.78
N SER A 258 11.93 -21.21 27.01
CA SER A 258 11.86 -21.58 25.63
C SER A 258 10.89 -20.66 24.93
N LEU A 259 11.15 -20.49 23.64
CA LEU A 259 10.37 -19.66 22.77
C LEU A 259 9.88 -20.66 21.78
N TYR A 260 8.60 -20.63 21.48
CA TYR A 260 8.07 -21.59 20.57
C TYR A 260 7.54 -20.95 19.31
N VAL A 261 7.87 -21.57 18.20
CA VAL A 261 7.44 -21.10 16.90
C VAL A 261 6.79 -22.21 16.10
N SER A 262 5.72 -21.85 15.43
CA SER A 262 4.94 -22.82 14.71
C SER A 262 4.39 -22.10 13.52
N ALA A 263 4.31 -22.80 12.41
CA ALA A 263 3.82 -22.17 11.20
C ALA A 263 3.38 -23.20 10.19
N VAL A 264 2.73 -22.74 9.13
CA VAL A 264 2.25 -23.62 8.09
C VAL A 264 2.09 -22.72 6.90
N ASP A 265 2.40 -23.23 5.71
CA ASP A 265 2.27 -22.39 4.54
C ASP A 265 1.96 -23.06 3.25
N ILE A 266 0.76 -23.61 3.16
CA ILE A 266 0.42 -24.24 1.90
C ILE A 266 0.17 -23.05 1.02
N CYS A 267 1.05 -22.83 0.06
CA CYS A 267 0.87 -21.70 -0.82
C CYS A 267 -0.14 -22.09 -1.88
N GLY A 268 -0.36 -23.38 -2.03
CA GLY A 268 -1.29 -23.80 -3.07
C GLY A 268 -1.00 -25.12 -3.79
N LEU A 269 -1.41 -25.21 -5.05
CA LEU A 269 -1.22 -26.46 -5.76
C LEU A 269 -0.38 -26.55 -7.01
N PHE A 270 0.67 -27.37 -6.90
CA PHE A 270 1.59 -27.60 -8.01
C PHE A 270 0.94 -28.54 -8.97
N THR A 271 0.78 -28.09 -10.20
CA THR A 271 0.15 -28.92 -11.18
C THR A 271 1.17 -29.44 -12.19
N ASN A 272 1.49 -30.72 -11.99
CA ASN A 272 2.44 -31.47 -12.79
C ASN A 272 2.04 -31.55 -14.23
N THR A 273 3.04 -31.72 -15.09
CA THR A 273 2.84 -31.81 -16.53
C THR A 273 1.75 -32.80 -16.89
N SER A 274 1.71 -33.86 -16.08
CA SER A 274 0.77 -34.98 -16.18
C SER A 274 -0.64 -34.52 -15.90
N GLY A 275 -0.79 -33.82 -14.78
CA GLY A 275 -2.08 -33.33 -14.36
C GLY A 275 -2.24 -33.62 -12.90
N THR A 276 -1.25 -34.30 -12.31
CA THR A 276 -1.33 -34.60 -10.92
C THR A 276 -1.08 -33.27 -10.27
N GLN A 277 -1.32 -33.19 -8.97
CA GLN A 277 -1.10 -31.96 -8.27
C GLN A 277 -0.58 -32.32 -6.90
N GLN A 278 0.29 -31.48 -6.34
CA GLN A 278 0.80 -31.68 -4.98
C GLN A 278 1.00 -30.31 -4.28
N TRP A 279 0.95 -30.36 -2.97
CA TRP A 279 1.07 -29.19 -2.11
C TRP A 279 2.40 -28.44 -2.10
N LYS A 280 2.48 -27.19 -2.59
CA LYS A 280 3.76 -26.47 -2.45
C LYS A 280 3.79 -25.64 -1.18
N GLY A 281 4.94 -25.71 -0.51
CA GLY A 281 5.11 -24.96 0.72
C GLY A 281 6.30 -24.04 0.57
N LEU A 282 6.56 -23.30 1.64
CA LEU A 282 7.65 -22.35 1.66
C LEU A 282 7.94 -22.07 3.09
N PRO A 283 9.18 -21.76 3.36
CA PRO A 283 9.63 -21.45 4.71
C PRO A 283 9.20 -20.07 5.18
N ARG A 284 9.30 -19.88 6.48
CA ARG A 284 8.89 -18.63 7.07
C ARG A 284 9.95 -18.18 8.01
N TYR A 285 10.14 -16.86 8.01
CA TYR A 285 11.12 -16.17 8.81
C TYR A 285 10.42 -15.64 10.01
N PHE A 286 11.20 -15.40 11.06
CA PHE A 286 10.64 -14.83 12.26
C PHE A 286 11.66 -13.94 12.91
N LYS A 287 11.24 -12.80 13.44
CA LYS A 287 12.17 -11.93 14.15
C LYS A 287 11.43 -11.56 15.40
N ILE A 288 11.71 -12.32 16.43
CA ILE A 288 11.05 -12.08 17.68
C ILE A 288 11.96 -11.23 18.51
N THR A 289 11.32 -10.34 19.21
CA THR A 289 12.00 -9.39 20.02
C THR A 289 11.57 -9.77 21.42
N LEU A 290 12.52 -10.09 22.27
CA LEU A 290 12.23 -10.52 23.63
C LEU A 290 12.76 -9.55 24.59
N ARG A 291 12.20 -9.59 25.80
CA ARG A 291 12.66 -8.72 26.85
C ARG A 291 12.51 -9.44 28.20
N LYS A 292 13.06 -8.80 29.23
CA LYS A 292 13.03 -9.36 30.57
C LYS A 292 11.86 -8.87 31.43
N ARG A 293 10.97 -9.80 31.73
CA ARG A 293 9.81 -9.46 32.54
C ARG A 293 9.92 -9.94 33.98
N SER A 294 9.78 -9.01 34.91
CA SER A 294 9.80 -9.34 36.33
C SER A 294 8.43 -9.95 36.66
N VAL A 295 8.46 -11.02 37.44
CA VAL A 295 7.24 -11.71 37.81
C VAL A 295 7.33 -12.05 39.28
N LYS A 296 6.29 -12.66 39.85
CA LYS A 296 6.35 -12.96 41.27
C LYS A 296 6.87 -14.32 41.79
N ASN A 297 5.99 -15.27 42.17
CA ASN A 297 6.48 -16.55 42.72
C ASN A 297 5.94 -17.82 42.05
N PRO A 298 6.79 -18.51 41.26
CA PRO A 298 6.36 -19.74 40.58
C PRO A 298 6.05 -20.96 41.50
N TYR A 299 7.01 -21.33 42.36
CA TYR A 299 6.89 -22.45 43.30
C TYR A 299 7.38 -22.02 44.70
N PRO A 300 6.83 -20.90 45.24
CA PRO A 300 7.21 -20.36 46.57
C PRO A 300 6.87 -21.21 47.79
N ILE A 301 6.10 -20.66 48.72
CA ILE A 301 5.70 -21.43 49.88
C ILE A 301 4.94 -22.64 49.30
N SER A 302 5.25 -23.84 49.80
CA SER A 302 4.57 -25.03 49.32
C SER A 302 4.43 -26.21 50.29
N PHE A 303 3.44 -27.02 49.93
CA PHE A 303 3.04 -28.22 50.65
C PHE A 303 3.16 -29.41 49.69
N LEU A 304 2.24 -29.48 48.72
CA LEU A 304 2.21 -30.57 47.73
C LEU A 304 2.80 -30.15 46.38
N LEU A 305 2.45 -30.91 45.34
CA LEU A 305 2.88 -30.61 43.97
C LEU A 305 2.30 -29.22 43.66
N SER A 306 0.96 -29.15 43.64
CA SER A 306 0.16 -27.92 43.40
C SER A 306 -1.28 -28.23 42.93
N ASP A 307 -2.20 -27.31 43.27
CA ASP A 307 -3.62 -27.39 42.88
C ASP A 307 -4.18 -25.96 42.80
N LEU A 308 -5.33 -25.84 42.12
CA LEU A 308 -6.00 -24.55 41.90
C LEU A 308 -7.55 -24.62 41.78
N ILE A 309 -8.00 -25.16 40.65
CA ILE A 309 -9.41 -25.28 40.25
C ILE A 309 -10.47 -25.67 41.32
N ASN A 310 -11.72 -25.29 41.02
CA ASN A 310 -12.92 -25.52 41.85
C ASN A 310 -13.07 -26.96 42.33
N ARG A 311 -12.95 -27.87 41.35
CA ARG A 311 -13.07 -29.30 41.51
C ARG A 311 -12.14 -29.95 40.49
N ARG A 312 -10.89 -30.19 40.91
CA ARG A 312 -9.92 -30.89 40.06
C ARG A 312 -10.30 -32.34 40.42
N THR A 313 -11.59 -32.63 40.29
CA THR A 313 -12.18 -33.92 40.62
C THR A 313 -11.44 -35.07 39.99
N GLN A 314 -10.35 -35.46 40.63
CA GLN A 314 -9.61 -36.59 40.16
C GLN A 314 -10.50 -37.68 40.74
N ARG A 315 -11.52 -37.98 39.96
CA ARG A 315 -12.51 -38.96 40.29
C ARG A 315 -11.86 -40.33 40.29
N VAL A 316 -12.61 -41.29 40.75
CA VAL A 316 -12.16 -42.64 40.73
C VAL A 316 -13.45 -43.40 40.78
N ASP A 317 -13.37 -44.62 40.28
CA ASP A 317 -14.52 -45.46 40.31
C ASP A 317 -14.56 -45.77 41.76
N GLY A 318 -14.02 -46.94 42.10
CA GLY A 318 -13.99 -47.36 43.49
C GLY A 318 -15.23 -47.19 44.36
N GLN A 319 -15.31 -48.09 45.32
CA GLN A 319 -16.39 -48.14 46.28
C GLN A 319 -17.10 -46.78 46.52
N PRO A 320 -18.43 -46.85 46.58
CA PRO A 320 -19.43 -45.80 46.78
C PRO A 320 -19.51 -45.26 48.19
N MET A 321 -19.21 -44.00 48.38
CA MET A 321 -19.31 -43.44 49.71
C MET A 321 -20.57 -42.58 49.65
N ILE A 322 -21.44 -42.86 48.69
CA ILE A 322 -22.60 -41.99 48.60
C ILE A 322 -23.93 -42.46 48.07
N GLY A 323 -24.93 -41.67 48.46
CA GLY A 323 -26.28 -41.96 48.08
C GLY A 323 -26.69 -43.32 48.61
N MET A 324 -27.43 -44.04 47.79
CA MET A 324 -27.96 -45.31 48.21
C MET A 324 -27.03 -46.38 48.75
N SER A 325 -25.76 -46.35 48.42
CA SER A 325 -24.92 -47.41 48.95
C SER A 325 -23.70 -46.99 49.72
N SER A 326 -23.70 -45.71 50.13
CA SER A 326 -22.64 -45.09 50.90
C SER A 326 -22.05 -46.08 51.88
N GLN A 327 -20.74 -46.27 51.79
CA GLN A 327 -20.09 -47.20 52.68
C GLN A 327 -19.63 -46.45 53.93
N VAL A 328 -20.02 -45.17 54.03
CA VAL A 328 -19.69 -44.42 55.23
C VAL A 328 -20.86 -44.80 56.13
N GLU A 329 -20.58 -45.48 57.23
CA GLU A 329 -21.66 -45.86 58.10
C GLU A 329 -22.07 -44.86 59.18
N GLU A 330 -21.39 -43.73 59.31
CA GLU A 330 -21.77 -42.79 60.36
C GLU A 330 -20.94 -41.52 60.32
N VAL A 331 -21.54 -40.41 60.67
CA VAL A 331 -20.83 -39.16 60.61
C VAL A 331 -21.25 -38.33 61.77
N ARG A 332 -20.29 -37.81 62.50
CA ARG A 332 -20.62 -36.99 63.63
C ARG A 332 -19.95 -35.68 63.39
N VAL A 333 -20.48 -34.64 63.97
CA VAL A 333 -19.92 -33.34 63.77
C VAL A 333 -20.04 -32.62 65.05
N TYR A 334 -18.91 -32.19 65.58
CA TYR A 334 -18.96 -31.47 66.82
C TYR A 334 -18.57 -30.09 66.49
N GLU A 335 -18.78 -29.22 67.47
CA GLU A 335 -18.44 -27.81 67.40
C GLU A 335 -18.74 -27.23 68.72
N ASP A 336 -17.72 -26.61 69.29
CA ASP A 336 -17.86 -26.05 70.62
C ASP A 336 -18.12 -27.24 71.55
N THR A 337 -18.61 -27.00 72.74
CA THR A 337 -18.78 -28.09 73.68
C THR A 337 -19.91 -27.89 74.63
N GLU A 338 -20.21 -28.98 75.33
CA GLU A 338 -21.28 -29.01 76.32
C GLU A 338 -20.79 -29.76 77.55
N GLU A 339 -21.65 -29.93 78.56
CA GLU A 339 -21.27 -30.69 79.75
C GLU A 339 -21.39 -32.17 79.39
N LEU A 340 -20.55 -32.98 80.02
CA LEU A 340 -20.58 -34.40 79.77
C LEU A 340 -21.99 -35.00 79.86
N PRO A 341 -22.52 -35.45 78.74
CA PRO A 341 -23.84 -36.04 78.73
C PRO A 341 -23.95 -37.49 79.16
N GLY A 342 -24.87 -37.71 80.09
CA GLY A 342 -25.12 -39.05 80.54
C GLY A 342 -25.42 -40.05 79.41
N ASP A 343 -26.11 -39.67 78.35
CA ASP A 343 -26.32 -40.73 77.38
C ASP A 343 -25.50 -40.49 76.19
N PRO A 344 -24.31 -41.06 76.18
CA PRO A 344 -23.35 -40.94 75.10
C PRO A 344 -23.89 -41.63 73.82
N ASP A 345 -25.11 -42.13 73.88
CA ASP A 345 -25.69 -42.73 72.70
C ASP A 345 -26.69 -41.79 72.06
N MET A 346 -26.87 -40.65 72.70
CA MET A 346 -27.79 -39.63 72.25
C MET A 346 -27.65 -39.30 70.79
N ILE A 347 -28.64 -38.60 70.28
CA ILE A 347 -28.65 -38.22 68.91
C ILE A 347 -28.97 -36.78 68.71
N ARG A 348 -28.23 -36.15 67.83
CA ARG A 348 -28.52 -34.78 67.54
C ARG A 348 -28.63 -34.76 66.08
N TYR A 349 -29.70 -34.12 65.65
CA TYR A 349 -30.03 -33.98 64.26
C TYR A 349 -30.50 -32.56 64.01
N ILE A 350 -30.91 -32.28 62.78
CA ILE A 350 -31.46 -30.98 62.44
C ILE A 350 -32.64 -31.27 61.57
N ASP A 351 -33.83 -30.90 62.06
CA ASP A 351 -35.12 -31.14 61.38
C ASP A 351 -35.01 -30.66 59.95
N GLU A 352 -35.52 -29.47 59.69
CA GLU A 352 -35.42 -28.89 58.39
C GLU A 352 -35.18 -27.45 58.70
N PHE A 353 -34.62 -27.20 59.89
CA PHE A 353 -34.35 -25.84 60.39
C PHE A 353 -33.66 -25.88 61.83
N GLY A 354 -34.42 -26.30 62.86
CA GLY A 354 -33.94 -26.38 64.25
C GLY A 354 -33.15 -27.62 64.69
N GLN A 355 -32.51 -27.52 65.84
CA GLN A 355 -31.68 -28.61 66.38
C GLN A 355 -32.41 -29.60 67.29
N THR A 356 -32.33 -30.88 66.98
CA THR A 356 -33.01 -31.88 67.80
C THR A 356 -32.12 -32.93 68.53
N THR A 357 -32.35 -33.11 69.84
CA THR A 357 -31.59 -34.07 70.67
C THR A 357 -32.48 -35.31 70.90
N THR A 358 -31.96 -36.53 70.83
CA THR A 358 -32.84 -37.70 70.97
C THR A 358 -32.24 -39.01 71.50
N ARG A 359 -32.98 -40.13 71.44
CA ARG A 359 -32.53 -41.38 72.05
C ARG A 359 -32.39 -42.77 71.42
N MET A 360 -33.23 -43.22 70.47
CA MET A 360 -33.07 -44.61 69.95
C MET A 360 -31.64 -45.01 69.53
N GLN A 361 -30.95 -45.74 70.40
CA GLN A 361 -29.54 -46.22 70.24
C GLN A 361 -28.88 -46.02 68.84
N PRO B 14 -10.18 47.06 4.03
CA PRO B 14 -11.18 46.16 3.41
C PRO B 14 -10.87 44.68 3.75
N LYS B 15 -9.98 44.08 2.97
CA LYS B 15 -9.52 42.72 3.17
C LYS B 15 -8.02 42.84 2.82
N LYS B 16 -7.17 42.42 3.76
CA LYS B 16 -5.70 42.50 3.61
C LYS B 16 -5.04 41.25 2.95
N PRO B 17 -4.33 41.44 1.79
CA PRO B 17 -3.69 40.27 1.17
C PRO B 17 -2.66 39.63 2.10
N LYS B 18 -3.06 38.51 2.69
CA LYS B 18 -2.26 37.72 3.62
C LYS B 18 -0.78 37.73 3.23
N GLU B 19 0.12 37.52 4.18
CA GLU B 19 1.54 37.45 3.85
C GLU B 19 1.70 35.98 3.45
N PRO B 20 2.48 35.69 2.41
CA PRO B 20 2.59 34.27 2.07
C PRO B 20 3.29 33.38 3.04
N VAL B 21 2.91 32.12 2.93
CA VAL B 21 3.43 31.06 3.76
C VAL B 21 4.86 30.91 3.43
N GLN B 22 5.63 30.47 4.40
CA GLN B 22 7.02 30.30 4.10
C GLN B 22 7.22 28.84 3.77
N VAL B 23 7.73 28.56 2.59
CA VAL B 23 7.97 27.17 2.21
C VAL B 23 9.44 26.98 1.85
N PRO B 24 9.91 25.74 1.74
CA PRO B 24 11.30 25.49 1.40
C PRO B 24 11.76 26.14 0.12
N LYS B 25 12.90 26.80 0.26
CA LYS B 25 13.57 27.54 -0.78
C LYS B 25 14.39 26.65 -1.66
N LEU B 26 14.00 26.62 -2.91
CA LEU B 26 14.71 25.80 -3.83
C LEU B 26 15.88 26.60 -4.21
N VAL B 27 17.03 25.96 -4.05
CA VAL B 27 18.34 26.51 -4.36
C VAL B 27 18.72 26.17 -5.77
N ILE B 28 18.35 24.99 -6.21
CA ILE B 28 18.71 24.65 -7.56
C ILE B 28 18.09 23.34 -7.97
N LYS B 29 17.63 23.33 -9.22
CA LYS B 29 17.02 22.16 -9.79
C LYS B 29 17.87 21.79 -10.99
N GLY B 30 17.87 20.53 -11.35
CA GLY B 30 18.65 20.07 -12.49
C GLY B 30 18.92 18.59 -12.42
N GLY B 31 19.91 18.13 -13.19
CA GLY B 31 20.29 16.73 -13.23
C GLY B 31 21.09 16.29 -12.01
N ILE B 32 21.53 15.03 -12.01
CA ILE B 32 22.21 14.53 -10.83
C ILE B 32 23.40 15.37 -10.36
N GLU B 33 24.11 15.96 -11.30
CA GLU B 33 25.29 16.79 -11.00
C GLU B 33 24.97 17.88 -10.00
N VAL B 34 23.77 18.41 -10.13
CA VAL B 34 23.35 19.49 -9.25
C VAL B 34 23.51 19.10 -7.82
N LEU B 35 23.31 17.82 -7.54
CA LEU B 35 23.42 17.30 -6.18
C LEU B 35 24.65 17.86 -5.50
N GLY B 36 25.65 18.14 -6.32
CA GLY B 36 26.90 18.67 -5.84
C GLY B 36 26.95 20.09 -5.33
N VAL B 37 25.83 20.79 -5.24
CA VAL B 37 25.90 22.16 -4.73
C VAL B 37 26.36 22.14 -3.29
N LYS B 38 27.24 23.07 -2.92
CA LYS B 38 27.71 23.12 -1.55
C LYS B 38 26.64 23.81 -0.74
N THR B 39 25.78 22.98 -0.14
CA THR B 39 24.65 23.39 0.69
C THR B 39 24.98 23.25 2.16
N GLY B 40 24.08 23.74 3.00
CA GLY B 40 24.31 23.66 4.44
C GLY B 40 23.87 22.37 5.10
N VAL B 41 23.96 22.35 6.42
CA VAL B 41 23.61 21.18 7.21
C VAL B 41 22.13 20.84 7.18
N ASP B 42 21.32 21.86 6.98
CA ASP B 42 19.89 21.66 6.96
C ASP B 42 19.24 21.61 5.61
N SER B 43 20.00 21.37 4.56
CA SER B 43 19.32 21.35 3.29
C SER B 43 18.94 19.92 3.09
N PHE B 44 18.38 19.68 1.91
CA PHE B 44 17.97 18.36 1.46
C PHE B 44 17.59 18.43 0.01
N THR B 45 17.39 17.25 -0.56
CA THR B 45 17.09 17.22 -1.96
C THR B 45 16.08 16.19 -2.20
N GLU B 46 15.63 16.26 -3.44
CA GLU B 46 14.65 15.37 -3.95
C GLU B 46 15.30 14.87 -5.23
N VAL B 47 15.47 13.56 -5.32
CA VAL B 47 16.06 12.95 -6.49
C VAL B 47 14.97 12.17 -7.19
N GLU B 48 14.76 12.44 -8.47
CA GLU B 48 13.76 11.73 -9.26
C GLU B 48 14.47 10.92 -10.32
N CYS B 49 14.61 9.63 -10.06
CA CYS B 49 15.29 8.73 -10.98
C CYS B 49 14.19 7.88 -11.57
N PHE B 50 14.57 6.71 -12.07
CA PHE B 50 13.64 5.71 -12.60
C PHE B 50 14.43 4.55 -13.15
N LEU B 51 13.75 3.44 -13.32
CA LEU B 51 14.41 2.23 -13.79
C LEU B 51 13.59 1.57 -14.83
N ASN B 52 14.25 1.07 -15.85
CA ASN B 52 13.56 0.33 -16.89
C ASN B 52 13.50 -1.11 -16.40
N PRO B 53 12.61 -1.91 -16.96
CA PRO B 53 12.54 -3.29 -16.51
C PRO B 53 13.33 -4.23 -17.39
N GLN B 54 13.67 -5.39 -16.83
CA GLN B 54 14.42 -6.40 -17.57
C GLN B 54 13.67 -7.73 -17.60
N MET B 55 12.81 -7.91 -18.59
CA MET B 55 12.06 -9.16 -18.64
C MET B 55 12.84 -10.22 -19.39
N GLY B 56 13.83 -9.74 -20.15
CA GLY B 56 14.67 -10.59 -20.95
C GLY B 56 15.05 -9.88 -22.23
N ASN B 57 14.08 -9.16 -22.80
CA ASN B 57 14.26 -8.37 -24.01
C ASN B 57 14.81 -9.16 -25.19
N PRO B 58 14.05 -10.16 -25.67
CA PRO B 58 14.37 -11.05 -26.78
C PRO B 58 14.93 -10.40 -28.03
N ASP B 59 14.13 -9.66 -28.79
CA ASP B 59 14.70 -9.02 -29.97
C ASP B 59 14.83 -7.54 -29.64
N GLU B 60 15.32 -6.75 -30.57
CA GLU B 60 15.48 -5.34 -30.28
C GLU B 60 14.18 -4.60 -30.50
N HIS B 61 13.07 -5.31 -30.66
CA HIS B 61 11.80 -4.63 -30.83
C HIS B 61 10.87 -5.04 -29.71
N GLN B 62 11.29 -6.05 -28.97
CA GLN B 62 10.48 -6.55 -27.90
C GLN B 62 10.98 -6.15 -26.54
N LYS B 63 11.22 -4.85 -26.41
CA LYS B 63 11.65 -4.35 -25.13
C LYS B 63 10.44 -4.35 -24.23
N GLY B 64 10.65 -4.83 -23.02
CA GLY B 64 9.56 -4.90 -22.07
C GLY B 64 8.92 -6.26 -22.12
N LEU B 65 9.60 -7.17 -22.79
CA LEU B 65 9.08 -8.50 -22.94
C LEU B 65 10.11 -9.57 -22.61
N SER B 66 9.64 -10.76 -22.27
CA SER B 66 10.56 -11.85 -22.02
C SER B 66 10.50 -12.60 -23.33
N LYS B 67 11.39 -13.56 -23.52
CA LYS B 67 11.36 -14.34 -24.74
C LYS B 67 10.10 -15.18 -24.57
N SER B 68 9.51 -15.60 -25.68
CA SER B 68 8.31 -16.43 -25.65
C SER B 68 8.54 -17.55 -24.62
N LEU B 69 7.66 -17.65 -23.64
CA LEU B 69 7.84 -18.61 -22.57
C LEU B 69 7.69 -20.09 -22.83
N ALA B 70 8.48 -20.83 -22.07
CA ALA B 70 8.56 -22.27 -22.15
C ALA B 70 7.65 -22.93 -21.15
N ALA B 71 6.98 -23.97 -21.60
CA ALA B 71 6.07 -24.66 -20.72
C ALA B 71 6.65 -25.88 -20.00
N GLU B 72 6.10 -27.06 -20.24
CA GLU B 72 6.52 -28.31 -19.60
C GLU B 72 7.95 -28.68 -19.97
N LYS B 73 8.77 -28.98 -18.97
CA LYS B 73 10.15 -29.37 -19.19
C LYS B 73 10.50 -30.27 -18.05
N GLN B 74 11.13 -31.40 -18.32
CA GLN B 74 11.45 -32.29 -17.23
C GLN B 74 12.41 -31.61 -16.27
N PHE B 75 12.11 -31.68 -14.98
CA PHE B 75 12.91 -31.10 -13.92
C PHE B 75 14.39 -31.14 -14.25
N THR B 76 14.82 -32.31 -14.69
CA THR B 76 16.20 -32.57 -15.07
C THR B 76 16.59 -31.72 -16.25
N ASP B 77 15.84 -31.84 -17.31
CA ASP B 77 16.16 -31.06 -18.47
C ASP B 77 15.53 -29.66 -18.43
N ASP B 78 15.74 -28.92 -17.34
CA ASP B 78 15.18 -27.58 -17.27
C ASP B 78 16.29 -26.56 -17.47
N SER B 79 16.57 -26.26 -18.72
CA SER B 79 17.59 -25.27 -19.01
C SER B 79 16.90 -24.15 -19.74
N PRO B 80 16.52 -23.10 -19.01
CA PRO B 80 15.84 -21.95 -19.61
C PRO B 80 16.89 -21.04 -20.18
N ASP B 81 16.48 -20.04 -20.94
CA ASP B 81 17.43 -19.08 -21.53
C ASP B 81 17.33 -17.78 -20.78
N LYS B 82 18.43 -17.04 -20.74
CA LYS B 82 18.37 -15.78 -20.04
C LYS B 82 17.25 -14.93 -20.58
N GLU B 83 17.07 -14.93 -21.89
CA GLU B 83 16.01 -14.10 -22.48
C GLU B 83 14.62 -14.43 -21.97
N GLN B 84 14.47 -15.57 -21.31
CA GLN B 84 13.18 -15.94 -20.77
C GLN B 84 13.10 -15.61 -19.30
N LEU B 85 14.25 -15.40 -18.70
CA LEU B 85 14.27 -15.10 -17.28
C LEU B 85 14.29 -13.63 -16.93
N PRO B 86 13.21 -13.17 -16.32
CA PRO B 86 13.18 -11.77 -15.95
C PRO B 86 14.07 -11.66 -14.70
N CYS B 87 14.79 -10.55 -14.64
CA CYS B 87 15.70 -10.27 -13.56
C CYS B 87 15.38 -8.99 -12.84
N TYR B 88 15.87 -8.90 -11.61
CA TYR B 88 15.73 -7.68 -10.84
C TYR B 88 16.51 -6.57 -11.55
N SER B 89 15.96 -5.37 -11.53
CA SER B 89 16.56 -4.19 -12.12
C SER B 89 17.15 -3.41 -10.93
N VAL B 90 18.38 -2.93 -11.06
CA VAL B 90 19.01 -2.20 -9.97
C VAL B 90 19.87 -1.04 -10.50
N ALA B 91 20.27 -0.14 -9.61
CA ALA B 91 21.07 1.03 -10.00
C ALA B 91 21.56 1.75 -8.77
N ARG B 92 22.64 2.52 -8.93
CA ARG B 92 23.18 3.24 -7.80
C ARG B 92 23.36 4.69 -8.12
N ILE B 93 22.76 5.53 -7.30
CA ILE B 93 22.87 6.95 -7.50
C ILE B 93 23.91 7.41 -6.55
N PRO B 94 24.92 8.06 -7.08
CA PRO B 94 26.04 8.59 -6.32
C PRO B 94 25.61 9.84 -5.65
N LEU B 95 26.12 10.06 -4.46
CA LEU B 95 25.78 11.27 -3.75
C LEU B 95 27.06 11.94 -3.40
N PRO B 96 27.03 13.25 -3.38
CA PRO B 96 28.23 14.02 -3.05
C PRO B 96 28.63 13.83 -1.60
N ASN B 97 29.89 13.51 -1.33
CA ASN B 97 30.30 13.37 0.07
C ASN B 97 30.06 14.66 0.85
N ILE B 98 29.39 14.54 1.97
CA ILE B 98 29.07 15.76 2.68
C ILE B 98 30.08 16.22 3.69
N ASN B 99 30.96 15.33 4.11
CA ASN B 99 31.97 15.70 5.10
C ASN B 99 33.06 16.58 4.55
N GLU B 100 33.04 16.85 3.24
CA GLU B 100 34.06 17.69 2.56
C GLU B 100 34.64 18.81 3.46
N ASP B 101 33.78 19.63 4.04
CA ASP B 101 34.29 20.68 4.89
C ASP B 101 33.68 20.56 6.28
N LEU B 102 33.42 19.31 6.65
CA LEU B 102 32.82 19.01 7.94
C LEU B 102 33.76 19.27 9.11
N THR B 103 33.23 20.07 10.03
CA THR B 103 33.90 20.57 11.23
C THR B 103 34.95 19.83 12.10
N CYS B 104 34.57 18.89 12.95
CA CYS B 104 35.57 18.25 13.81
C CYS B 104 35.63 16.75 13.52
N GLY B 105 34.77 16.03 14.23
CA GLY B 105 34.61 14.58 14.08
C GLY B 105 33.13 14.38 13.87
N ASN B 106 32.46 15.49 13.56
CA ASN B 106 31.06 15.49 13.26
C ASN B 106 31.07 14.92 11.89
N ILE B 107 30.46 13.77 11.72
CA ILE B 107 30.45 13.17 10.42
C ILE B 107 29.00 13.04 10.01
N LEU B 108 28.71 13.40 8.76
CA LEU B 108 27.36 13.37 8.24
C LEU B 108 27.21 12.37 7.13
N MET B 109 26.00 11.85 6.95
CA MET B 109 25.70 10.89 5.87
C MET B 109 24.31 11.18 5.30
N TRP B 110 24.10 10.79 4.05
CA TRP B 110 22.82 11.01 3.40
C TRP B 110 21.82 10.00 3.90
N GLU B 111 20.70 10.51 4.38
CA GLU B 111 19.66 9.63 4.87
C GLU B 111 18.44 9.68 3.99
N ALA B 112 17.94 8.51 3.63
CA ALA B 112 16.76 8.44 2.80
C ALA B 112 15.59 8.41 3.71
N VAL B 113 14.74 9.38 3.54
CA VAL B 113 13.58 9.52 4.36
C VAL B 113 12.27 9.07 3.74
N THR B 114 12.09 9.50 2.50
CA THR B 114 10.86 9.26 1.87
C THR B 114 10.91 8.85 0.47
N VAL B 115 9.97 8.02 0.09
CA VAL B 115 10.02 7.66 -1.29
C VAL B 115 8.64 7.69 -1.87
N LYS B 116 8.56 8.03 -3.15
CA LYS B 116 7.30 8.03 -3.86
C LYS B 116 7.62 7.25 -5.08
N THR B 117 6.84 6.23 -5.36
CA THR B 117 7.12 5.49 -6.55
C THR B 117 5.83 5.20 -7.31
N GLU B 118 5.96 4.80 -8.57
CA GLU B 118 4.78 4.55 -9.39
C GLU B 118 5.14 3.77 -10.61
N VAL B 119 4.21 2.99 -11.12
CA VAL B 119 4.58 2.25 -12.29
C VAL B 119 4.32 3.07 -13.49
N ILE B 120 5.32 3.13 -14.34
CA ILE B 120 5.16 3.96 -15.49
C ILE B 120 4.52 3.37 -16.69
N GLY B 121 3.47 4.04 -17.15
CA GLY B 121 2.78 3.60 -18.34
C GLY B 121 1.71 2.55 -18.21
N VAL B 122 1.01 2.48 -17.11
CA VAL B 122 0.03 1.41 -17.04
C VAL B 122 -0.97 1.44 -18.17
N THR B 123 -1.39 2.63 -18.60
CA THR B 123 -2.39 2.81 -19.66
C THR B 123 -2.06 2.10 -20.92
N ALA B 124 -0.79 1.81 -21.07
CA ALA B 124 -0.37 1.14 -22.26
C ALA B 124 -0.97 -0.23 -22.45
N MET B 125 -1.44 -0.88 -21.39
CA MET B 125 -2.00 -2.20 -21.55
C MET B 125 -3.42 -2.17 -22.11
N LEU B 126 -3.72 -1.06 -22.77
CA LEU B 126 -5.01 -0.83 -23.39
C LEU B 126 -4.97 -0.92 -24.91
N ASN B 127 -3.88 -1.50 -25.41
CA ASN B 127 -3.72 -1.73 -26.83
C ASN B 127 -4.05 -3.20 -26.90
N LEU B 128 -5.33 -3.50 -27.04
CA LEU B 128 -5.76 -4.87 -27.13
C LEU B 128 -5.67 -5.31 -28.57
N HIS B 129 -4.99 -4.50 -29.39
CA HIS B 129 -4.87 -4.73 -30.80
C HIS B 129 -3.47 -4.77 -31.40
N SER B 130 -2.62 -5.73 -31.10
CA SER B 130 -1.32 -5.59 -31.75
C SER B 130 -0.51 -6.83 -31.87
N GLY B 131 -0.92 -7.89 -31.20
CA GLY B 131 -0.18 -9.13 -31.38
C GLY B 131 -0.97 -10.10 -30.57
N THR B 132 -2.10 -9.54 -30.19
CA THR B 132 -3.07 -10.11 -29.32
C THR B 132 -3.74 -11.29 -29.90
N GLN B 133 -4.05 -12.23 -29.03
CA GLN B 133 -4.81 -13.40 -29.42
C GLN B 133 -6.21 -12.89 -29.18
N LYS B 134 -7.15 -13.31 -29.99
CA LYS B 134 -8.51 -12.84 -29.82
C LYS B 134 -9.19 -13.36 -28.58
N THR B 135 -9.99 -12.47 -27.97
CA THR B 135 -10.76 -12.76 -26.77
C THR B 135 -11.68 -13.92 -27.16
N HIS B 136 -12.26 -13.77 -28.34
CA HIS B 136 -13.20 -14.74 -28.87
C HIS B 136 -13.71 -14.12 -30.17
N GLU B 137 -14.43 -14.91 -30.94
CA GLU B 137 -15.07 -14.57 -32.21
C GLU B 137 -14.73 -13.24 -32.88
N ASN B 138 -15.31 -12.14 -32.41
CA ASN B 138 -14.99 -10.83 -32.99
C ASN B 138 -14.58 -9.90 -31.88
N GLY B 139 -14.21 -10.55 -30.77
CA GLY B 139 -13.76 -9.87 -29.58
C GLY B 139 -12.52 -9.09 -29.88
N ALA B 140 -11.98 -8.48 -28.83
CA ALA B 140 -10.78 -7.70 -28.99
C ALA B 140 -9.65 -8.62 -28.59
N GLY B 141 -8.50 -8.05 -28.24
CA GLY B 141 -7.40 -8.90 -27.87
C GLY B 141 -7.53 -9.30 -26.42
N LYS B 142 -6.95 -10.43 -26.07
CA LYS B 142 -6.95 -10.89 -24.71
C LYS B 142 -5.83 -10.06 -24.05
N PRO B 143 -6.22 -9.18 -23.12
CA PRO B 143 -5.33 -8.29 -22.38
C PRO B 143 -4.31 -9.02 -21.54
N ILE B 144 -3.24 -8.31 -21.22
CA ILE B 144 -2.18 -8.89 -20.40
C ILE B 144 -2.73 -9.22 -19.03
N GLN B 145 -2.53 -10.45 -18.56
CA GLN B 145 -2.99 -10.86 -17.25
C GLN B 145 -2.15 -12.02 -16.75
N GLY B 146 -2.57 -12.67 -15.67
CA GLY B 146 -1.79 -13.78 -15.15
C GLY B 146 -0.86 -13.32 -14.04
N SER B 147 -0.14 -14.27 -13.45
CA SER B 147 0.80 -14.01 -12.35
C SER B 147 1.55 -12.72 -12.51
N ASN B 148 1.63 -11.95 -11.43
CA ASN B 148 2.37 -10.70 -11.51
C ASN B 148 3.13 -10.44 -10.22
N PHE B 149 4.21 -9.69 -10.34
CA PHE B 149 4.98 -9.42 -9.15
C PHE B 149 5.60 -8.09 -9.29
N HIS B 150 5.39 -7.27 -8.25
CA HIS B 150 5.90 -5.92 -8.26
C HIS B 150 6.59 -5.70 -6.94
N PHE B 151 7.77 -5.12 -7.02
CA PHE B 151 8.55 -4.99 -5.83
C PHE B 151 9.52 -3.94 -6.08
N PHE B 152 10.01 -3.34 -4.98
CA PHE B 152 11.04 -2.36 -5.10
C PHE B 152 11.63 -2.17 -3.73
N ALA B 153 12.77 -1.48 -3.72
CA ALA B 153 13.44 -1.24 -2.48
C ALA B 153 14.36 -0.07 -2.62
N VAL B 154 14.55 0.60 -1.51
CA VAL B 154 15.37 1.79 -1.50
C VAL B 154 16.30 1.63 -0.32
N GLY B 155 17.60 1.67 -0.55
CA GLY B 155 18.50 1.51 0.57
C GLY B 155 19.86 2.17 0.49
N GLY B 156 20.54 2.16 1.64
CA GLY B 156 21.86 2.77 1.80
C GLY B 156 23.04 1.88 1.50
N GLU B 157 22.71 0.68 1.01
CA GLU B 157 23.66 -0.35 0.62
C GLU B 157 22.94 -1.17 -0.40
N PRO B 158 23.68 -2.06 -1.05
CA PRO B 158 23.12 -2.93 -2.08
C PRO B 158 22.14 -3.87 -1.44
N LEU B 159 21.15 -4.22 -2.22
CA LEU B 159 20.13 -5.12 -1.75
C LEU B 159 20.69 -6.50 -1.51
N GLU B 160 20.55 -6.98 -0.29
CA GLU B 160 21.02 -8.30 0.09
C GLU B 160 20.00 -9.38 -0.24
N LEU B 161 20.40 -10.39 -0.98
CA LEU B 161 19.48 -11.44 -1.35
C LEU B 161 19.59 -12.69 -0.54
N GLN B 162 18.75 -13.64 -0.95
CA GLN B 162 18.64 -14.98 -0.40
C GLN B 162 17.89 -15.68 -1.53
N GLY B 163 18.50 -16.73 -2.04
CA GLY B 163 17.94 -17.47 -3.13
C GLY B 163 17.17 -18.67 -2.66
N VAL B 164 16.17 -18.97 -3.46
CA VAL B 164 15.32 -20.09 -3.17
C VAL B 164 14.65 -20.37 -4.48
N LEU B 165 14.47 -21.65 -4.77
CA LEU B 165 13.82 -22.03 -6.01
C LEU B 165 13.01 -23.30 -5.94
N ALA B 166 12.38 -23.63 -7.05
CA ALA B 166 11.64 -24.87 -7.16
C ALA B 166 12.49 -25.52 -8.24
N ASN B 167 12.80 -26.80 -8.06
CA ASN B 167 13.59 -27.57 -9.02
C ASN B 167 15.03 -27.10 -9.00
N TYR B 168 15.75 -27.45 -7.93
CA TYR B 168 17.14 -27.04 -7.82
C TYR B 168 17.97 -27.57 -8.97
N ARG B 169 17.45 -28.63 -9.57
CA ARG B 169 18.12 -29.22 -10.68
C ARG B 169 17.90 -28.42 -11.98
N THR B 170 17.70 -27.10 -11.86
CA THR B 170 17.50 -26.32 -13.08
C THR B 170 18.82 -25.80 -13.61
N LYS B 171 18.96 -25.90 -14.93
CA LYS B 171 20.16 -25.49 -15.63
C LYS B 171 20.05 -24.03 -16.03
N TYR B 172 20.65 -23.19 -15.21
CA TYR B 172 20.59 -21.76 -15.45
C TYR B 172 21.55 -21.15 -16.42
N PRO B 173 21.00 -20.52 -17.47
CA PRO B 173 21.71 -19.85 -18.55
C PRO B 173 22.96 -19.11 -18.16
N ALA B 174 23.77 -18.98 -19.19
CA ALA B 174 25.07 -18.38 -19.13
C ALA B 174 25.18 -17.11 -18.34
N GLN B 175 24.54 -16.08 -18.85
CA GLN B 175 24.64 -14.75 -18.26
C GLN B 175 23.76 -14.39 -17.08
N THR B 176 23.65 -15.27 -16.10
CA THR B 176 22.80 -14.97 -14.97
C THR B 176 23.48 -15.38 -13.72
N VAL B 177 23.14 -14.73 -12.63
CA VAL B 177 23.71 -15.10 -11.37
C VAL B 177 22.61 -15.90 -10.71
N THR B 178 22.92 -17.12 -10.29
CA THR B 178 21.92 -17.96 -9.66
C THR B 178 22.53 -18.49 -8.38
N PRO B 179 21.73 -19.20 -7.57
CA PRO B 179 22.28 -19.71 -6.31
C PRO B 179 23.40 -20.63 -6.59
N LYS B 180 24.38 -20.57 -5.70
CA LYS B 180 25.51 -21.43 -5.88
C LYS B 180 25.46 -22.78 -5.20
N ASN B 181 25.40 -23.83 -6.02
CA ASN B 181 25.37 -25.21 -5.55
C ASN B 181 24.03 -25.67 -5.05
N ALA B 182 23.09 -25.70 -5.98
CA ALA B 182 21.75 -26.10 -5.68
C ALA B 182 21.72 -27.47 -5.04
N THR B 183 21.01 -27.58 -3.93
CA THR B 183 20.84 -28.83 -3.23
C THR B 183 19.30 -28.94 -3.21
N VAL B 184 18.77 -29.91 -2.49
CA VAL B 184 17.33 -30.00 -2.41
C VAL B 184 16.85 -28.87 -1.52
N ASP B 185 17.56 -28.65 -0.42
CA ASP B 185 17.22 -27.58 0.50
C ASP B 185 17.16 -26.20 -0.19
N SER B 186 17.49 -26.14 -1.47
CA SER B 186 17.44 -24.87 -2.16
C SER B 186 16.01 -24.63 -2.63
N GLN B 187 15.22 -25.69 -2.60
CA GLN B 187 13.81 -25.65 -2.98
C GLN B 187 13.05 -25.13 -1.77
N GLN B 188 13.74 -25.16 -0.63
CA GLN B 188 13.23 -24.65 0.62
C GLN B 188 14.36 -23.73 1.17
N MET B 189 14.47 -23.50 2.49
CA MET B 189 15.52 -22.60 3.01
C MET B 189 16.99 -23.04 2.90
N ASN B 190 17.68 -22.60 1.85
CA ASN B 190 19.06 -23.00 1.78
C ASN B 190 20.02 -21.86 2.08
N THR B 191 20.54 -21.88 3.29
CA THR B 191 21.43 -20.81 3.72
C THR B 191 22.63 -20.49 2.84
N ASP B 192 23.04 -21.39 1.99
CA ASP B 192 24.20 -21.10 1.18
C ASP B 192 23.83 -20.14 0.09
N HIS B 193 22.58 -19.79 0.04
CA HIS B 193 22.16 -18.91 -1.00
C HIS B 193 21.98 -17.49 -0.66
N LYS B 194 22.93 -16.98 0.09
CA LYS B 194 22.87 -15.58 0.42
C LYS B 194 23.68 -14.82 -0.66
N ALA B 195 23.15 -13.72 -1.18
CA ALA B 195 23.86 -13.00 -2.22
C ALA B 195 23.59 -11.52 -2.11
N VAL B 196 23.77 -10.83 -3.24
CA VAL B 196 23.56 -9.39 -3.28
C VAL B 196 23.32 -8.91 -4.70
N LEU B 197 22.31 -8.08 -4.86
CA LEU B 197 21.94 -7.56 -6.14
C LEU B 197 22.95 -6.50 -6.44
N ASP B 198 23.92 -6.86 -7.27
CA ASP B 198 25.03 -5.96 -7.63
C ASP B 198 25.15 -5.77 -9.13
N LYS B 199 24.30 -6.48 -9.83
CA LYS B 199 24.36 -6.41 -11.25
C LYS B 199 22.95 -6.40 -11.83
N ASP B 200 22.73 -5.38 -12.64
CA ASP B 200 21.45 -5.22 -13.28
C ASP B 200 21.27 -6.28 -14.32
N ASN B 201 20.04 -6.74 -14.46
CA ASN B 201 19.69 -7.75 -15.42
C ASN B 201 20.52 -8.97 -15.24
N ALA B 202 20.69 -9.40 -14.00
CA ALA B 202 21.52 -10.56 -13.79
C ALA B 202 20.82 -11.55 -12.95
N TYR B 203 20.47 -11.10 -11.76
CA TYR B 203 19.79 -11.98 -10.86
C TYR B 203 18.36 -12.07 -11.35
N PRO B 204 17.95 -13.25 -11.81
CA PRO B 204 16.61 -13.50 -12.32
C PRO B 204 15.69 -13.58 -11.13
N VAL B 205 14.52 -12.96 -11.27
CA VAL B 205 13.59 -12.91 -10.16
C VAL B 205 13.18 -14.20 -9.61
N GLU B 206 13.04 -15.19 -10.48
CA GLU B 206 12.56 -16.48 -9.99
C GLU B 206 13.48 -17.23 -9.07
N CYS B 207 14.65 -16.67 -8.75
CA CYS B 207 15.64 -17.35 -7.89
C CYS B 207 15.90 -16.65 -6.60
N TRP B 208 15.57 -15.37 -6.57
CA TRP B 208 15.92 -14.65 -5.37
C TRP B 208 14.82 -13.85 -4.79
N VAL B 209 15.05 -13.47 -3.55
CA VAL B 209 14.13 -12.63 -2.83
C VAL B 209 14.98 -11.93 -1.81
N PRO B 210 14.54 -10.74 -1.45
CA PRO B 210 15.28 -9.98 -0.45
C PRO B 210 15.38 -10.86 0.77
N ASP B 211 16.60 -11.01 1.25
CA ASP B 211 16.84 -11.78 2.44
C ASP B 211 16.44 -10.97 3.64
N PRO B 212 15.38 -11.39 4.30
CA PRO B 212 14.86 -10.71 5.47
C PRO B 212 15.77 -10.69 6.64
N SER B 213 16.49 -11.76 6.82
CA SER B 213 17.36 -11.83 7.99
C SER B 213 18.33 -10.69 8.00
N LYS B 214 18.59 -10.20 6.81
CA LYS B 214 19.59 -9.20 6.75
C LYS B 214 19.44 -7.83 6.19
N ASN B 215 18.55 -7.52 5.29
CA ASN B 215 18.59 -6.15 4.82
C ASN B 215 18.31 -5.16 5.92
N GLU B 216 19.35 -4.81 6.63
CA GLU B 216 19.16 -3.94 7.76
C GLU B 216 19.20 -2.43 7.41
N ASN B 217 19.64 -2.07 6.19
CA ASN B 217 19.73 -0.64 5.82
C ASN B 217 19.04 -0.29 4.52
N THR B 218 18.05 -1.09 4.15
CA THR B 218 17.30 -0.80 2.96
C THR B 218 15.86 -1.25 3.26
N ARG B 219 14.85 -0.60 2.68
CA ARG B 219 13.49 -1.05 2.94
C ARG B 219 13.03 -1.60 1.64
N TYR B 220 12.17 -2.60 1.73
CA TYR B 220 11.64 -3.19 0.52
C TYR B 220 10.22 -3.63 0.67
N PHE B 221 9.63 -3.73 -0.49
CA PHE B 221 8.27 -4.11 -0.52
C PHE B 221 7.99 -4.78 -1.81
N GLY B 222 7.09 -5.74 -1.74
CA GLY B 222 6.74 -6.45 -2.94
C GLY B 222 5.59 -7.36 -2.64
N THR B 223 4.88 -7.70 -3.72
CA THR B 223 3.77 -8.62 -3.62
C THR B 223 3.57 -9.50 -4.84
N TYR B 224 3.50 -10.78 -4.51
CA TYR B 224 3.31 -11.79 -5.47
C TYR B 224 1.84 -12.01 -5.44
N THR B 225 1.29 -12.12 -6.62
CA THR B 225 -0.12 -12.34 -6.83
C THR B 225 -0.08 -13.36 -7.95
N GLY B 226 -0.12 -14.63 -7.56
CA GLY B 226 -0.05 -15.71 -8.52
C GLY B 226 -1.34 -16.29 -9.05
N GLY B 227 -1.39 -16.51 -10.36
CA GLY B 227 -2.58 -17.07 -10.98
C GLY B 227 -2.48 -17.08 -12.48
N GLU B 228 -3.13 -18.08 -13.05
CA GLU B 228 -3.14 -18.32 -14.48
C GLU B 228 -3.67 -17.10 -15.23
N ASN B 229 -4.56 -16.38 -14.56
CA ASN B 229 -5.13 -15.19 -15.17
C ASN B 229 -5.63 -14.16 -14.16
N VAL B 230 -4.73 -13.80 -13.26
CA VAL B 230 -5.07 -12.80 -12.31
C VAL B 230 -4.92 -11.49 -13.07
N PRO B 231 -5.91 -10.64 -12.93
CA PRO B 231 -5.95 -9.34 -13.56
C PRO B 231 -5.04 -8.41 -12.77
N PRO B 232 -4.27 -7.66 -13.50
CA PRO B 232 -3.39 -6.76 -12.78
C PRO B 232 -4.21 -5.55 -12.39
N VAL B 233 -3.83 -4.92 -11.30
CA VAL B 233 -4.55 -3.74 -10.86
C VAL B 233 -3.47 -2.83 -10.40
N LEU B 234 -3.39 -1.65 -10.98
CA LEU B 234 -2.33 -0.78 -10.57
C LEU B 234 -2.90 0.59 -10.54
N HIS B 235 -2.36 1.41 -9.63
CA HIS B 235 -2.79 2.79 -9.53
C HIS B 235 -1.62 3.64 -9.81
N ILE B 236 -1.95 4.83 -10.24
CA ILE B 236 -0.96 5.77 -10.61
C ILE B 236 -1.53 7.00 -9.89
N THR B 237 -0.70 7.60 -9.04
CA THR B 237 -1.04 8.83 -8.27
C THR B 237 0.14 9.54 -7.72
N ASN B 238 0.13 10.83 -7.86
CA ASN B 238 1.26 11.55 -7.34
C ASN B 238 0.93 12.09 -5.95
N THR B 239 0.04 11.45 -5.21
CA THR B 239 -0.29 12.01 -3.90
C THR B 239 0.22 11.17 -2.77
N ALA B 240 0.79 10.03 -3.10
CA ALA B 240 1.23 9.14 -2.05
C ALA B 240 2.71 9.05 -1.79
N THR B 241 3.01 9.06 -0.49
CA THR B 241 4.38 9.00 0.00
C THR B 241 4.62 7.80 0.92
N THR B 242 5.86 7.32 0.94
CA THR B 242 6.21 6.20 1.77
C THR B 242 7.35 6.62 2.65
N VAL B 243 7.24 6.20 3.90
CA VAL B 243 8.29 6.53 4.80
C VAL B 243 9.31 5.43 4.96
N LEU B 244 10.58 5.81 4.99
CA LEU B 244 11.61 4.83 5.06
C LEU B 244 12.20 4.86 6.41
N LEU B 245 11.64 5.69 7.26
CA LEU B 245 12.22 5.77 8.58
C LEU B 245 12.09 4.48 9.29
N ASP B 246 13.16 4.10 9.99
CA ASP B 246 13.17 2.86 10.76
C ASP B 246 12.51 3.19 12.04
N GLU B 247 12.52 2.22 12.92
CA GLU B 247 11.91 2.35 14.21
C GLU B 247 12.49 3.54 15.01
N GLN B 248 13.69 4.03 14.67
CA GLN B 248 14.31 5.13 15.40
C GLN B 248 14.19 6.46 14.68
N GLY B 249 13.56 6.42 13.54
CA GLY B 249 13.38 7.63 12.78
C GLY B 249 14.62 7.90 12.02
N VAL B 250 15.18 6.83 11.44
CA VAL B 250 16.37 6.99 10.64
C VAL B 250 16.10 6.11 9.45
N GLY B 251 16.22 6.67 8.26
CA GLY B 251 15.95 5.88 7.10
C GLY B 251 17.29 5.37 6.74
N PRO B 252 17.33 4.75 5.59
CA PRO B 252 18.58 4.20 5.12
C PRO B 252 19.66 5.27 5.12
N LEU B 253 20.81 4.93 5.72
CA LEU B 253 21.95 5.84 5.70
C LEU B 253 22.75 5.42 4.51
N CYS B 254 23.27 6.34 3.72
CA CYS B 254 24.05 5.90 2.57
C CYS B 254 25.52 5.84 2.92
N LYS B 255 25.91 4.72 3.52
CA LYS B 255 27.27 4.41 3.97
C LYS B 255 28.29 4.94 2.98
N ALA B 256 28.35 4.31 1.79
CA ALA B 256 29.26 4.77 0.73
C ALA B 256 28.32 5.75 0.17
N ASP B 257 28.80 6.94 -0.12
CA ASP B 257 27.95 7.98 -0.61
C ASP B 257 27.24 7.59 -1.92
N SER B 258 26.31 6.65 -1.75
CA SER B 258 25.57 6.06 -2.85
C SER B 258 24.16 5.65 -2.39
N LEU B 259 23.22 5.75 -3.31
CA LEU B 259 21.83 5.45 -3.06
C LEU B 259 21.41 4.29 -3.92
N TYR B 260 20.90 3.24 -3.30
CA TYR B 260 20.52 2.07 -4.03
C TYR B 260 19.02 1.89 -4.23
N VAL B 261 18.64 1.78 -5.48
CA VAL B 261 17.28 1.65 -5.86
C VAL B 261 17.20 0.37 -6.63
N SER B 262 16.16 -0.39 -6.37
CA SER B 262 16.00 -1.69 -6.98
C SER B 262 14.52 -1.89 -7.13
N ALA B 263 14.13 -2.60 -8.17
CA ALA B 263 12.72 -2.79 -8.41
C ALA B 263 12.45 -3.91 -9.39
N VAL B 264 11.20 -4.35 -9.47
CA VAL B 264 10.78 -5.40 -10.37
C VAL B 264 9.28 -5.25 -10.60
N ASP B 265 8.84 -5.38 -11.84
CA ASP B 265 7.42 -5.24 -12.14
C ASP B 265 6.91 -6.10 -13.26
N ILE B 266 6.72 -7.38 -12.96
CA ILE B 266 6.19 -8.24 -13.99
C ILE B 266 4.73 -7.94 -13.85
N CYS B 267 4.18 -7.25 -14.83
CA CYS B 267 2.76 -6.92 -14.77
C CYS B 267 1.90 -8.13 -15.03
N GLY B 268 2.46 -9.08 -15.78
CA GLY B 268 1.76 -10.29 -16.12
C GLY B 268 2.25 -10.89 -17.44
N LEU B 269 1.34 -11.57 -18.14
CA LEU B 269 1.68 -12.23 -19.40
C LEU B 269 0.96 -11.72 -20.61
N PHE B 270 1.73 -11.41 -21.64
CA PHE B 270 1.17 -10.94 -22.90
C PHE B 270 0.91 -12.22 -23.61
N THR B 271 -0.30 -12.39 -24.12
CA THR B 271 -0.57 -13.60 -24.87
C THR B 271 -0.69 -13.28 -26.35
N ASN B 272 0.21 -13.91 -27.10
CA ASN B 272 0.33 -13.77 -28.54
C ASN B 272 -0.80 -14.38 -29.30
N THR B 273 -0.96 -13.89 -30.52
CA THR B 273 -1.99 -14.38 -31.41
C THR B 273 -1.75 -15.86 -31.51
N SER B 274 -0.46 -16.18 -31.64
CA SER B 274 -0.02 -17.55 -31.72
C SER B 274 -0.37 -18.34 -30.47
N GLY B 275 -0.64 -17.66 -29.37
CA GLY B 275 -0.98 -18.35 -28.14
C GLY B 275 0.22 -18.49 -27.23
N THR B 276 1.35 -18.00 -27.70
CA THR B 276 2.56 -18.05 -26.91
C THR B 276 2.43 -16.97 -25.88
N GLN B 277 2.97 -17.21 -24.71
CA GLN B 277 2.91 -16.21 -23.66
C GLN B 277 4.32 -15.71 -23.35
N GLN B 278 4.44 -14.45 -22.94
CA GLN B 278 5.73 -13.88 -22.54
C GLN B 278 5.47 -12.73 -21.56
N TRP B 279 6.28 -12.65 -20.51
CA TRP B 279 6.15 -11.63 -19.47
C TRP B 279 6.23 -10.19 -19.95
N LYS B 280 5.44 -9.30 -19.33
CA LYS B 280 5.50 -7.87 -19.65
C LYS B 280 5.88 -7.12 -18.40
N GLY B 281 6.74 -6.13 -18.59
CA GLY B 281 7.15 -5.30 -17.48
C GLY B 281 7.06 -3.81 -17.83
N LEU B 282 7.12 -2.99 -16.79
CA LEU B 282 7.07 -1.56 -16.98
C LEU B 282 8.07 -0.83 -16.12
N PRO B 283 8.57 0.26 -16.66
CA PRO B 283 9.54 1.01 -15.89
C PRO B 283 8.82 1.53 -14.66
N ARG B 284 9.60 1.83 -13.62
CA ARG B 284 9.09 2.35 -12.37
C ARG B 284 9.80 3.64 -11.98
N TYR B 285 9.07 4.57 -11.39
CA TYR B 285 9.59 5.88 -11.00
C TYR B 285 9.95 5.94 -9.55
N PHE B 286 10.92 6.78 -9.21
CA PHE B 286 11.20 6.91 -7.80
C PHE B 286 11.41 8.36 -7.50
N LYS B 287 11.06 8.72 -6.28
CA LYS B 287 11.30 10.06 -5.82
C LYS B 287 11.70 9.93 -4.37
N ILE B 288 13.01 9.98 -4.18
CA ILE B 288 13.57 9.88 -2.86
C ILE B 288 13.99 11.21 -2.34
N THR B 289 13.69 11.40 -1.07
CA THR B 289 13.95 12.65 -0.40
C THR B 289 15.05 12.38 0.59
N LEU B 290 16.15 13.08 0.40
CA LEU B 290 17.32 12.87 1.22
C LEU B 290 17.67 14.05 2.07
N ARG B 291 18.19 13.73 3.26
CA ARG B 291 18.59 14.76 4.19
C ARG B 291 19.97 14.48 4.77
N LYS B 292 20.49 15.45 5.50
CA LYS B 292 21.80 15.33 6.09
C LYS B 292 21.73 14.82 7.52
N ARG B 293 22.15 13.57 7.71
CA ARG B 293 22.09 12.92 9.05
C ARG B 293 23.41 12.86 9.73
N SER B 294 23.40 13.27 10.99
CA SER B 294 24.59 13.24 11.79
C SER B 294 24.73 11.87 12.42
N VAL B 295 25.90 11.28 12.28
CA VAL B 295 26.19 9.96 12.82
C VAL B 295 27.56 9.94 13.45
N LYS B 296 27.90 8.81 14.05
CA LYS B 296 29.20 8.71 14.66
C LYS B 296 29.95 7.62 13.98
N ASN B 297 31.27 7.83 13.95
CA ASN B 297 32.13 6.83 13.38
C ASN B 297 32.20 5.86 14.51
N PRO B 298 31.68 4.67 14.31
CA PRO B 298 31.66 3.60 15.31
C PRO B 298 32.99 2.91 15.52
N TYR B 299 33.89 3.09 14.56
CA TYR B 299 35.19 2.44 14.56
C TYR B 299 36.35 3.35 15.03
N PRO B 300 37.55 2.77 15.23
CA PRO B 300 38.72 3.54 15.66
C PRO B 300 39.77 3.84 14.58
N ILE B 301 40.37 5.03 14.65
CA ILE B 301 41.40 5.48 13.71
C ILE B 301 42.35 4.36 13.46
N SER B 302 42.84 3.80 14.57
CA SER B 302 43.78 2.69 14.54
C SER B 302 43.37 1.65 13.51
N PHE B 303 42.14 1.19 13.64
CA PHE B 303 41.54 0.20 12.77
C PHE B 303 41.42 0.71 11.32
N LEU B 304 41.35 2.02 11.21
CA LEU B 304 41.24 2.62 9.90
C LEU B 304 42.59 2.61 9.22
N LEU B 305 43.59 3.08 9.93
CA LEU B 305 44.95 3.13 9.42
C LEU B 305 45.44 1.73 9.10
N SER B 306 45.08 0.76 9.94
CA SER B 306 45.46 -0.64 9.74
C SER B 306 45.37 -0.99 8.28
N ASP B 307 44.39 -0.39 7.59
CA ASP B 307 44.22 -0.58 6.17
C ASP B 307 45.55 -0.22 5.51
N LEU B 308 45.77 1.08 5.30
CA LEU B 308 46.98 1.60 4.66
C LEU B 308 48.20 0.76 5.04
N ILE B 309 48.39 0.60 6.34
CA ILE B 309 49.51 -0.16 6.88
C ILE B 309 49.65 -1.59 6.34
N ASN B 310 48.75 -2.48 6.71
CA ASN B 310 48.87 -3.86 6.26
C ASN B 310 48.50 -4.03 4.79
N ARG B 311 47.74 -3.08 4.28
CA ARG B 311 47.36 -3.09 2.88
C ARG B 311 48.59 -2.60 2.09
N ARG B 312 49.56 -2.00 2.79
CA ARG B 312 50.74 -1.44 2.10
C ARG B 312 52.15 -1.51 2.69
N THR B 313 52.36 -2.29 3.74
CA THR B 313 53.70 -2.32 4.28
C THR B 313 54.22 -3.74 4.17
N GLN B 314 54.82 -4.24 5.24
CA GLN B 314 55.38 -5.56 5.16
C GLN B 314 54.52 -6.75 5.49
N ARG B 315 54.43 -7.60 4.48
CA ARG B 315 53.67 -8.82 4.57
C ARG B 315 54.72 -9.93 4.57
N VAL B 316 54.64 -10.84 5.53
CA VAL B 316 55.64 -11.90 5.60
C VAL B 316 55.18 -13.35 5.86
N ASP B 317 55.74 -14.22 5.03
CA ASP B 317 55.46 -15.65 5.08
C ASP B 317 56.57 -16.41 5.70
N GLY B 318 56.33 -16.79 6.94
CA GLY B 318 57.32 -17.54 7.67
C GLY B 318 56.59 -18.24 8.78
N GLN B 319 57.24 -19.26 9.33
CA GLN B 319 56.74 -20.08 10.42
C GLN B 319 55.59 -19.43 11.23
N PRO B 320 54.54 -20.22 11.43
CA PRO B 320 53.30 -19.91 12.14
C PRO B 320 53.38 -19.52 13.58
N MET B 321 52.94 -18.32 13.88
CA MET B 321 52.93 -17.90 15.26
C MET B 321 51.48 -17.90 15.71
N ILE B 322 50.58 -18.27 14.79
CA ILE B 322 49.15 -18.36 15.13
C ILE B 322 48.48 -19.54 14.47
N GLY B 323 47.29 -19.85 14.97
CA GLY B 323 46.54 -20.93 14.41
C GLY B 323 46.78 -22.09 15.31
N MET B 324 46.42 -23.26 14.85
CA MET B 324 46.62 -24.40 15.69
C MET B 324 48.07 -24.82 15.60
N SER B 325 48.85 -24.12 14.79
CA SER B 325 50.25 -24.49 14.69
C SER B 325 51.22 -23.48 15.27
N SER B 326 50.67 -22.55 16.05
CA SER B 326 51.45 -21.49 16.65
C SER B 326 52.65 -22.09 17.31
N GLN B 327 53.81 -21.54 16.99
CA GLN B 327 55.05 -22.00 17.57
C GLN B 327 55.36 -21.12 18.79
N VAL B 328 54.32 -20.40 19.22
CA VAL B 328 54.40 -19.58 20.42
C VAL B 328 53.93 -20.64 21.42
N GLU B 329 54.80 -20.99 22.35
CA GLU B 329 54.46 -21.98 23.36
C GLU B 329 53.83 -21.36 24.64
N GLU B 330 54.18 -20.12 24.95
CA GLU B 330 53.66 -19.53 26.18
C GLU B 330 53.79 -18.01 26.18
N VAL B 331 52.80 -17.38 26.78
CA VAL B 331 52.78 -15.94 26.90
C VAL B 331 52.35 -15.61 28.30
N ARG B 332 53.07 -14.73 28.97
CA ARG B 332 52.65 -14.37 30.30
C ARG B 332 52.55 -12.87 30.25
N VAL B 333 51.63 -12.32 31.01
CA VAL B 333 51.47 -10.90 31.03
C VAL B 333 51.46 -10.35 32.42
N TYR B 334 52.03 -9.17 32.59
CA TYR B 334 52.06 -8.65 33.93
C TYR B 334 51.76 -7.22 33.94
N GLU B 335 51.14 -6.82 35.01
CA GLU B 335 50.87 -5.42 35.26
C GLU B 335 50.97 -5.42 36.75
N ASP B 336 51.37 -4.30 37.31
CA ASP B 336 51.52 -4.11 38.77
C ASP B 336 52.34 -5.22 39.42
N THR B 337 52.14 -5.38 40.70
CA THR B 337 52.88 -6.36 41.47
C THR B 337 52.04 -6.99 42.53
N GLU B 338 52.59 -8.04 43.13
CA GLU B 338 51.93 -8.77 44.19
C GLU B 338 52.98 -9.40 45.09
N GLU B 339 52.57 -9.85 46.27
CA GLU B 339 53.52 -10.50 47.17
C GLU B 339 53.97 -11.79 46.48
N LEU B 340 55.23 -12.12 46.64
CA LEU B 340 55.75 -13.30 46.02
C LEU B 340 54.91 -14.58 46.20
N PRO B 341 54.29 -15.02 45.13
CA PRO B 341 53.49 -16.22 45.16
C PRO B 341 54.25 -17.53 45.31
N GLY B 342 53.68 -18.41 46.12
CA GLY B 342 54.29 -19.69 46.33
C GLY B 342 54.29 -20.67 45.17
N ASP B 343 53.21 -20.81 44.41
CA ASP B 343 53.30 -21.76 43.32
C ASP B 343 53.66 -20.93 42.11
N PRO B 344 54.89 -21.03 41.66
CA PRO B 344 55.29 -20.25 40.50
C PRO B 344 54.67 -20.78 39.21
N ASP B 345 54.17 -22.00 39.20
CA ASP B 345 53.53 -22.49 37.99
C ASP B 345 52.05 -22.15 38.04
N MET B 346 51.68 -21.35 39.05
CA MET B 346 50.29 -20.97 39.18
C MET B 346 49.81 -20.44 37.85
N ILE B 347 48.50 -20.45 37.69
CA ILE B 347 47.89 -19.96 36.48
C ILE B 347 46.80 -18.96 36.65
N ARG B 348 47.05 -17.82 36.07
CA ARG B 348 46.08 -16.81 36.12
C ARG B 348 45.49 -16.80 34.74
N TYR B 349 44.17 -16.73 34.70
CA TYR B 349 43.47 -16.70 33.45
C TYR B 349 42.26 -15.86 33.60
N ILE B 350 41.58 -15.72 32.48
CA ILE B 350 40.35 -14.99 32.47
C ILE B 350 39.35 -15.70 31.59
N ASP B 351 38.26 -16.09 32.25
CA ASP B 351 37.08 -16.81 31.72
C ASP B 351 36.45 -16.02 30.57
N GLU B 352 35.40 -15.27 30.91
CA GLU B 352 34.73 -14.39 29.98
C GLU B 352 34.51 -13.12 30.75
N PHE B 353 35.18 -12.98 31.90
CA PHE B 353 35.06 -11.79 32.76
C PHE B 353 36.05 -11.67 33.98
N GLY B 354 36.10 -12.67 34.87
CA GLY B 354 36.98 -12.59 36.03
C GLY B 354 38.35 -13.29 35.91
N GLN B 355 39.21 -13.06 36.90
CA GLN B 355 40.54 -13.68 36.93
C GLN B 355 40.59 -14.95 37.78
N THR B 356 40.88 -16.07 37.13
CA THR B 356 40.98 -17.38 37.78
C THR B 356 42.44 -17.61 38.10
N THR B 357 42.71 -18.28 39.21
CA THR B 357 44.08 -18.58 39.61
C THR B 357 44.08 -20.02 40.04
N THR B 358 44.64 -20.92 39.27
CA THR B 358 44.64 -22.31 39.69
C THR B 358 45.94 -22.98 39.36
N ARG B 359 46.24 -24.06 40.06
CA ARG B 359 47.45 -24.80 39.79
C ARG B 359 47.19 -25.57 38.53
N MET B 360 48.26 -26.05 37.93
CA MET B 360 48.18 -26.82 36.70
C MET B 360 47.71 -28.22 37.07
N GLN B 361 48.46 -28.80 38.01
CA GLN B 361 48.24 -30.13 38.56
C GLN B 361 49.36 -30.30 39.61
N PRO C 14 -40.33 25.55 30.13
CA PRO C 14 -40.04 25.93 28.74
C PRO C 14 -38.55 26.05 28.46
N LYS C 15 -38.09 25.33 27.41
CA LYS C 15 -36.69 25.33 27.00
C LYS C 15 -36.51 26.33 25.85
N LYS C 16 -35.38 27.03 25.82
CA LYS C 16 -35.12 28.01 24.77
C LYS C 16 -34.33 27.45 23.57
N PRO C 17 -34.85 27.62 22.33
CA PRO C 17 -34.20 27.14 21.10
C PRO C 17 -33.00 28.04 20.77
N LYS C 18 -31.81 27.44 20.85
CA LYS C 18 -30.55 28.15 20.58
C LYS C 18 -30.48 28.88 19.26
N GLU C 19 -29.44 29.71 19.14
CA GLU C 19 -29.19 30.44 17.91
C GLU C 19 -28.73 29.34 16.96
N PRO C 20 -29.16 29.42 15.71
CA PRO C 20 -28.72 28.38 14.79
C PRO C 20 -27.23 28.59 14.63
N VAL C 21 -26.47 27.53 14.43
CA VAL C 21 -25.04 27.74 14.26
C VAL C 21 -24.68 28.58 13.06
N GLN C 22 -23.44 29.01 13.04
CA GLN C 22 -23.00 29.81 11.95
C GLN C 22 -22.52 28.93 10.81
N VAL C 23 -22.73 29.38 9.60
CA VAL C 23 -22.38 28.64 8.43
C VAL C 23 -21.91 29.64 7.42
N PRO C 24 -21.04 29.23 6.52
CA PRO C 24 -20.61 30.22 5.57
C PRO C 24 -21.79 30.77 4.78
N LYS C 25 -21.75 32.09 4.66
CA LYS C 25 -22.80 32.81 3.98
C LYS C 25 -22.73 32.73 2.48
N LEU C 26 -23.81 32.22 1.90
CA LEU C 26 -23.88 32.11 0.47
C LEU C 26 -24.02 33.50 -0.10
N VAL C 27 -23.15 33.83 -1.04
CA VAL C 27 -23.15 35.13 -1.66
C VAL C 27 -23.97 35.13 -2.92
N ILE C 28 -23.79 34.11 -3.74
CA ILE C 28 -24.55 34.06 -4.94
C ILE C 28 -24.34 32.69 -5.51
N LYS C 29 -25.33 32.22 -6.25
CA LYS C 29 -25.29 30.91 -6.83
C LYS C 29 -25.81 31.09 -8.25
N GLY C 30 -25.19 30.37 -9.18
CA GLY C 30 -25.60 30.42 -10.56
C GLY C 30 -24.55 29.70 -11.37
N GLY C 31 -24.35 30.12 -12.60
CA GLY C 31 -23.37 29.49 -13.47
C GLY C 31 -22.00 30.14 -13.39
N ILE C 32 -21.12 29.74 -14.32
CA ILE C 32 -19.76 30.26 -14.31
C ILE C 32 -19.69 31.81 -14.23
N GLU C 33 -20.72 32.43 -14.77
CA GLU C 33 -20.82 33.87 -14.77
C GLU C 33 -20.66 34.42 -13.39
N VAL C 34 -21.30 33.74 -12.46
CA VAL C 34 -21.29 34.18 -11.08
C VAL C 34 -19.90 34.42 -10.59
N LEU C 35 -18.94 33.74 -11.22
CA LEU C 35 -17.56 33.87 -10.78
C LEU C 35 -17.18 35.32 -10.72
N GLY C 36 -17.71 36.04 -11.70
CA GLY C 36 -17.47 37.47 -11.86
C GLY C 36 -17.72 38.41 -10.71
N VAL C 37 -18.42 37.97 -9.70
CA VAL C 37 -18.65 38.90 -8.63
C VAL C 37 -17.38 39.11 -7.88
N LYS C 38 -17.09 40.35 -7.57
CA LYS C 38 -15.89 40.58 -6.79
C LYS C 38 -16.26 40.24 -5.35
N THR C 39 -15.47 39.32 -4.81
CA THR C 39 -15.64 38.80 -3.47
C THR C 39 -14.49 39.25 -2.62
N GLY C 40 -14.61 39.06 -1.31
CA GLY C 40 -13.55 39.47 -0.42
C GLY C 40 -12.30 38.63 -0.58
N VAL C 41 -11.38 38.74 0.36
CA VAL C 41 -10.17 37.95 0.22
C VAL C 41 -10.29 36.58 0.81
N ASP C 42 -11.19 36.48 1.78
CA ASP C 42 -11.46 35.24 2.46
C ASP C 42 -12.65 34.52 1.81
N SER C 43 -13.04 34.98 0.64
CA SER C 43 -14.13 34.32 -0.02
C SER C 43 -13.58 32.96 -0.44
N PHE C 44 -14.46 32.16 -1.02
CA PHE C 44 -14.09 30.88 -1.56
C PHE C 44 -15.25 30.38 -2.39
N THR C 45 -14.94 29.61 -3.41
CA THR C 45 -16.00 29.15 -4.26
C THR C 45 -15.99 27.66 -4.59
N GLU C 46 -17.15 27.20 -5.05
CA GLU C 46 -17.32 25.81 -5.38
C GLU C 46 -17.78 25.71 -6.81
N VAL C 47 -17.02 24.94 -7.60
CA VAL C 47 -17.37 24.76 -9.01
C VAL C 47 -17.76 23.34 -9.38
N GLU C 48 -18.98 23.22 -9.88
CA GLU C 48 -19.50 21.93 -10.24
C GLU C 48 -19.50 21.92 -11.75
N CYS C 49 -18.70 21.03 -12.31
CA CYS C 49 -18.62 20.92 -13.75
C CYS C 49 -18.63 19.47 -14.02
N PHE C 50 -18.41 19.09 -15.28
CA PHE C 50 -18.39 17.68 -15.62
C PHE C 50 -17.71 17.47 -16.97
N LEU C 51 -17.36 16.23 -17.28
CA LEU C 51 -16.69 15.94 -18.54
C LEU C 51 -17.25 14.74 -19.17
N ASN C 52 -17.46 14.82 -20.47
CA ASN C 52 -17.99 13.69 -21.19
C ASN C 52 -16.80 12.89 -21.61
N PRO C 53 -17.02 11.60 -21.80
CA PRO C 53 -15.92 10.73 -22.20
C PRO C 53 -15.70 10.67 -23.70
N GLN C 54 -14.45 10.50 -24.11
CA GLN C 54 -14.18 10.40 -25.54
C GLN C 54 -13.72 9.00 -25.83
N MET C 55 -14.66 8.06 -25.87
CA MET C 55 -14.29 6.68 -26.13
C MET C 55 -13.99 6.40 -27.60
N GLY C 56 -14.39 7.29 -28.49
CA GLY C 56 -14.15 7.07 -29.91
C GLY C 56 -15.28 7.69 -30.72
N ASN C 57 -16.51 7.44 -30.27
CA ASN C 57 -17.71 7.98 -30.90
C ASN C 57 -17.74 7.80 -32.40
N PRO C 58 -17.86 6.54 -32.84
CA PRO C 58 -17.90 6.14 -34.24
C PRO C 58 -18.92 6.94 -35.04
N ASP C 59 -20.20 6.71 -34.78
CA ASP C 59 -21.24 7.45 -35.48
C ASP C 59 -21.84 8.46 -34.52
N GLU C 60 -23.06 8.88 -34.80
CA GLU C 60 -23.70 9.83 -33.91
C GLU C 60 -24.83 9.12 -33.19
N HIS C 61 -24.65 7.85 -32.91
CA HIS C 61 -25.69 7.16 -32.20
C HIS C 61 -25.02 6.50 -31.05
N GLN C 62 -23.78 6.12 -31.29
CA GLN C 62 -23.04 5.44 -30.30
C GLN C 62 -22.07 6.42 -29.68
N LYS C 63 -22.52 7.12 -28.66
CA LYS C 63 -21.60 7.98 -27.97
C LYS C 63 -21.15 7.20 -26.73
N GLY C 64 -19.97 7.52 -26.23
CA GLY C 64 -19.46 6.84 -25.06
C GLY C 64 -19.20 5.40 -25.42
N LEU C 65 -18.94 5.20 -26.70
CA LEU C 65 -18.64 3.90 -27.25
C LEU C 65 -17.47 4.11 -28.22
N SER C 66 -16.53 3.17 -28.20
CA SER C 66 -15.39 3.29 -29.11
C SER C 66 -15.88 2.69 -30.39
N LYS C 67 -15.10 2.77 -31.45
CA LYS C 67 -15.52 2.12 -32.66
C LYS C 67 -15.30 0.66 -32.32
N SER C 68 -15.91 -0.21 -33.11
CA SER C 68 -15.77 -1.65 -32.93
C SER C 68 -14.29 -1.88 -32.71
N LEU C 69 -13.97 -2.69 -31.73
CA LEU C 69 -12.57 -2.89 -31.46
C LEU C 69 -11.81 -3.89 -32.29
N ALA C 70 -10.57 -3.46 -32.56
CA ALA C 70 -9.54 -4.17 -33.32
C ALA C 70 -9.05 -5.40 -32.56
N ALA C 71 -8.63 -6.43 -33.29
CA ALA C 71 -8.19 -7.67 -32.65
C ALA C 71 -6.72 -8.11 -32.68
N GLU C 72 -6.33 -8.85 -33.71
CA GLU C 72 -4.97 -9.38 -33.77
C GLU C 72 -3.94 -8.76 -34.70
N LYS C 73 -4.05 -7.47 -34.97
CA LYS C 73 -3.12 -6.73 -35.86
C LYS C 73 -1.66 -7.11 -35.73
N GLN C 74 -0.93 -7.11 -36.82
CA GLN C 74 0.48 -7.45 -36.76
C GLN C 74 1.23 -6.19 -36.44
N PHE C 75 2.17 -6.30 -35.52
CA PHE C 75 2.98 -5.18 -35.08
C PHE C 75 3.35 -4.24 -36.18
N THR C 76 3.96 -4.83 -37.20
CA THR C 76 4.43 -4.09 -38.36
C THR C 76 3.30 -3.38 -39.04
N ASP C 77 2.14 -4.01 -39.05
CA ASP C 77 1.00 -3.36 -39.67
C ASP C 77 -0.08 -3.19 -38.63
N ASP C 78 0.18 -2.36 -37.64
CA ASP C 78 -0.80 -2.11 -36.62
C ASP C 78 -1.13 -0.66 -36.74
N SER C 79 -2.19 -0.38 -37.47
CA SER C 79 -2.62 0.99 -37.63
C SER C 79 -4.09 1.04 -37.31
N PRO C 80 -4.42 1.43 -36.08
CA PRO C 80 -5.81 1.51 -35.68
C PRO C 80 -6.34 2.87 -36.15
N ASP C 81 -7.66 3.09 -35.98
CA ASP C 81 -8.35 4.32 -36.38
C ASP C 81 -8.68 5.09 -35.16
N LYS C 82 -8.67 6.40 -35.29
CA LYS C 82 -8.95 7.26 -34.15
C LYS C 82 -10.17 6.83 -33.40
N GLU C 83 -11.19 6.48 -34.15
CA GLU C 83 -12.47 6.10 -33.61
C GLU C 83 -12.43 4.91 -32.69
N GLN C 84 -11.34 4.17 -32.67
CA GLN C 84 -11.27 3.01 -31.75
C GLN C 84 -10.20 3.24 -30.67
N LEU C 85 -9.86 4.51 -30.55
CA LEU C 85 -8.86 4.99 -29.62
C LEU C 85 -9.37 5.98 -28.61
N PRO C 86 -9.70 5.48 -27.42
CA PRO C 86 -10.19 6.37 -26.38
C PRO C 86 -9.07 7.32 -26.00
N CYS C 87 -9.46 8.58 -25.80
CA CYS C 87 -8.55 9.64 -25.41
C CYS C 87 -8.89 10.36 -24.11
N TYR C 88 -7.86 10.97 -23.55
CA TYR C 88 -8.02 11.71 -22.34
C TYR C 88 -8.94 12.85 -22.68
N SER C 89 -9.85 13.12 -21.77
CA SER C 89 -10.79 14.22 -21.89
C SER C 89 -10.20 15.28 -20.97
N VAL C 90 -9.98 16.48 -21.49
CA VAL C 90 -9.42 17.54 -20.67
C VAL C 90 -10.36 18.72 -20.83
N ALA C 91 -10.16 19.80 -20.07
CA ALA C 91 -11.02 21.00 -20.16
C ALA C 91 -10.48 22.09 -19.27
N ARG C 92 -10.77 23.35 -19.59
CA ARG C 92 -10.26 24.42 -18.71
C ARG C 92 -11.31 25.42 -18.24
N ILE C 93 -11.30 25.65 -16.93
CA ILE C 93 -12.22 26.56 -16.32
C ILE C 93 -11.46 27.80 -16.01
N PRO C 94 -11.86 28.88 -16.64
CA PRO C 94 -11.35 30.25 -16.59
C PRO C 94 -11.81 30.87 -15.33
N LEU C 95 -10.88 31.39 -14.58
CA LEU C 95 -11.24 32.02 -13.33
C LEU C 95 -10.87 33.47 -13.40
N PRO C 96 -11.55 34.31 -12.65
CA PRO C 96 -11.36 35.76 -12.59
C PRO C 96 -9.99 36.16 -12.09
N ASN C 97 -9.28 37.09 -12.74
CA ASN C 97 -7.98 37.49 -12.17
C ASN C 97 -8.26 38.13 -10.84
N ILE C 98 -7.51 37.72 -9.86
CA ILE C 98 -7.76 38.21 -8.55
C ILE C 98 -7.15 39.54 -8.11
N ASN C 99 -5.89 39.76 -8.39
CA ASN C 99 -5.26 40.99 -7.96
C ASN C 99 -5.32 42.05 -9.04
N GLU C 100 -5.80 43.24 -8.68
CA GLU C 100 -5.93 44.35 -9.62
C GLU C 100 -4.55 44.88 -9.91
N ASP C 101 -4.18 45.99 -9.31
CA ASP C 101 -2.83 46.43 -9.58
C ASP C 101 -1.86 45.75 -8.64
N LEU C 102 -1.18 44.78 -9.21
CA LEU C 102 -0.16 44.03 -8.50
C LEU C 102 1.09 44.81 -8.71
N THR C 103 0.93 46.12 -8.67
CA THR C 103 2.05 47.01 -8.82
C THR C 103 3.01 46.52 -7.73
N CYS C 104 2.45 45.95 -6.66
CA CYS C 104 3.31 45.45 -5.61
C CYS C 104 3.09 44.10 -4.90
N GLY C 105 4.17 43.31 -5.04
CA GLY C 105 4.43 42.00 -4.44
C GLY C 105 3.62 40.75 -4.10
N ASN C 106 2.89 40.79 -2.98
CA ASN C 106 2.05 39.67 -2.48
C ASN C 106 0.67 39.63 -3.16
N ILE C 107 0.60 38.87 -4.24
CA ILE C 107 -0.61 38.75 -4.99
C ILE C 107 -1.39 37.49 -4.66
N LEU C 108 -2.51 37.32 -5.35
CA LEU C 108 -3.35 36.19 -5.09
C LEU C 108 -3.65 35.35 -6.28
N MET C 109 -3.52 34.05 -6.07
CA MET C 109 -3.83 33.10 -7.12
C MET C 109 -4.96 32.26 -6.57
N TRP C 110 -5.64 31.56 -7.47
CA TRP C 110 -6.71 30.71 -7.02
C TRP C 110 -6.07 29.39 -6.67
N GLU C 111 -6.44 28.83 -5.52
CA GLU C 111 -5.94 27.53 -5.07
C GLU C 111 -6.99 26.43 -5.02
N ALA C 112 -6.74 25.33 -5.71
CA ALA C 112 -7.69 24.23 -5.71
C ALA C 112 -7.40 23.47 -4.48
N VAL C 113 -8.41 23.35 -3.66
CA VAL C 113 -8.21 22.70 -2.40
C VAL C 113 -8.78 21.33 -2.25
N THR C 114 -9.98 21.21 -2.78
CA THR C 114 -10.73 20.03 -2.64
C THR C 114 -11.48 19.65 -3.82
N VAL C 115 -11.81 18.38 -3.87
CA VAL C 115 -12.59 17.97 -4.99
C VAL C 115 -13.41 16.79 -4.63
N LYS C 116 -14.64 16.78 -5.12
CA LYS C 116 -15.50 15.63 -4.93
C LYS C 116 -15.69 15.26 -6.38
N THR C 117 -15.73 13.98 -6.68
CA THR C 117 -15.93 13.59 -8.07
C THR C 117 -16.65 12.27 -8.08
N GLU C 118 -17.26 11.95 -9.21
CA GLU C 118 -18.01 10.70 -9.29
C GLU C 118 -18.36 10.46 -10.73
N VAL C 119 -18.71 9.22 -11.02
CA VAL C 119 -19.08 8.90 -12.39
C VAL C 119 -20.57 8.98 -12.64
N ILE C 120 -20.92 9.85 -13.56
CA ILE C 120 -22.31 9.99 -13.85
C ILE C 120 -22.92 8.84 -14.66
N GLY C 121 -23.95 8.21 -14.07
CA GLY C 121 -24.68 7.17 -14.77
C GLY C 121 -24.19 5.76 -14.63
N VAL C 122 -23.72 5.36 -13.49
CA VAL C 122 -23.22 4.00 -13.41
C VAL C 122 -24.30 2.98 -13.67
N THR C 123 -25.50 3.27 -13.15
CA THR C 123 -26.65 2.37 -13.25
C THR C 123 -26.93 2.04 -14.67
N ALA C 124 -26.63 3.02 -15.50
CA ALA C 124 -26.88 2.84 -16.91
C ALA C 124 -26.46 1.49 -17.48
N MET C 125 -25.56 0.78 -16.81
CA MET C 125 -25.11 -0.51 -17.30
C MET C 125 -25.97 -1.70 -16.93
N LEU C 126 -27.22 -1.41 -16.59
CA LEU C 126 -28.17 -2.47 -16.26
C LEU C 126 -29.15 -2.77 -17.41
N ASN C 127 -28.91 -2.18 -18.57
CA ASN C 127 -29.73 -2.43 -19.75
C ASN C 127 -29.11 -3.68 -20.39
N LEU C 128 -29.49 -4.86 -19.93
CA LEU C 128 -28.92 -6.06 -20.53
C LEU C 128 -29.75 -6.47 -21.69
N HIS C 129 -30.51 -5.51 -22.18
CA HIS C 129 -31.42 -5.80 -23.23
C HIS C 129 -31.28 -4.96 -24.50
N SER C 130 -30.21 -4.24 -24.74
CA SER C 130 -30.17 -3.54 -26.02
C SER C 130 -29.20 -4.30 -26.95
N GLY C 131 -28.21 -3.67 -27.57
CA GLY C 131 -27.34 -4.44 -28.48
C GLY C 131 -26.75 -5.72 -27.94
N THR C 132 -26.94 -5.88 -26.64
CA THR C 132 -26.49 -6.99 -25.83
C THR C 132 -26.26 -8.28 -26.55
N GLN C 133 -25.20 -8.99 -26.19
CA GLN C 133 -25.05 -10.34 -26.75
C GLN C 133 -25.73 -11.18 -25.67
N LYS C 134 -26.06 -12.43 -25.96
CA LYS C 134 -26.74 -13.29 -25.01
C LYS C 134 -25.78 -13.89 -23.98
N THR C 135 -26.21 -13.95 -22.72
CA THR C 135 -25.38 -14.54 -21.66
C THR C 135 -25.30 -16.03 -21.97
N HIS C 136 -26.40 -16.58 -22.48
CA HIS C 136 -26.50 -18.01 -22.80
C HIS C 136 -27.98 -18.32 -23.03
N GLU C 137 -28.26 -19.45 -23.68
CA GLU C 137 -29.62 -19.89 -23.97
C GLU C 137 -30.81 -18.92 -23.93
N ASN C 138 -31.26 -18.59 -22.72
CA ASN C 138 -32.40 -17.68 -22.55
C ASN C 138 -32.10 -16.71 -21.42
N GLY C 139 -30.82 -16.66 -21.07
CA GLY C 139 -30.35 -15.79 -20.04
C GLY C 139 -30.40 -14.36 -20.52
N ALA C 140 -30.08 -13.46 -19.61
CA ALA C 140 -30.09 -12.04 -19.89
C ALA C 140 -28.92 -11.72 -20.79
N GLY C 141 -28.68 -10.44 -21.01
CA GLY C 141 -27.56 -10.07 -21.85
C GLY C 141 -26.24 -10.02 -21.11
N LYS C 142 -25.15 -10.00 -21.85
CA LYS C 142 -23.84 -9.93 -21.24
C LYS C 142 -23.52 -8.51 -20.86
N PRO C 143 -23.39 -8.26 -19.55
CA PRO C 143 -23.09 -6.96 -18.99
C PRO C 143 -21.75 -6.45 -19.47
N ILE C 144 -21.55 -5.15 -19.35
CA ILE C 144 -20.26 -4.61 -19.74
C ILE C 144 -19.23 -5.10 -18.76
N GLN C 145 -18.05 -5.50 -19.26
CA GLN C 145 -16.98 -5.93 -18.36
C GLN C 145 -15.61 -5.92 -19.01
N GLY C 146 -14.60 -6.37 -18.25
CA GLY C 146 -13.22 -6.42 -18.73
C GLY C 146 -12.36 -5.22 -18.40
N SER C 147 -11.11 -5.23 -18.88
CA SER C 147 -10.15 -4.15 -18.65
C SER C 147 -10.83 -2.79 -18.51
N ASN C 148 -10.45 -2.02 -17.50
CA ASN C 148 -11.05 -0.69 -17.32
C ASN C 148 -10.07 0.26 -16.66
N PHE C 149 -10.34 1.54 -16.86
CA PHE C 149 -9.47 2.55 -16.32
C PHE C 149 -10.24 3.80 -16.09
N HIS C 150 -10.09 4.25 -14.87
CA HIS C 150 -10.75 5.43 -14.43
C HIS C 150 -9.62 6.22 -13.87
N PHE C 151 -9.61 7.49 -14.21
CA PHE C 151 -8.56 8.37 -13.78
C PHE C 151 -9.02 9.78 -13.89
N PHE C 152 -8.43 10.63 -13.09
CA PHE C 152 -8.74 12.02 -13.21
C PHE C 152 -7.65 12.80 -12.52
N ALA C 153 -7.74 14.10 -12.70
CA ALA C 153 -6.75 14.94 -12.13
C ALA C 153 -7.22 16.34 -12.17
N VAL C 154 -6.82 17.09 -11.15
CA VAL C 154 -7.17 18.50 -11.05
C VAL C 154 -5.87 19.26 -10.82
N GLY C 155 -5.66 20.39 -11.49
CA GLY C 155 -4.41 21.16 -11.36
C GLY C 155 -4.42 22.59 -11.91
N GLY C 156 -3.44 23.39 -11.48
CA GLY C 156 -3.35 24.80 -11.89
C GLY C 156 -2.68 25.16 -13.21
N GLU C 157 -2.40 24.11 -14.00
CA GLU C 157 -1.74 24.15 -15.33
C GLU C 157 -2.19 22.85 -15.98
N PRO C 158 -1.88 22.68 -17.26
CA PRO C 158 -2.29 21.46 -17.97
C PRO C 158 -1.57 20.24 -17.49
N LEU C 159 -2.17 19.12 -17.81
CA LEU C 159 -1.62 17.87 -17.40
C LEU C 159 -0.39 17.48 -18.21
N GLU C 160 0.75 17.32 -17.52
CA GLU C 160 2.00 16.91 -18.18
C GLU C 160 2.06 15.39 -18.34
N LEU C 161 2.33 14.91 -19.55
CA LEU C 161 2.35 13.48 -19.78
C LEU C 161 3.68 12.96 -20.17
N GLN C 162 3.70 11.65 -20.32
CA GLN C 162 4.89 10.90 -20.70
C GLN C 162 4.34 9.75 -21.45
N GLY C 163 4.89 9.56 -22.62
CA GLY C 163 4.43 8.50 -23.48
C GLY C 163 5.18 7.22 -23.20
N VAL C 164 4.42 6.17 -23.37
CA VAL C 164 4.91 4.83 -23.22
C VAL C 164 3.88 4.06 -23.98
N LEU C 165 4.34 3.00 -24.66
CA LEU C 165 3.46 2.14 -25.41
C LEU C 165 4.00 0.75 -25.61
N ALA C 166 3.14 -0.10 -26.15
CA ALA C 166 3.56 -1.46 -26.46
C ALA C 166 3.53 -1.31 -27.97
N ASN C 167 4.44 -2.00 -28.67
CA ASN C 167 4.49 -1.91 -30.14
C ASN C 167 4.66 -0.46 -30.57
N TYR C 168 5.89 0.04 -30.56
CA TYR C 168 6.10 1.42 -30.96
C TYR C 168 5.85 1.56 -32.45
N ARG C 169 5.88 0.42 -33.11
CA ARG C 169 5.67 0.33 -34.54
C ARG C 169 4.18 0.54 -34.89
N THR C 170 3.37 0.86 -33.89
CA THR C 170 1.96 1.11 -34.17
C THR C 170 1.83 2.44 -34.87
N LYS C 171 1.11 2.41 -35.98
CA LYS C 171 0.89 3.58 -36.80
C LYS C 171 -0.35 4.28 -36.27
N TYR C 172 -0.16 5.53 -35.88
CA TYR C 172 -1.27 6.27 -35.28
C TYR C 172 -2.10 7.22 -36.10
N PRO C 173 -3.43 7.01 -36.06
CA PRO C 173 -4.46 7.79 -36.73
C PRO C 173 -4.13 9.25 -36.78
N ALA C 174 -4.47 9.80 -37.91
CA ALA C 174 -4.20 11.18 -38.23
C ALA C 174 -4.57 12.23 -37.22
N GLN C 175 -5.74 12.10 -36.65
CA GLN C 175 -6.18 13.14 -35.76
C GLN C 175 -5.62 13.22 -34.37
N THR C 176 -4.97 12.14 -33.96
CA THR C 176 -4.39 12.02 -32.64
C THR C 176 -3.08 12.74 -32.45
N VAL C 177 -2.60 12.70 -31.22
CA VAL C 177 -1.31 13.28 -30.87
C VAL C 177 -0.66 12.11 -30.19
N THR C 178 0.37 11.57 -30.81
CA THR C 178 1.06 10.41 -30.25
C THR C 178 2.53 10.67 -29.99
N PRO C 179 3.22 9.78 -29.24
CA PRO C 179 4.64 10.03 -29.00
C PRO C 179 5.37 9.98 -30.32
N LYS C 180 6.21 10.98 -30.51
CA LYS C 180 6.93 11.07 -31.75
C LYS C 180 8.29 10.44 -31.74
N ASN C 181 8.60 9.76 -32.83
CA ASN C 181 9.89 9.12 -32.99
C ASN C 181 9.97 7.94 -32.09
N ALA C 182 8.85 7.24 -31.98
CA ALA C 182 8.81 6.06 -31.16
C ALA C 182 9.99 5.21 -31.56
N THR C 183 10.65 4.64 -30.58
CA THR C 183 11.80 3.78 -30.81
C THR C 183 11.45 2.56 -29.99
N VAL C 184 12.35 1.60 -29.92
CA VAL C 184 12.02 0.43 -29.13
C VAL C 184 11.97 0.81 -27.69
N ASP C 185 12.74 1.82 -27.35
CA ASP C 185 12.78 2.31 -25.99
C ASP C 185 11.42 2.86 -25.59
N SER C 186 10.63 3.24 -26.58
CA SER C 186 9.31 3.76 -26.31
C SER C 186 8.40 2.69 -25.69
N GLN C 187 8.79 1.42 -25.82
CA GLN C 187 8.01 0.33 -25.23
C GLN C 187 8.26 0.27 -23.70
N GLN C 188 9.22 1.08 -23.26
CA GLN C 188 9.58 1.25 -21.85
C GLN C 188 9.82 2.75 -21.68
N MET C 189 10.56 3.16 -20.65
CA MET C 189 10.77 4.59 -20.39
C MET C 189 11.54 5.37 -21.48
N ASN C 190 10.81 6.12 -22.30
CA ASN C 190 11.47 6.87 -23.32
C ASN C 190 11.36 8.37 -23.08
N THR C 191 12.31 8.87 -22.33
CA THR C 191 12.37 10.26 -21.95
C THR C 191 12.00 11.30 -22.97
N ASP C 192 11.95 10.93 -24.24
CA ASP C 192 11.62 11.94 -25.23
C ASP C 192 10.14 12.23 -25.23
N HIS C 193 9.37 11.18 -25.01
CA HIS C 193 7.93 11.26 -25.02
C HIS C 193 7.27 12.05 -23.93
N LYS C 194 7.75 13.28 -23.73
CA LYS C 194 7.17 14.15 -22.74
C LYS C 194 6.23 15.06 -23.51
N ALA C 195 4.98 15.14 -23.02
CA ALA C 195 3.95 15.94 -23.66
C ALA C 195 3.04 16.58 -22.63
N VAL C 196 1.96 17.19 -23.11
CA VAL C 196 1.00 17.87 -22.24
C VAL C 196 -0.43 17.81 -22.79
N LEU C 197 -1.37 17.37 -21.95
CA LEU C 197 -2.75 17.25 -22.33
C LEU C 197 -3.30 18.62 -22.54
N ASP C 198 -3.44 19.00 -23.80
CA ASP C 198 -3.94 20.33 -24.16
C ASP C 198 -5.03 20.27 -25.22
N LYS C 199 -5.41 19.06 -25.59
CA LYS C 199 -6.44 18.93 -26.58
C LYS C 199 -7.37 17.80 -26.24
N ASP C 200 -8.64 18.16 -26.10
CA ASP C 200 -9.65 17.18 -25.77
C ASP C 200 -9.78 16.16 -26.88
N ASN C 201 -10.13 14.93 -26.51
CA ASN C 201 -10.26 13.85 -27.49
C ASN C 201 -9.03 13.81 -28.39
N ALA C 202 -7.85 14.05 -27.84
CA ALA C 202 -6.72 14.04 -28.74
C ALA C 202 -5.66 13.04 -28.40
N TYR C 203 -5.35 12.93 -27.12
CA TYR C 203 -4.30 12.03 -26.74
C TYR C 203 -4.86 10.71 -26.27
N PRO C 204 -4.69 9.65 -27.07
CA PRO C 204 -5.17 8.29 -26.80
C PRO C 204 -4.64 7.78 -25.49
N VAL C 205 -5.54 7.35 -24.64
CA VAL C 205 -5.12 6.89 -23.34
C VAL C 205 -4.17 5.75 -23.46
N GLU C 206 -4.19 5.09 -24.60
CA GLU C 206 -3.28 3.98 -24.68
C GLU C 206 -1.84 4.31 -25.00
N CYS C 207 -1.53 5.61 -25.06
CA CYS C 207 -0.16 6.04 -25.34
C CYS C 207 0.38 6.93 -24.26
N TRP C 208 -0.48 7.34 -23.36
CA TRP C 208 0.00 8.27 -22.37
C TRP C 208 -0.38 7.99 -20.97
N VAL C 209 0.46 8.49 -20.08
CA VAL C 209 0.20 8.39 -18.67
C VAL C 209 0.81 9.65 -18.11
N PRO C 210 0.16 10.18 -17.09
CA PRO C 210 0.62 11.40 -16.43
C PRO C 210 2.08 11.19 -16.05
N ASP C 211 2.92 12.13 -16.46
CA ASP C 211 4.32 12.08 -16.16
C ASP C 211 4.56 12.47 -14.71
N PRO C 212 4.95 11.51 -13.88
CA PRO C 212 5.24 11.64 -12.45
C PRO C 212 6.41 12.55 -12.17
N SER C 213 7.39 12.49 -13.06
CA SER C 213 8.57 13.28 -12.94
C SER C 213 8.19 14.73 -12.87
N LYS C 214 7.04 15.05 -13.43
CA LYS C 214 6.71 16.43 -13.44
C LYS C 214 5.38 17.06 -13.12
N ASN C 215 4.39 16.38 -12.59
CA ASN C 215 3.18 17.18 -12.37
C ASN C 215 3.17 17.90 -11.05
N GLU C 216 4.00 18.92 -10.96
CA GLU C 216 4.16 19.62 -9.70
C GLU C 216 2.97 20.48 -9.27
N ASN C 217 2.13 20.89 -10.23
CA ASN C 217 0.99 21.74 -9.87
C ASN C 217 -0.34 21.08 -10.12
N THR C 218 -0.34 19.77 -10.25
CA THR C 218 -1.58 19.09 -10.47
C THR C 218 -1.55 17.79 -9.71
N ARG C 219 -2.73 17.25 -9.44
CA ARG C 219 -2.83 16.01 -8.70
C ARG C 219 -3.69 15.10 -9.53
N TYR C 220 -3.26 13.85 -9.58
CA TYR C 220 -4.01 12.91 -10.34
C TYR C 220 -4.02 11.63 -9.62
N PHE C 221 -4.89 10.81 -10.16
CA PHE C 221 -5.12 9.53 -9.61
C PHE C 221 -5.84 8.79 -10.64
N GLY C 222 -5.63 7.49 -10.59
CA GLY C 222 -6.29 6.61 -11.51
C GLY C 222 -5.79 5.21 -11.25
N THR C 223 -6.56 4.28 -11.77
CA THR C 223 -6.20 2.90 -11.67
C THR C 223 -6.64 2.12 -12.88
N TYR C 224 -5.79 1.16 -13.19
CA TYR C 224 -6.02 0.32 -14.29
C TYR C 224 -6.23 -1.03 -13.66
N THR C 225 -7.09 -1.76 -14.31
CA THR C 225 -7.43 -3.06 -13.88
C THR C 225 -7.58 -3.79 -15.16
N GLY C 226 -6.56 -4.56 -15.48
CA GLY C 226 -6.62 -5.33 -16.70
C GLY C 226 -7.37 -6.59 -16.37
N GLY C 227 -7.85 -7.27 -17.38
CA GLY C 227 -8.61 -8.49 -17.18
C GLY C 227 -9.51 -8.65 -18.37
N GLU C 228 -9.61 -9.89 -18.82
CA GLU C 228 -10.42 -10.21 -19.99
C GLU C 228 -11.85 -9.96 -19.62
N ASN C 229 -12.15 -10.17 -18.35
CA ASN C 229 -13.48 -9.94 -17.86
C ASN C 229 -13.49 -9.72 -16.36
N VAL C 230 -12.94 -8.57 -16.02
CA VAL C 230 -12.91 -8.14 -14.66
C VAL C 230 -14.18 -7.36 -14.60
N PRO C 231 -14.89 -7.49 -13.50
CA PRO C 231 -16.15 -6.80 -13.28
C PRO C 231 -16.01 -5.37 -12.81
N PRO C 232 -16.59 -4.46 -13.55
CA PRO C 232 -16.47 -3.08 -13.10
C PRO C 232 -17.15 -2.93 -11.75
N VAL C 233 -16.62 -2.03 -10.97
CA VAL C 233 -17.19 -1.74 -9.69
C VAL C 233 -17.09 -0.25 -9.57
N LEU C 234 -18.17 0.37 -9.16
CA LEU C 234 -18.16 1.81 -9.06
C LEU C 234 -19.07 2.25 -7.94
N HIS C 235 -18.67 3.31 -7.23
CA HIS C 235 -19.46 3.84 -6.13
C HIS C 235 -19.87 5.24 -6.44
N ILE C 236 -21.09 5.54 -6.06
CA ILE C 236 -21.68 6.81 -6.34
C ILE C 236 -22.07 7.26 -4.93
N THR C 237 -21.61 8.46 -4.53
CA THR C 237 -21.89 9.09 -3.24
C THR C 237 -21.49 10.51 -3.18
N ASN C 238 -22.33 11.26 -2.53
CA ASN C 238 -22.02 12.64 -2.42
C ASN C 238 -21.40 12.91 -1.07
N THR C 239 -20.97 11.90 -0.36
CA THR C 239 -20.39 12.16 0.95
C THR C 239 -18.87 12.13 0.98
N ALA C 240 -18.25 11.95 -0.18
CA ALA C 240 -16.81 11.85 -0.21
C ALA C 240 -16.05 12.93 -0.87
N THR C 241 -15.04 13.39 -0.14
CA THR C 241 -14.17 14.46 -0.61
C THR C 241 -12.70 14.08 -0.65
N THR C 242 -11.97 14.77 -1.52
CA THR C 242 -10.55 14.53 -1.73
C THR C 242 -9.73 15.80 -1.62
N VAL C 243 -8.63 15.70 -0.89
CA VAL C 243 -7.82 16.88 -0.75
C VAL C 243 -6.75 17.00 -1.78
N LEU C 244 -6.46 18.24 -2.13
CA LEU C 244 -5.50 18.49 -3.15
C LEU C 244 -4.37 19.20 -2.50
N LEU C 245 -4.37 19.25 -1.18
CA LEU C 245 -3.27 19.97 -0.58
C LEU C 245 -2.06 19.15 -0.68
N ASP C 246 -0.93 19.85 -0.68
CA ASP C 246 0.37 19.22 -0.80
C ASP C 246 0.97 19.24 0.56
N GLU C 247 2.18 18.73 0.65
CA GLU C 247 2.91 18.66 1.91
C GLU C 247 3.01 20.03 2.60
N GLN C 248 2.98 21.13 1.86
CA GLN C 248 3.11 22.46 2.49
C GLN C 248 1.72 23.02 2.75
N GLY C 249 0.72 22.26 2.37
CA GLY C 249 -0.62 22.69 2.62
C GLY C 249 -1.12 23.62 1.57
N VAL C 250 -0.78 23.33 0.34
CA VAL C 250 -1.26 24.18 -0.75
C VAL C 250 -1.75 23.26 -1.80
N GLY C 251 -2.73 23.71 -2.56
CA GLY C 251 -3.24 22.83 -3.58
C GLY C 251 -2.78 23.43 -4.87
N PRO C 252 -3.32 22.93 -5.97
CA PRO C 252 -2.94 23.44 -7.28
C PRO C 252 -3.17 24.93 -7.27
N LEU C 253 -2.33 25.64 -8.01
CA LEU C 253 -2.43 27.09 -8.12
C LEU C 253 -2.72 27.47 -9.52
N CYS C 254 -3.80 28.20 -9.71
CA CYS C 254 -4.13 28.59 -11.05
C CYS C 254 -3.21 29.74 -11.36
N LYS C 255 -2.10 29.34 -11.97
CA LYS C 255 -1.02 30.23 -12.37
C LYS C 255 -1.63 31.23 -13.31
N ALA C 256 -1.95 30.74 -14.50
CA ALA C 256 -2.62 31.52 -15.54
C ALA C 256 -3.92 31.28 -14.87
N ASP C 257 -4.66 32.34 -14.59
CA ASP C 257 -5.91 32.17 -13.87
C ASP C 257 -6.84 31.20 -14.58
N SER C 258 -6.51 29.93 -14.44
CA SER C 258 -7.21 28.86 -15.11
C SER C 258 -7.12 27.62 -14.24
N LEU C 259 -8.15 26.81 -14.32
CA LEU C 259 -8.29 25.62 -13.56
C LEU C 259 -8.40 24.52 -14.60
N TYR C 260 -7.65 23.45 -14.42
CA TYR C 260 -7.64 22.39 -15.41
C TYR C 260 -8.13 21.08 -14.88
N VAL C 261 -9.00 20.49 -15.66
CA VAL C 261 -9.58 19.25 -15.26
C VAL C 261 -9.39 18.34 -16.39
N SER C 262 -9.05 17.12 -16.04
CA SER C 262 -8.76 16.10 -17.00
C SER C 262 -9.24 14.83 -16.36
N ALA C 263 -9.75 13.92 -17.17
CA ALA C 263 -10.24 12.65 -16.67
C ALA C 263 -10.41 11.62 -17.77
N VAL C 264 -10.56 10.35 -17.37
CA VAL C 264 -10.74 9.24 -18.31
C VAL C 264 -11.52 8.13 -17.62
N ASP C 265 -12.52 7.58 -18.31
CA ASP C 265 -13.28 6.52 -17.68
C ASP C 265 -13.71 5.34 -18.50
N ILE C 266 -12.77 4.51 -18.92
CA ILE C 266 -13.19 3.36 -19.67
C ILE C 266 -13.82 2.51 -18.61
N CYS C 267 -15.14 2.44 -18.57
CA CYS C 267 -15.76 1.59 -17.56
C CYS C 267 -15.52 0.14 -17.94
N GLY C 268 -15.30 -0.09 -19.22
CA GLY C 268 -15.06 -1.45 -19.71
C GLY C 268 -15.42 -1.75 -21.17
N LEU C 269 -15.73 -3.02 -21.42
CA LEU C 269 -16.07 -3.48 -22.76
C LEU C 269 -17.47 -3.98 -23.01
N PHE C 270 -18.08 -3.36 -24.01
CA PHE C 270 -19.41 -3.73 -24.44
C PHE C 270 -19.29 -4.85 -25.45
N THR C 271 -19.94 -5.95 -25.15
CA THR C 271 -19.91 -7.08 -26.06
C THR C 271 -21.24 -7.10 -26.81
N ASN C 272 -21.18 -6.62 -28.05
CA ASN C 272 -22.34 -6.58 -28.92
C ASN C 272 -22.84 -7.96 -29.16
N THR C 273 -24.03 -8.01 -29.72
CA THR C 273 -24.68 -9.25 -30.07
C THR C 273 -23.75 -10.09 -30.94
N SER C 274 -23.12 -9.43 -31.91
CA SER C 274 -22.19 -10.03 -32.88
C SER C 274 -21.06 -10.78 -32.22
N GLY C 275 -20.52 -10.20 -31.17
CA GLY C 275 -19.39 -10.82 -30.51
C GLY C 275 -18.30 -9.77 -30.55
N THR C 276 -18.56 -8.71 -31.31
CA THR C 276 -17.65 -7.61 -31.42
C THR C 276 -17.75 -6.88 -30.09
N GLN C 277 -16.66 -6.23 -29.66
CA GLN C 277 -16.65 -5.51 -28.41
C GLN C 277 -16.20 -4.08 -28.65
N GLN C 278 -16.63 -3.16 -27.78
CA GLN C 278 -16.23 -1.75 -27.87
C GLN C 278 -16.19 -1.14 -26.46
N TRP C 279 -15.32 -0.16 -26.28
CA TRP C 279 -15.11 0.49 -24.99
C TRP C 279 -16.26 1.38 -24.55
N LYS C 280 -16.68 1.27 -23.29
CA LYS C 280 -17.70 2.21 -22.85
C LYS C 280 -17.12 3.12 -21.84
N GLY C 281 -17.56 4.37 -21.91
CA GLY C 281 -17.14 5.36 -20.96
C GLY C 281 -18.37 6.09 -20.49
N LEU C 282 -18.23 6.75 -19.35
CA LEU C 282 -19.30 7.54 -18.76
C LEU C 282 -18.71 8.84 -18.41
N PRO C 283 -19.53 9.83 -18.22
CA PRO C 283 -18.92 11.12 -17.87
C PRO C 283 -18.61 11.16 -16.39
N ARG C 284 -17.78 12.13 -16.05
CA ARG C 284 -17.38 12.31 -14.68
C ARG C 284 -17.70 13.71 -14.23
N TYR C 285 -17.97 13.81 -12.94
CA TYR C 285 -18.38 15.00 -12.26
C TYR C 285 -17.25 15.57 -11.41
N PHE C 286 -17.24 16.89 -11.22
CA PHE C 286 -16.25 17.46 -10.31
C PHE C 286 -16.84 18.62 -9.54
N LYS C 287 -16.50 18.69 -8.25
CA LYS C 287 -16.89 19.80 -7.40
C LYS C 287 -15.60 20.26 -6.80
N ILE C 288 -15.20 21.44 -7.25
CA ILE C 288 -13.94 21.95 -6.84
C ILE C 288 -14.04 23.16 -6.03
N THR C 289 -13.41 23.07 -4.89
CA THR C 289 -13.43 24.16 -3.98
C THR C 289 -12.16 24.94 -4.16
N LEU C 290 -12.31 26.25 -4.32
CA LEU C 290 -11.17 27.13 -4.55
C LEU C 290 -11.14 28.23 -3.54
N ARG C 291 -9.94 28.72 -3.22
CA ARG C 291 -9.77 29.82 -2.28
C ARG C 291 -8.76 30.79 -2.83
N LYS C 292 -8.78 32.01 -2.30
CA LYS C 292 -7.86 33.03 -2.78
C LYS C 292 -6.64 32.82 -1.96
N ARG C 293 -5.55 32.42 -2.62
CA ARG C 293 -4.27 32.15 -1.93
C ARG C 293 -3.24 33.18 -2.24
N SER C 294 -2.52 33.55 -1.19
CA SER C 294 -1.46 34.53 -1.30
C SER C 294 -0.09 33.93 -1.66
N VAL C 295 0.47 34.36 -2.80
CA VAL C 295 1.77 33.90 -3.29
C VAL C 295 2.76 35.05 -3.45
N LYS C 296 3.91 34.79 -4.06
CA LYS C 296 4.92 35.82 -4.24
C LYS C 296 5.00 36.04 -5.74
N ASN C 297 4.26 37.02 -6.24
CA ASN C 297 4.19 37.33 -7.69
C ASN C 297 5.43 36.97 -8.40
N PRO C 298 5.39 35.84 -9.11
CA PRO C 298 6.49 35.27 -9.89
C PRO C 298 6.78 35.99 -11.23
N TYR C 299 5.72 36.22 -11.99
CA TYR C 299 5.73 36.83 -13.31
C TYR C 299 6.34 38.20 -13.65
N PRO C 300 6.19 39.18 -12.73
CA PRO C 300 6.69 40.52 -12.98
C PRO C 300 7.98 40.92 -13.61
N ILE C 301 7.94 42.24 -13.82
CA ILE C 301 8.89 43.15 -14.45
C ILE C 301 10.08 42.62 -15.23
N SER C 302 11.09 42.06 -14.56
CA SER C 302 12.23 41.59 -15.33
C SER C 302 11.75 40.58 -16.35
N PHE C 303 10.76 39.76 -16.00
CA PHE C 303 10.34 38.80 -16.99
C PHE C 303 9.68 39.45 -18.22
N LEU C 304 9.01 40.56 -18.01
CA LEU C 304 8.37 41.30 -19.10
C LEU C 304 9.51 42.00 -19.80
N LEU C 305 10.51 42.37 -19.00
CA LEU C 305 11.69 43.07 -19.48
C LEU C 305 12.30 42.17 -20.52
N SER C 306 12.74 41.01 -20.07
CA SER C 306 13.34 40.05 -20.98
C SER C 306 12.31 39.78 -22.08
N ASP C 307 11.06 39.50 -21.69
CA ASP C 307 9.96 39.22 -22.62
C ASP C 307 10.12 40.14 -23.80
N LEU C 308 10.32 41.41 -23.48
CA LEU C 308 10.48 42.47 -24.43
C LEU C 308 11.81 42.48 -25.17
N ILE C 309 12.89 42.55 -24.40
CA ILE C 309 14.19 42.65 -25.00
C ILE C 309 14.47 41.57 -26.06
N ASN C 310 13.87 40.40 -25.93
CA ASN C 310 14.10 39.36 -26.93
C ASN C 310 13.44 39.67 -28.27
N ARG C 311 12.45 40.56 -28.19
CA ARG C 311 11.72 41.00 -29.35
C ARG C 311 12.53 42.11 -30.02
N ARG C 312 13.28 42.83 -29.18
CA ARG C 312 14.15 43.93 -29.63
C ARG C 312 15.48 43.38 -30.23
N THR C 313 16.04 42.32 -29.63
CA THR C 313 17.26 41.73 -30.16
C THR C 313 16.92 40.47 -30.91
N GLN C 314 17.95 39.88 -31.46
CA GLN C 314 17.75 38.69 -32.22
C GLN C 314 17.92 37.39 -31.51
N ARG C 315 17.42 36.41 -32.24
CA ARG C 315 17.48 35.04 -31.85
C ARG C 315 18.56 34.61 -32.80
N VAL C 316 19.59 34.03 -32.22
CA VAL C 316 20.67 33.56 -33.03
C VAL C 316 20.72 32.04 -33.08
N ASP C 317 20.70 31.53 -34.30
CA ASP C 317 20.82 30.10 -34.48
C ASP C 317 22.34 29.96 -34.44
N GLY C 318 22.86 29.57 -33.28
CA GLY C 318 24.29 29.45 -33.13
C GLY C 318 24.71 28.11 -32.67
N GLN C 319 26.00 27.93 -32.45
CA GLN C 319 26.45 26.66 -31.95
C GLN C 319 25.82 26.48 -30.56
N PRO C 320 25.55 25.23 -30.22
CA PRO C 320 24.96 24.64 -29.03
C PRO C 320 25.57 24.98 -27.73
N MET C 321 24.95 25.85 -26.97
CA MET C 321 25.52 26.09 -25.67
C MET C 321 24.57 25.32 -24.75
N ILE C 322 23.92 24.32 -25.31
CA ILE C 322 22.95 23.66 -24.49
C ILE C 322 22.51 22.22 -24.75
N GLY C 323 22.09 21.59 -23.66
CA GLY C 323 21.64 20.23 -23.74
C GLY C 323 22.71 19.20 -23.97
N MET C 324 22.35 18.19 -24.73
CA MET C 324 23.25 17.10 -24.96
C MET C 324 24.51 17.53 -25.63
N SER C 325 24.42 18.56 -26.45
CA SER C 325 25.59 18.93 -27.19
C SER C 325 26.26 20.24 -26.81
N SER C 326 25.98 20.72 -25.60
CA SER C 326 26.55 21.98 -25.16
C SER C 326 28.05 22.05 -25.36
N GLN C 327 28.52 23.11 -25.99
CA GLN C 327 29.95 23.29 -26.25
C GLN C 327 30.53 24.15 -25.10
N VAL C 328 29.84 24.07 -23.98
CA VAL C 328 30.23 24.72 -22.74
C VAL C 328 30.73 23.54 -21.95
N GLU C 329 32.02 23.53 -21.69
CA GLU C 329 32.65 22.45 -20.96
C GLU C 329 32.55 22.58 -19.47
N GLU C 330 32.53 23.80 -18.92
CA GLU C 330 32.42 23.88 -17.46
C GLU C 330 32.09 25.24 -16.95
N VAL C 331 31.36 25.23 -15.84
CA VAL C 331 30.93 26.44 -15.20
C VAL C 331 31.21 26.33 -13.75
N ARG C 332 31.84 27.34 -13.21
CA ARG C 332 32.13 27.31 -11.81
C ARG C 332 31.47 28.56 -11.31
N VAL C 333 30.98 28.48 -10.09
CA VAL C 333 30.32 29.62 -9.50
C VAL C 333 30.81 29.83 -8.11
N TYR C 334 31.15 31.08 -7.85
CA TYR C 334 31.69 31.36 -6.56
C TYR C 334 30.89 32.32 -5.78
N GLU C 335 30.92 32.15 -4.46
CA GLU C 335 30.26 33.11 -3.61
C GLU C 335 31.14 33.77 -2.59
N ASP C 336 31.51 33.10 -1.50
CA ASP C 336 32.36 33.92 -0.64
C ASP C 336 33.83 33.61 -0.89
N THR C 337 34.53 33.39 0.21
CA THR C 337 35.93 33.05 0.21
C THR C 337 36.02 31.86 1.14
N GLU C 338 37.08 31.11 0.97
CA GLU C 338 37.31 29.87 1.67
C GLU C 338 38.82 29.86 1.94
N GLU C 339 39.27 29.12 2.94
CA GLU C 339 40.69 29.07 3.18
C GLU C 339 41.26 28.35 1.95
N LEU C 340 42.41 28.80 1.47
CA LEU C 340 42.97 28.16 0.30
C LEU C 340 43.10 26.65 0.47
N PRO C 341 42.31 25.93 -0.31
CA PRO C 341 42.15 24.49 -0.47
C PRO C 341 43.38 23.86 -0.96
N GLY C 342 43.73 22.77 -0.32
CA GLY C 342 44.89 22.03 -0.74
C GLY C 342 44.60 21.32 -2.05
N ASP C 343 43.45 20.68 -2.20
CA ASP C 343 43.21 20.01 -3.47
C ASP C 343 42.15 20.73 -4.28
N PRO C 344 42.61 21.53 -5.27
CA PRO C 344 41.92 22.38 -6.26
C PRO C 344 40.80 21.68 -7.02
N ASP C 345 40.93 20.37 -7.18
CA ASP C 345 39.91 19.60 -7.83
C ASP C 345 39.19 18.96 -6.63
N MET C 346 38.37 19.80 -6.00
CA MET C 346 37.58 19.43 -4.84
C MET C 346 37.04 18.03 -5.03
N ILE C 347 37.63 17.02 -4.40
CA ILE C 347 37.07 15.67 -4.52
C ILE C 347 35.67 15.87 -3.89
N ARG C 348 34.67 15.92 -4.79
CA ARG C 348 33.25 16.14 -4.48
C ARG C 348 32.48 14.82 -4.23
N TYR C 349 32.46 13.94 -5.24
CA TYR C 349 31.81 12.63 -5.15
C TYR C 349 32.96 11.68 -4.71
N ILE C 350 32.70 10.51 -4.12
CA ILE C 350 33.86 9.68 -3.74
C ILE C 350 34.36 8.65 -4.75
N ASP C 351 33.84 8.67 -5.98
CA ASP C 351 34.34 7.79 -7.04
C ASP C 351 33.92 6.32 -7.10
N GLU C 352 32.67 5.97 -6.90
CA GLU C 352 32.39 4.53 -7.07
C GLU C 352 31.78 4.19 -8.44
N PHE C 353 32.58 3.52 -9.27
CA PHE C 353 32.17 3.08 -10.62
C PHE C 353 32.36 1.56 -10.63
N GLY C 354 33.63 1.13 -10.56
CA GLY C 354 33.99 -0.27 -10.53
C GLY C 354 35.03 -0.56 -9.44
N GLN C 355 34.77 -0.01 -8.24
CA GLN C 355 35.64 -0.15 -7.08
C GLN C 355 34.91 -0.79 -5.88
N ALA D 13 -20.44 -7.95 51.93
CA ALA D 13 -19.56 -6.79 51.97
C ALA D 13 -19.62 -6.06 50.63
N PRO D 14 -18.95 -4.86 50.50
CA PRO D 14 -18.92 -4.05 49.28
C PRO D 14 -19.40 -4.64 48.03
N LYS D 15 -20.74 -4.61 47.99
CA LYS D 15 -21.56 -5.04 46.92
C LYS D 15 -22.40 -3.76 46.95
N LYS D 16 -21.71 -2.67 46.60
CA LYS D 16 -22.30 -1.34 46.54
C LYS D 16 -22.57 -1.13 45.05
N PRO D 17 -23.69 -1.66 44.56
CA PRO D 17 -23.98 -1.48 43.14
C PRO D 17 -24.00 0.03 42.89
N LYS D 18 -23.03 0.47 42.12
CA LYS D 18 -22.91 1.88 41.80
C LYS D 18 -24.17 2.37 41.14
N GLU D 19 -24.55 3.60 41.42
CA GLU D 19 -25.75 4.17 40.84
C GLU D 19 -25.67 4.04 39.32
N PRO D 20 -26.68 3.38 38.71
CA PRO D 20 -26.75 3.17 37.27
C PRO D 20 -26.54 4.46 36.50
N VAL D 21 -25.96 4.29 35.33
CA VAL D 21 -25.65 5.39 34.43
C VAL D 21 -26.89 6.09 33.92
N GLN D 22 -26.80 7.38 33.71
CA GLN D 22 -27.96 8.03 33.16
C GLN D 22 -27.95 7.78 31.67
N VAL D 23 -29.12 7.54 31.10
CA VAL D 23 -29.19 7.33 29.66
C VAL D 23 -30.46 7.97 29.15
N PRO D 24 -30.66 7.99 27.85
CA PRO D 24 -31.85 8.59 27.29
C PRO D 24 -33.14 8.01 27.79
N LYS D 25 -33.98 8.93 28.25
CA LYS D 25 -35.29 8.64 28.81
C LYS D 25 -36.32 8.39 27.72
N LEU D 26 -36.66 7.13 27.48
CA LEU D 26 -37.68 6.81 26.49
C LEU D 26 -38.95 7.53 26.91
N VAL D 27 -39.48 8.29 26.00
CA VAL D 27 -40.64 9.02 26.36
C VAL D 27 -41.87 8.30 25.94
N ILE D 28 -41.74 7.58 24.87
CA ILE D 28 -42.88 6.89 24.40
C ILE D 28 -42.41 6.19 23.20
N LYS D 29 -42.98 5.03 23.02
CA LYS D 29 -42.60 4.15 21.96
C LYS D 29 -43.85 3.67 21.29
N GLY D 30 -43.74 3.38 20.02
CA GLY D 30 -44.87 2.91 19.27
C GLY D 30 -44.68 3.17 17.79
N GLY D 31 -45.79 3.37 17.09
CA GLY D 31 -45.76 3.58 15.66
C GLY D 31 -45.62 5.01 15.20
N ILE D 32 -45.74 5.19 13.88
CA ILE D 32 -45.55 6.50 13.26
C ILE D 32 -46.38 7.57 13.94
N GLU D 33 -47.44 7.06 14.56
CA GLU D 33 -48.42 7.85 15.29
C GLU D 33 -47.78 8.61 16.42
N VAL D 34 -47.08 7.86 17.27
CA VAL D 34 -46.41 8.39 18.43
C VAL D 34 -45.70 9.71 18.13
N LEU D 35 -45.35 9.89 16.85
CA LEU D 35 -44.62 11.07 16.42
C LEU D 35 -45.18 12.35 16.93
N GLY D 36 -46.49 12.42 16.91
CA GLY D 36 -47.20 13.60 17.35
C GLY D 36 -47.06 14.10 18.78
N VAL D 37 -46.70 13.24 19.72
CA VAL D 37 -46.59 13.70 21.11
C VAL D 37 -45.62 14.85 21.19
N LYS D 38 -46.02 15.93 21.87
CA LYS D 38 -45.17 17.10 21.97
C LYS D 38 -44.01 16.88 22.91
N THR D 39 -42.81 17.09 22.39
CA THR D 39 -41.58 16.86 23.12
C THR D 39 -40.78 18.09 23.41
N GLY D 40 -39.75 17.88 24.24
CA GLY D 40 -38.85 18.98 24.57
C GLY D 40 -38.17 19.51 23.31
N VAL D 41 -37.24 20.43 23.50
CA VAL D 41 -36.53 20.96 22.37
C VAL D 41 -35.40 20.00 22.07
N ASP D 42 -34.93 19.38 23.14
CA ASP D 42 -33.83 18.45 23.04
C ASP D 42 -34.27 17.01 22.89
N SER D 43 -35.54 16.78 22.60
CA SER D 43 -35.94 15.40 22.45
C SER D 43 -35.34 14.94 21.14
N PHE D 44 -35.58 13.68 20.80
CA PHE D 44 -35.14 13.14 19.54
C PHE D 44 -35.83 11.85 19.33
N THR D 45 -35.90 11.45 18.09
CA THR D 45 -36.65 10.29 17.86
C THR D 45 -35.95 9.47 16.84
N GLU D 46 -36.19 8.18 16.93
CA GLU D 46 -35.62 7.21 16.02
C GLU D 46 -36.82 6.67 15.25
N VAL D 47 -36.65 6.47 13.96
CA VAL D 47 -37.74 6.00 13.13
C VAL D 47 -37.24 4.82 12.34
N GLU D 48 -37.96 3.71 12.44
CA GLU D 48 -37.57 2.49 11.77
C GLU D 48 -38.57 2.18 10.65
N CYS D 49 -38.24 2.45 9.41
CA CYS D 49 -39.19 2.14 8.35
C CYS D 49 -38.53 0.99 7.63
N PHE D 50 -38.87 0.83 6.36
CA PHE D 50 -38.30 -0.20 5.50
C PHE D 50 -38.99 -0.04 4.16
N LEU D 51 -38.35 -0.52 3.10
CA LEU D 51 -38.94 -0.37 1.79
C LEU D 51 -38.84 -1.65 1.09
N ASN D 52 -39.87 -1.97 0.35
CA ASN D 52 -39.84 -3.22 -0.39
C ASN D 52 -39.24 -2.89 -1.73
N PRO D 53 -38.67 -3.89 -2.40
CA PRO D 53 -38.07 -3.64 -3.70
C PRO D 53 -39.06 -3.70 -4.84
N GLN D 54 -38.72 -3.09 -5.97
CA GLN D 54 -39.57 -3.12 -7.15
C GLN D 54 -38.78 -3.64 -8.36
N MET D 55 -38.68 -4.96 -8.49
CA MET D 55 -37.94 -5.52 -9.60
C MET D 55 -38.78 -5.62 -10.88
N GLY D 56 -40.08 -5.35 -10.74
CA GLY D 56 -41.01 -5.40 -11.85
C GLY D 56 -42.25 -6.15 -11.43
N ASN D 57 -42.03 -7.20 -10.63
CA ASN D 57 -43.09 -8.07 -10.10
C ASN D 57 -44.02 -8.49 -11.21
N PRO D 58 -43.61 -9.47 -12.01
CA PRO D 58 -44.34 -10.03 -13.14
C PRO D 58 -45.76 -10.50 -12.84
N ASP D 59 -45.93 -11.28 -11.78
CA ASP D 59 -47.25 -11.75 -11.42
C ASP D 59 -47.39 -11.65 -9.92
N GLU D 60 -48.43 -12.26 -9.37
CA GLU D 60 -48.66 -12.19 -7.93
C GLU D 60 -48.03 -13.34 -7.18
N HIS D 61 -46.98 -13.90 -7.75
CA HIS D 61 -46.28 -15.01 -7.11
C HIS D 61 -44.81 -14.68 -7.12
N GLN D 62 -44.44 -13.83 -8.06
CA GLN D 62 -43.07 -13.50 -8.23
C GLN D 62 -42.75 -12.12 -7.74
N LYS D 63 -43.09 -11.87 -6.49
CA LYS D 63 -42.75 -10.59 -5.94
C LYS D 63 -41.27 -10.70 -5.60
N GLY D 64 -40.51 -9.69 -5.99
CA GLY D 64 -39.09 -9.67 -5.77
C GLY D 64 -38.31 -10.04 -7.00
N LEU D 65 -38.99 -10.32 -8.11
CA LEU D 65 -38.32 -10.67 -9.35
C LEU D 65 -38.75 -9.78 -10.49
N SER D 66 -37.91 -9.68 -11.50
CA SER D 66 -38.28 -8.87 -12.64
C SER D 66 -38.91 -9.84 -13.62
N LYS D 67 -39.61 -9.32 -14.63
CA LYS D 67 -40.18 -10.22 -15.60
C LYS D 67 -38.95 -10.78 -16.28
N SER D 68 -39.00 -12.06 -16.63
CA SER D 68 -37.92 -12.77 -17.32
C SER D 68 -37.17 -11.79 -18.23
N LEU D 69 -35.86 -11.72 -18.04
CA LEU D 69 -35.06 -10.77 -18.79
C LEU D 69 -34.85 -11.05 -20.23
N ALA D 70 -34.95 -9.96 -20.97
CA ALA D 70 -34.79 -9.92 -22.41
C ALA D 70 -33.33 -9.71 -22.74
N ALA D 71 -32.93 -10.18 -23.92
CA ALA D 71 -31.53 -10.08 -24.35
C ALA D 71 -31.13 -9.27 -25.60
N GLU D 72 -30.93 -9.98 -26.70
CA GLU D 72 -30.43 -9.40 -27.95
C GLU D 72 -31.22 -8.37 -28.79
N LYS D 73 -32.02 -7.49 -28.16
CA LYS D 73 -32.80 -6.51 -28.92
C LYS D 73 -32.05 -5.57 -29.86
N GLN D 74 -32.66 -5.18 -30.97
CA GLN D 74 -31.98 -4.27 -31.87
C GLN D 74 -32.14 -2.92 -31.20
N PHE D 75 -31.13 -2.05 -31.34
CA PHE D 75 -31.16 -0.72 -30.73
C PHE D 75 -32.41 0.03 -31.13
N THR D 76 -32.74 -0.08 -32.40
CA THR D 76 -33.89 0.62 -32.93
C THR D 76 -35.18 -0.09 -32.59
N ASP D 77 -35.06 -1.27 -32.02
CA ASP D 77 -36.23 -2.02 -31.65
C ASP D 77 -36.17 -2.49 -30.20
N ASP D 78 -35.54 -1.69 -29.34
CA ASP D 78 -35.44 -2.05 -27.94
C ASP D 78 -36.52 -1.39 -27.14
N SER D 79 -37.58 -2.16 -26.89
CA SER D 79 -38.68 -1.69 -26.09
C SER D 79 -39.00 -2.76 -25.06
N PRO D 80 -38.42 -2.62 -23.87
CA PRO D 80 -38.60 -3.56 -22.76
C PRO D 80 -39.93 -3.31 -22.08
N ASP D 81 -40.31 -4.18 -21.15
CA ASP D 81 -41.58 -4.07 -20.44
C ASP D 81 -41.33 -3.61 -19.02
N LYS D 82 -42.21 -2.77 -18.50
CA LYS D 82 -42.04 -2.27 -17.16
C LYS D 82 -41.83 -3.37 -16.14
N GLU D 83 -42.35 -4.55 -16.40
CA GLU D 83 -42.18 -5.63 -15.45
C GLU D 83 -40.74 -6.13 -15.53
N GLN D 84 -40.08 -5.83 -16.64
CA GLN D 84 -38.68 -6.20 -16.80
C GLN D 84 -37.80 -5.08 -16.22
N LEU D 85 -38.40 -3.93 -15.98
CA LEU D 85 -37.63 -2.81 -15.51
C LEU D 85 -37.67 -2.44 -14.07
N PRO D 86 -36.59 -2.76 -13.36
CA PRO D 86 -36.56 -2.41 -11.94
C PRO D 86 -36.43 -0.89 -11.80
N CYS D 87 -37.13 -0.36 -10.81
CA CYS D 87 -37.16 1.06 -10.54
C CYS D 87 -36.78 1.43 -9.12
N TYR D 88 -36.45 2.70 -8.94
CA TYR D 88 -36.10 3.16 -7.61
C TYR D 88 -37.34 3.15 -6.79
N SER D 89 -37.17 2.64 -5.57
CA SER D 89 -38.22 2.54 -4.54
C SER D 89 -38.07 3.79 -3.69
N VAL D 90 -39.17 4.44 -3.38
CA VAL D 90 -39.07 5.64 -2.59
C VAL D 90 -40.24 5.73 -1.63
N ALA D 91 -40.19 6.68 -0.70
CA ALA D 91 -41.27 6.80 0.26
C ALA D 91 -41.03 8.03 1.11
N ARG D 92 -42.11 8.53 1.72
CA ARG D 92 -41.95 9.72 2.54
C ARG D 92 -42.53 9.65 3.93
N ILE D 93 -41.71 9.94 4.93
CA ILE D 93 -42.22 9.95 6.27
C ILE D 93 -42.53 11.37 6.57
N PRO D 94 -43.75 11.64 6.93
CA PRO D 94 -44.22 12.98 7.28
C PRO D 94 -43.89 13.12 8.71
N LEU D 95 -43.35 14.25 9.08
CA LEU D 95 -43.02 14.48 10.46
C LEU D 95 -43.88 15.63 10.89
N PRO D 96 -44.17 15.74 12.18
CA PRO D 96 -44.97 16.79 12.80
C PRO D 96 -44.28 18.18 12.73
N ASN D 97 -45.04 19.27 12.51
CA ASN D 97 -44.43 20.61 12.48
C ASN D 97 -43.94 20.97 13.86
N ILE D 98 -42.66 20.71 14.07
CA ILE D 98 -42.01 20.98 15.33
C ILE D 98 -42.26 22.41 15.75
N ASN D 99 -42.25 23.28 14.77
CA ASN D 99 -42.45 24.63 15.12
C ASN D 99 -43.85 25.02 15.23
N GLU D 100 -44.29 24.99 16.47
CA GLU D 100 -45.65 25.34 16.79
C GLU D 100 -45.89 26.75 16.30
N ASP D 101 -47.13 27.20 16.47
CA ASP D 101 -47.53 28.52 16.05
C ASP D 101 -46.84 29.68 16.84
N LEU D 102 -45.70 30.14 16.30
CA LEU D 102 -44.85 31.23 16.85
C LEU D 102 -44.71 32.33 15.74
N THR D 103 -43.92 33.37 15.98
CA THR D 103 -43.76 34.43 14.97
C THR D 103 -42.35 34.69 14.41
N CYS D 104 -41.60 35.59 15.05
CA CYS D 104 -40.25 35.94 14.61
C CYS D 104 -39.17 35.26 15.40
N GLY D 105 -38.02 35.14 14.75
CA GLY D 105 -36.89 34.52 15.39
C GLY D 105 -36.40 33.38 14.54
N ASN D 106 -36.53 32.21 15.12
CA ASN D 106 -36.01 31.04 14.48
C ASN D 106 -36.96 29.90 14.49
N ILE D 107 -36.79 29.10 13.46
CA ILE D 107 -37.56 27.93 13.25
C ILE D 107 -36.84 26.73 13.82
N LEU D 108 -37.53 25.61 13.80
CA LEU D 108 -37.04 24.36 14.28
C LEU D 108 -37.42 23.44 13.19
N MET D 109 -36.45 22.69 12.69
CA MET D 109 -36.73 21.75 11.65
C MET D 109 -36.22 20.39 12.03
N TRP D 110 -36.85 19.39 11.41
CA TRP D 110 -36.42 18.06 11.69
C TRP D 110 -35.10 17.77 10.98
N GLU D 111 -34.08 17.40 11.76
CA GLU D 111 -32.78 17.05 11.21
C GLU D 111 -32.48 15.57 11.30
N ALA D 112 -32.07 15.03 10.17
CA ALA D 112 -31.69 13.62 10.12
C ALA D 112 -30.24 13.68 10.45
N VAL D 113 -29.83 12.78 11.30
CA VAL D 113 -28.46 12.77 11.71
C VAL D 113 -27.76 11.45 11.44
N THR D 114 -28.55 10.40 11.56
CA THR D 114 -28.00 9.11 11.48
C THR D 114 -28.89 8.10 10.91
N VAL D 115 -28.29 7.25 10.12
CA VAL D 115 -29.13 6.22 9.63
C VAL D 115 -28.39 4.92 9.80
N LYS D 116 -29.15 3.88 10.06
CA LYS D 116 -28.62 2.54 10.16
C LYS D 116 -29.45 1.89 9.09
N THR D 117 -28.86 1.01 8.29
CA THR D 117 -29.66 0.34 7.27
C THR D 117 -29.15 -1.08 7.06
N GLU D 118 -29.93 -1.91 6.37
CA GLU D 118 -29.54 -3.31 6.14
C GLU D 118 -30.46 -3.96 5.14
N VAL D 119 -29.93 -4.93 4.41
CA VAL D 119 -30.79 -5.61 3.49
C VAL D 119 -31.54 -6.71 4.19
N ILE D 120 -32.83 -6.71 3.93
CA ILE D 120 -33.61 -7.69 4.60
C ILE D 120 -33.71 -9.02 3.94
N GLY D 121 -33.31 -10.01 4.74
CA GLY D 121 -33.39 -11.39 4.34
C GLY D 121 -32.39 -11.86 3.34
N VAL D 122 -31.14 -11.61 3.63
CA VAL D 122 -30.18 -12.04 2.67
C VAL D 122 -30.16 -13.55 2.56
N THR D 123 -30.32 -14.21 3.71
CA THR D 123 -30.27 -15.68 3.81
C THR D 123 -31.14 -16.36 2.81
N ALA D 124 -32.24 -15.69 2.53
CA ALA D 124 -33.20 -16.20 1.60
C ALA D 124 -32.59 -16.70 0.29
N MET D 125 -31.38 -16.27 -0.04
CA MET D 125 -30.81 -16.73 -1.29
C MET D 125 -30.12 -18.10 -1.15
N LEU D 126 -30.39 -18.74 -0.02
CA LEU D 126 -29.85 -20.06 0.26
C LEU D 126 -30.75 -21.19 -0.24
N ASN D 127 -31.89 -20.82 -0.79
CA ASN D 127 -32.83 -21.76 -1.32
C ASN D 127 -32.26 -22.05 -2.70
N LEU D 128 -31.39 -23.06 -2.77
CA LEU D 128 -30.78 -23.49 -4.03
C LEU D 128 -31.58 -24.61 -4.66
N HIS D 129 -32.81 -24.72 -4.18
CA HIS D 129 -33.71 -25.76 -4.59
C HIS D 129 -35.05 -25.39 -5.20
N SER D 130 -35.60 -24.19 -4.96
CA SER D 130 -36.90 -23.91 -5.58
C SER D 130 -36.69 -23.74 -7.11
N GLY D 131 -37.34 -22.77 -7.76
CA GLY D 131 -37.24 -22.61 -9.23
C GLY D 131 -35.93 -22.83 -9.99
N THR D 132 -34.89 -22.97 -9.19
CA THR D 132 -33.49 -23.20 -9.49
C THR D 132 -33.08 -23.95 -10.74
N GLN D 133 -31.89 -23.62 -11.25
CA GLN D 133 -31.30 -24.39 -12.36
C GLN D 133 -30.10 -25.12 -11.72
N LYS D 134 -29.83 -26.32 -12.19
CA LYS D 134 -28.75 -27.12 -11.68
C LYS D 134 -27.39 -26.54 -12.04
N THR D 135 -26.44 -26.74 -11.13
CA THR D 135 -25.05 -26.32 -11.28
C THR D 135 -24.45 -27.23 -12.34
N HIS D 136 -24.66 -28.52 -12.11
CA HIS D 136 -24.17 -29.61 -12.91
C HIS D 136 -24.62 -30.92 -12.24
N GLU D 137 -24.93 -31.85 -13.06
CA GLU D 137 -25.32 -33.24 -12.74
C GLU D 137 -26.04 -33.53 -11.43
N ASN D 138 -25.38 -33.47 -10.29
CA ASN D 138 -26.42 -33.63 -9.11
C ASN D 138 -26.14 -32.52 -8.12
N GLY D 139 -25.39 -31.56 -8.62
CA GLY D 139 -25.01 -30.44 -7.82
C GLY D 139 -26.22 -29.59 -7.60
N ALA D 140 -26.20 -28.84 -6.51
CA ALA D 140 -27.31 -27.99 -6.16
C ALA D 140 -27.73 -27.00 -7.23
N GLY D 141 -28.38 -25.93 -6.83
CA GLY D 141 -28.78 -24.95 -7.81
C GLY D 141 -27.83 -23.78 -7.93
N LYS D 142 -27.80 -23.19 -9.12
CA LYS D 142 -26.97 -22.03 -9.40
C LYS D 142 -27.69 -20.92 -8.62
N PRO D 143 -27.03 -20.36 -7.59
CA PRO D 143 -27.55 -19.29 -6.73
C PRO D 143 -27.69 -17.98 -7.46
N ILE D 144 -28.32 -17.04 -6.80
CA ILE D 144 -28.49 -15.72 -7.42
C ILE D 144 -27.11 -15.09 -7.49
N GLN D 145 -26.77 -14.55 -8.67
CA GLN D 145 -25.49 -13.92 -8.88
C GLN D 145 -25.51 -13.03 -10.12
N GLY D 146 -24.45 -12.25 -10.31
CA GLY D 146 -24.37 -11.37 -11.46
C GLY D 146 -24.54 -9.90 -11.08
N SER D 147 -24.43 -9.01 -12.07
CA SER D 147 -24.55 -7.55 -11.87
C SER D 147 -25.43 -7.22 -10.70
N ASN D 148 -24.93 -6.42 -9.79
CA ASN D 148 -25.78 -6.05 -8.69
C ASN D 148 -25.55 -4.60 -8.39
N PHE D 149 -26.58 -4.00 -7.80
CA PHE D 149 -26.56 -2.61 -7.42
C PHE D 149 -27.41 -2.46 -6.21
N HIS D 150 -26.78 -1.88 -5.19
CA HIS D 150 -27.42 -1.62 -3.90
C HIS D 150 -27.13 -0.14 -3.63
N PHE D 151 -28.17 0.59 -3.23
CA PHE D 151 -28.03 2.00 -3.07
C PHE D 151 -29.14 2.48 -2.22
N PHE D 152 -28.99 3.67 -1.68
CA PHE D 152 -30.04 4.26 -0.90
C PHE D 152 -29.66 5.68 -0.62
N ALA D 153 -30.61 6.37 0.00
CA ALA D 153 -30.44 7.74 0.33
C ALA D 153 -31.47 8.17 1.33
N VAL D 154 -31.11 9.21 2.06
CA VAL D 154 -31.94 9.75 3.11
C VAL D 154 -31.83 11.24 2.93
N GLY D 155 -32.96 11.94 2.92
CA GLY D 155 -32.89 13.38 2.74
C GLY D 155 -34.13 14.17 3.10
N GLY D 156 -33.92 15.48 3.26
CA GLY D 156 -34.97 16.42 3.64
C GLY D 156 -35.92 16.94 2.57
N GLU D 157 -35.75 16.41 1.35
CA GLU D 157 -36.55 16.74 0.18
C GLU D 157 -36.36 15.57 -0.78
N PRO D 158 -37.11 15.55 -1.88
CA PRO D 158 -36.93 14.41 -2.77
C PRO D 158 -35.59 14.26 -3.42
N LEU D 159 -35.33 13.03 -3.85
CA LEU D 159 -34.08 12.76 -4.50
C LEU D 159 -34.10 13.36 -5.89
N GLU D 160 -32.99 14.01 -6.22
CA GLU D 160 -32.84 14.64 -7.50
C GLU D 160 -32.04 13.73 -8.41
N LEU D 161 -32.60 13.44 -9.56
CA LEU D 161 -31.94 12.57 -10.51
C LEU D 161 -31.37 13.31 -11.64
N GLN D 162 -30.73 12.51 -12.48
CA GLN D 162 -30.09 12.96 -13.68
C GLN D 162 -30.13 11.70 -14.50
N GLY D 163 -30.58 11.87 -15.74
CA GLY D 163 -30.74 10.74 -16.60
C GLY D 163 -29.59 10.57 -17.52
N VAL D 164 -29.28 9.30 -17.70
CA VAL D 164 -28.20 8.89 -18.56
C VAL D 164 -28.58 7.50 -18.91
N LEU D 165 -28.40 7.14 -20.17
CA LEU D 165 -28.72 5.78 -20.60
C LEU D 165 -27.91 5.27 -21.78
N ALA D 166 -27.84 3.95 -21.90
CA ALA D 166 -27.12 3.39 -23.02
C ALA D 166 -28.27 3.24 -23.93
N ASN D 167 -28.06 3.58 -25.20
CA ASN D 167 -29.12 3.44 -26.21
C ASN D 167 -30.28 4.38 -26.01
N TYR D 168 -30.14 5.61 -26.47
CA TYR D 168 -31.22 6.55 -26.28
C TYR D 168 -32.46 6.16 -27.08
N ARG D 169 -32.28 5.21 -27.98
CA ARG D 169 -33.38 4.76 -28.79
C ARG D 169 -34.16 3.63 -28.12
N THR D 170 -33.95 3.44 -26.82
CA THR D 170 -34.69 2.40 -26.16
C THR D 170 -36.09 2.97 -25.96
N LYS D 171 -37.08 2.24 -26.46
CA LYS D 171 -38.48 2.61 -26.36
C LYS D 171 -38.97 2.19 -24.99
N TYR D 172 -39.39 3.18 -24.20
CA TYR D 172 -39.80 2.90 -22.85
C TYR D 172 -41.27 2.72 -22.52
N PRO D 173 -41.58 1.68 -21.74
CA PRO D 173 -42.92 1.31 -21.26
C PRO D 173 -43.69 2.52 -20.82
N ALA D 174 -44.99 2.34 -20.77
CA ALA D 174 -45.87 3.42 -20.46
C ALA D 174 -45.91 3.84 -19.02
N GLN D 175 -45.95 2.85 -18.16
CA GLN D 175 -46.06 3.16 -16.76
C GLN D 175 -44.80 3.69 -16.10
N THR D 176 -43.83 4.10 -16.90
CA THR D 176 -42.54 4.54 -16.39
C THR D 176 -42.14 5.95 -16.72
N VAL D 177 -41.30 6.50 -15.87
CA VAL D 177 -40.80 7.83 -16.10
C VAL D 177 -39.42 7.69 -16.64
N THR D 178 -39.17 8.23 -17.82
CA THR D 178 -37.85 8.13 -18.40
C THR D 178 -37.38 9.46 -18.89
N PRO D 179 -36.10 9.54 -19.25
CA PRO D 179 -35.56 10.81 -19.72
C PRO D 179 -36.33 11.18 -20.94
N LYS D 180 -36.66 12.45 -20.95
CA LYS D 180 -37.45 12.97 -22.03
C LYS D 180 -36.64 13.58 -23.11
N ASN D 181 -37.03 13.30 -24.35
CA ASN D 181 -36.35 13.86 -25.49
C ASN D 181 -34.95 13.34 -25.56
N ALA D 182 -34.82 12.03 -25.60
CA ALA D 182 -33.51 11.41 -25.69
C ALA D 182 -32.77 11.96 -26.91
N THR D 183 -31.46 11.93 -26.88
CA THR D 183 -30.62 12.40 -27.97
C THR D 183 -29.43 11.49 -27.84
N VAL D 184 -28.44 11.65 -28.71
CA VAL D 184 -27.31 10.76 -28.55
C VAL D 184 -26.60 11.12 -27.28
N ASP D 185 -26.66 12.39 -26.94
CA ASP D 185 -26.02 12.88 -25.74
C ASP D 185 -26.53 12.24 -24.45
N SER D 186 -27.72 11.69 -24.51
CA SER D 186 -28.24 11.07 -23.31
C SER D 186 -27.47 9.79 -23.02
N GLN D 187 -26.76 9.30 -24.04
CA GLN D 187 -25.94 8.10 -23.90
C GLN D 187 -24.76 8.50 -23.02
N GLN D 188 -24.64 9.82 -22.80
CA GLN D 188 -23.65 10.42 -21.95
C GLN D 188 -24.30 11.56 -21.10
N MET D 189 -23.54 12.63 -20.81
CA MET D 189 -24.11 13.68 -19.99
C MET D 189 -25.15 14.54 -20.65
N ASN D 190 -26.40 14.10 -20.58
CA ASN D 190 -27.41 14.92 -21.17
C ASN D 190 -28.08 15.78 -20.13
N THR D 191 -27.61 17.00 -20.02
CA THR D 191 -28.14 17.96 -19.06
C THR D 191 -29.64 18.24 -19.04
N ASP D 192 -30.38 17.62 -19.95
CA ASP D 192 -31.81 17.84 -19.98
C ASP D 192 -32.48 16.88 -19.04
N HIS D 193 -31.80 15.80 -18.75
CA HIS D 193 -32.37 14.79 -17.93
C HIS D 193 -32.29 14.97 -16.46
N LYS D 194 -32.70 16.14 -16.02
CA LYS D 194 -32.72 16.36 -14.61
C LYS D 194 -34.16 16.03 -14.19
N ALA D 195 -34.31 15.30 -13.10
CA ALA D 195 -35.64 14.89 -12.68
C ALA D 195 -35.65 14.58 -11.19
N VAL D 196 -36.82 14.29 -10.64
CA VAL D 196 -36.87 13.99 -9.21
C VAL D 196 -37.67 12.74 -8.87
N LEU D 197 -37.04 11.86 -8.10
CA LEU D 197 -37.66 10.61 -7.72
C LEU D 197 -38.82 10.94 -6.81
N ASP D 198 -39.99 11.05 -7.43
CA ASP D 198 -41.22 11.42 -6.75
C ASP D 198 -42.30 10.35 -6.83
N LYS D 199 -41.99 9.26 -7.50
CA LYS D 199 -42.96 8.20 -7.62
C LYS D 199 -42.34 6.82 -7.52
N ASP D 200 -42.80 6.11 -6.51
CA ASP D 200 -42.28 4.78 -6.29
C ASP D 200 -42.57 3.89 -7.47
N ASN D 201 -41.65 2.97 -7.76
CA ASN D 201 -41.78 2.04 -8.88
C ASN D 201 -42.13 2.79 -10.10
N ALA D 202 -41.26 3.67 -10.56
CA ALA D 202 -41.68 4.41 -11.71
C ALA D 202 -40.49 4.74 -12.52
N TYR D 203 -39.50 5.22 -11.81
CA TYR D 203 -38.28 5.58 -12.42
C TYR D 203 -37.43 4.36 -12.38
N PRO D 204 -37.16 3.78 -13.54
CA PRO D 204 -36.36 2.57 -13.73
C PRO D 204 -34.93 2.88 -13.38
N VAL D 205 -34.30 2.05 -12.55
CA VAL D 205 -32.93 2.35 -12.14
C VAL D 205 -32.02 2.52 -13.30
N GLU D 206 -32.32 1.79 -14.36
CA GLU D 206 -31.44 1.88 -15.50
C GLU D 206 -31.50 3.16 -16.31
N CYS D 207 -32.22 4.17 -15.83
CA CYS D 207 -32.29 5.43 -16.56
C CYS D 207 -31.82 6.61 -15.72
N TRP D 208 -31.75 6.38 -14.42
CA TRP D 208 -31.36 7.49 -13.59
C TRP D 208 -30.26 7.20 -12.63
N VAL D 209 -29.81 8.28 -12.02
CA VAL D 209 -28.81 8.26 -11.01
C VAL D 209 -29.00 9.54 -10.26
N PRO D 210 -28.69 9.50 -8.98
CA PRO D 210 -28.84 10.70 -8.18
C PRO D 210 -27.94 11.70 -8.89
N ASP D 211 -28.48 12.88 -9.08
CA ASP D 211 -27.71 13.90 -9.73
C ASP D 211 -26.86 14.56 -8.68
N PRO D 212 -25.57 14.38 -8.81
CA PRO D 212 -24.47 14.86 -7.98
C PRO D 212 -24.36 16.36 -7.81
N SER D 213 -24.67 17.08 -8.89
CA SER D 213 -24.54 18.54 -8.83
C SER D 213 -25.49 19.10 -7.85
N LYS D 214 -26.49 18.29 -7.56
CA LYS D 214 -27.47 18.85 -6.72
C LYS D 214 -28.14 18.22 -5.57
N ASN D 215 -27.84 17.00 -5.17
CA ASN D 215 -28.61 16.61 -4.02
C ASN D 215 -27.99 17.28 -2.84
N GLU D 216 -28.40 18.51 -2.65
CA GLU D 216 -27.78 19.30 -1.62
C GLU D 216 -28.34 19.02 -0.23
N ASN D 217 -29.57 18.52 -0.11
CA ASN D 217 -30.08 18.25 1.27
C ASN D 217 -30.39 16.78 1.52
N THR D 218 -29.73 15.91 0.78
CA THR D 218 -29.92 14.50 0.98
C THR D 218 -28.55 13.82 0.85
N ARG D 219 -28.36 12.63 1.43
CA ARG D 219 -27.08 11.94 1.30
C ARG D 219 -27.38 10.65 0.61
N TYR D 220 -26.51 10.26 -0.30
CA TYR D 220 -26.76 9.02 -0.98
C TYR D 220 -25.53 8.21 -1.08
N PHE D 221 -25.78 6.95 -1.37
CA PHE D 221 -24.72 5.98 -1.44
C PHE D 221 -25.21 4.82 -2.27
N GLY D 222 -24.31 4.29 -3.09
CA GLY D 222 -24.62 3.16 -3.92
C GLY D 222 -23.34 2.64 -4.57
N THR D 223 -23.38 1.39 -5.04
CA THR D 223 -22.24 0.78 -5.70
C THR D 223 -22.60 -0.21 -6.82
N TYR D 224 -22.29 0.16 -8.05
CA TYR D 224 -22.59 -0.73 -9.13
C TYR D 224 -21.49 -1.72 -9.17
N THR D 225 -21.84 -2.94 -9.51
CA THR D 225 -20.84 -3.94 -9.58
C THR D 225 -21.17 -4.81 -10.73
N GLY D 226 -20.94 -4.31 -11.92
CA GLY D 226 -21.25 -5.09 -13.10
C GLY D 226 -20.47 -6.39 -13.13
N GLY D 227 -21.09 -7.42 -13.73
CA GLY D 227 -20.47 -8.73 -13.83
C GLY D 227 -21.47 -9.82 -14.22
N GLU D 228 -21.04 -10.69 -15.11
CA GLU D 228 -21.88 -11.78 -15.58
C GLU D 228 -22.12 -12.76 -14.42
N ASN D 229 -21.10 -12.94 -13.58
CA ASN D 229 -21.21 -13.84 -12.45
C ASN D 229 -20.62 -13.27 -11.16
N VAL D 230 -20.89 -12.00 -10.92
CA VAL D 230 -20.39 -11.40 -9.72
C VAL D 230 -21.19 -11.89 -8.53
N PRO D 231 -20.50 -12.51 -7.59
CA PRO D 231 -21.09 -13.05 -6.38
C PRO D 231 -21.46 -11.88 -5.52
N PRO D 232 -22.67 -11.90 -5.01
CA PRO D 232 -23.02 -10.77 -4.18
C PRO D 232 -22.42 -11.02 -2.81
N VAL D 233 -22.42 -9.98 -2.00
CA VAL D 233 -21.87 -10.12 -0.68
C VAL D 233 -22.66 -9.14 0.08
N LEU D 234 -23.12 -9.53 1.25
CA LEU D 234 -23.96 -8.64 2.04
C LEU D 234 -23.73 -8.91 3.50
N HIS D 235 -23.82 -7.87 4.32
CA HIS D 235 -23.67 -8.07 5.76
C HIS D 235 -24.89 -7.60 6.45
N ILE D 236 -25.07 -8.20 7.59
CA ILE D 236 -26.21 -7.88 8.33
C ILE D 236 -25.58 -7.67 9.71
N THR D 237 -25.85 -6.50 10.27
CA THR D 237 -25.37 -6.19 11.60
C THR D 237 -26.10 -5.05 12.15
N ASN D 238 -26.47 -5.20 13.39
CA ASN D 238 -27.19 -4.14 14.03
C ASN D 238 -26.21 -3.31 14.80
N THR D 239 -24.95 -3.30 14.39
CA THR D 239 -23.99 -2.51 15.16
C THR D 239 -23.42 -1.31 14.46
N ALA D 240 -23.76 -1.15 13.20
CA ALA D 240 -23.22 -0.05 12.44
C ALA D 240 -24.14 1.08 12.07
N THR D 241 -23.60 2.28 12.26
CA THR D 241 -24.30 3.52 11.98
C THR D 241 -23.65 4.37 10.93
N THR D 242 -24.45 5.20 10.28
CA THR D 242 -23.95 6.09 9.28
C THR D 242 -24.32 7.50 9.63
N VAL D 243 -23.35 8.39 9.46
CA VAL D 243 -23.64 9.77 9.77
C VAL D 243 -24.13 10.56 8.58
N LEU D 244 -25.08 11.44 8.82
CA LEU D 244 -25.66 12.22 7.77
C LEU D 244 -25.19 13.65 7.84
N LEU D 245 -24.48 13.99 8.91
CA LEU D 245 -24.02 15.35 9.09
C LEU D 245 -23.12 15.81 7.99
N ASP D 246 -23.33 17.04 7.56
CA ASP D 246 -22.54 17.58 6.48
C ASP D 246 -21.28 18.12 7.03
N GLU D 247 -20.59 18.88 6.20
CA GLU D 247 -19.32 19.46 6.57
C GLU D 247 -19.48 20.35 7.80
N GLN D 248 -20.63 21.00 7.95
CA GLN D 248 -20.81 21.89 9.08
C GLN D 248 -21.49 21.18 10.19
N GLY D 249 -21.65 19.88 10.00
CA GLY D 249 -22.29 19.10 11.02
C GLY D 249 -23.78 19.26 11.03
N VAL D 250 -24.38 19.15 9.85
CA VAL D 250 -25.81 19.25 9.79
C VAL D 250 -26.27 18.20 8.86
N GLY D 251 -27.33 17.52 9.24
CA GLY D 251 -27.80 16.47 8.38
C GLY D 251 -28.86 17.13 7.57
N PRO D 252 -29.50 16.32 6.77
CA PRO D 252 -30.58 16.79 5.91
C PRO D 252 -31.59 17.43 6.83
N LEU D 253 -32.13 18.56 6.39
CA LEU D 253 -33.15 19.29 7.12
C LEU D 253 -34.44 19.02 6.45
N CYS D 254 -35.38 18.47 7.19
CA CYS D 254 -36.69 18.24 6.60
C CYS D 254 -37.39 19.57 6.60
N LYS D 255 -37.19 20.28 5.48
CA LYS D 255 -37.75 21.61 5.22
C LYS D 255 -39.25 21.57 5.34
N ALA D 256 -39.87 20.84 4.41
CA ALA D 256 -41.32 20.61 4.45
C ALA D 256 -41.16 19.50 5.42
N ASP D 257 -42.09 19.34 6.34
CA ASP D 257 -41.85 18.32 7.32
C ASP D 257 -42.08 16.92 6.80
N SER D 258 -41.09 16.48 6.05
CA SER D 258 -41.14 15.21 5.42
C SER D 258 -39.75 14.66 5.38
N LEU D 259 -39.70 13.35 5.40
CA LEU D 259 -38.48 12.65 5.42
C LEU D 259 -38.53 11.76 4.24
N TYR D 260 -37.46 11.76 3.45
CA TYR D 260 -37.47 10.93 2.27
C TYR D 260 -36.40 9.86 2.29
N VAL D 261 -36.86 8.70 1.89
CA VAL D 261 -36.05 7.54 1.90
C VAL D 261 -36.22 6.94 0.57
N SER D 262 -35.12 6.41 0.07
CA SER D 262 -35.11 5.82 -1.25
C SER D 262 -33.98 4.84 -1.20
N ALA D 263 -34.11 3.78 -1.98
CA ALA D 263 -33.10 2.75 -2.03
C ALA D 263 -33.31 1.91 -3.26
N VAL D 264 -32.37 1.02 -3.54
CA VAL D 264 -32.47 0.12 -4.67
C VAL D 264 -31.60 -1.07 -4.35
N ASP D 265 -32.08 -2.28 -4.57
CA ASP D 265 -31.27 -3.44 -4.23
C ASP D 265 -31.34 -4.61 -5.14
N ILE D 266 -30.80 -4.46 -6.34
CA ILE D 266 -30.79 -5.57 -7.24
C ILE D 266 -29.74 -6.47 -6.62
N CYS D 267 -30.14 -7.52 -5.94
CA CYS D 267 -29.17 -8.41 -5.34
C CYS D 267 -28.36 -9.16 -6.40
N GLY D 268 -28.94 -9.29 -7.60
CA GLY D 268 -28.28 -10.00 -8.67
C GLY D 268 -29.29 -10.68 -9.59
N LEU D 269 -28.90 -11.80 -10.19
CA LEU D 269 -29.77 -12.55 -11.11
C LEU D 269 -30.12 -13.98 -10.76
N PHE D 270 -31.41 -14.29 -10.94
CA PHE D 270 -31.91 -15.64 -10.69
C PHE D 270 -31.88 -16.31 -12.03
N THR D 271 -31.21 -17.44 -12.05
CA THR D 271 -31.13 -18.15 -13.28
C THR D 271 -32.01 -19.37 -13.02
N ASN D 272 -33.12 -19.35 -13.75
CA ASN D 272 -34.19 -20.35 -13.71
C ASN D 272 -33.77 -21.70 -14.24
N THR D 273 -34.57 -22.71 -13.92
CA THR D 273 -34.35 -24.06 -14.44
C THR D 273 -34.32 -23.93 -15.97
N SER D 274 -35.20 -23.08 -16.48
CA SER D 274 -35.29 -22.84 -17.92
C SER D 274 -34.06 -22.19 -18.51
N GLY D 275 -33.30 -21.48 -17.69
CA GLY D 275 -32.11 -20.80 -18.20
C GLY D 275 -32.36 -19.30 -18.40
N THR D 276 -33.60 -18.88 -18.16
CA THR D 276 -33.92 -17.48 -18.29
C THR D 276 -33.44 -16.90 -16.99
N GLN D 277 -33.28 -15.59 -17.00
CA GLN D 277 -32.81 -14.93 -15.82
C GLN D 277 -33.68 -13.74 -15.50
N GLN D 278 -33.80 -13.42 -14.22
CA GLN D 278 -34.58 -12.25 -13.82
C GLN D 278 -34.01 -11.66 -12.50
N TRP D 279 -34.02 -10.33 -12.40
CA TRP D 279 -33.51 -9.63 -11.23
C TRP D 279 -34.17 -10.02 -9.95
N LYS D 280 -33.42 -9.95 -8.85
CA LYS D 280 -33.97 -10.23 -7.54
C LYS D 280 -33.65 -9.05 -6.67
N GLY D 281 -34.66 -8.59 -5.93
CA GLY D 281 -34.46 -7.47 -5.04
C GLY D 281 -34.81 -7.89 -3.63
N LEU D 282 -34.37 -7.09 -2.67
CA LEU D 282 -34.68 -7.36 -1.27
C LEU D 282 -35.04 -6.06 -0.64
N PRO D 283 -35.93 -6.13 0.30
CA PRO D 283 -36.33 -4.90 0.95
C PRO D 283 -35.16 -4.43 1.79
N ARG D 284 -35.20 -3.16 2.14
CA ARG D 284 -34.18 -2.55 2.95
C ARG D 284 -34.80 -1.96 4.19
N TYR D 285 -33.99 -1.90 5.25
CA TYR D 285 -34.46 -1.39 6.52
C TYR D 285 -33.80 -0.07 6.83
N PHE D 286 -34.47 0.78 7.61
CA PHE D 286 -33.79 2.01 8.00
C PHE D 286 -34.12 2.39 9.42
N LYS D 287 -33.17 3.07 10.06
CA LYS D 287 -33.36 3.53 11.41
C LYS D 287 -32.72 4.90 11.39
N ILE D 288 -33.60 5.86 11.19
CA ILE D 288 -33.17 7.21 11.14
C ILE D 288 -33.37 7.88 12.46
N THR D 289 -32.41 8.70 12.78
CA THR D 289 -32.42 9.31 14.06
C THR D 289 -32.54 10.78 13.80
N LEU D 290 -33.65 11.32 14.25
CA LEU D 290 -33.95 12.72 14.05
C LEU D 290 -33.82 13.58 15.26
N ARG D 291 -33.52 14.84 15.01
CA ARG D 291 -33.44 15.79 16.11
C ARG D 291 -33.99 17.17 15.69
N LYS D 292 -34.27 18.00 16.69
CA LYS D 292 -34.83 19.31 16.43
C LYS D 292 -33.74 20.35 16.19
N ARG D 293 -33.66 20.87 14.96
CA ARG D 293 -32.63 21.87 14.65
C ARG D 293 -33.12 23.26 14.53
N SER D 294 -32.34 24.15 15.10
CA SER D 294 -32.65 25.54 15.05
C SER D 294 -32.11 26.13 13.74
N VAL D 295 -32.95 26.84 13.00
CA VAL D 295 -32.48 27.44 11.75
C VAL D 295 -33.18 28.74 11.50
N LYS D 296 -32.61 29.63 10.69
CA LYS D 296 -33.26 30.92 10.41
C LYS D 296 -33.89 30.87 9.04
N ASN D 297 -35.00 31.60 8.91
CA ASN D 297 -35.71 31.65 7.65
C ASN D 297 -34.99 32.61 6.74
N PRO D 298 -34.50 32.10 5.62
CA PRO D 298 -33.77 32.82 4.60
C PRO D 298 -34.57 33.89 3.91
N TYR D 299 -35.80 33.55 3.58
CA TYR D 299 -36.72 34.41 2.88
C TYR D 299 -37.40 35.46 3.77
N PRO D 300 -38.06 36.46 3.12
CA PRO D 300 -38.82 37.56 3.74
C PRO D 300 -40.35 37.38 3.61
N ILE D 301 -40.99 37.48 4.78
CA ILE D 301 -42.42 37.30 5.00
C ILE D 301 -43.26 37.83 3.87
N SER D 302 -43.14 39.14 3.69
CA SER D 302 -43.80 39.88 2.63
C SER D 302 -44.01 38.95 1.44
N PHE D 303 -42.91 38.36 1.02
CA PHE D 303 -42.88 37.43 -0.09
C PHE D 303 -43.57 36.15 0.29
N LEU D 304 -43.10 35.55 1.36
CA LEU D 304 -43.66 34.28 1.77
C LEU D 304 -45.17 34.35 1.71
N LEU D 305 -45.69 35.26 2.53
CA LEU D 305 -47.11 35.54 2.63
C LEU D 305 -47.72 35.69 1.26
N SER D 306 -47.23 36.70 0.58
CA SER D 306 -47.71 36.96 -0.73
C SER D 306 -47.71 35.69 -1.57
N ASP D 307 -46.52 35.24 -1.95
CA ASP D 307 -46.35 34.10 -2.82
C ASP D 307 -47.18 32.91 -2.43
N LEU D 308 -47.25 32.66 -1.13
CA LEU D 308 -48.02 31.51 -0.71
C LEU D 308 -49.44 31.76 -1.15
N ILE D 309 -50.00 32.87 -0.65
CA ILE D 309 -51.38 33.29 -0.92
C ILE D 309 -51.62 33.24 -2.40
N ASN D 310 -50.62 33.69 -3.10
CA ASN D 310 -50.64 33.75 -4.53
C ASN D 310 -50.82 32.36 -5.14
N ARG D 311 -50.06 31.40 -4.62
CA ARG D 311 -50.11 30.04 -5.15
C ARG D 311 -51.42 29.39 -4.78
N ARG D 312 -51.82 29.64 -3.53
CA ARG D 312 -53.07 29.12 -2.98
C ARG D 312 -54.26 29.67 -3.74
N THR D 313 -54.12 30.88 -4.26
CA THR D 313 -55.19 31.49 -5.00
C THR D 313 -55.27 31.11 -6.47
N GLN D 314 -56.51 31.11 -6.96
CA GLN D 314 -56.82 30.80 -8.33
C GLN D 314 -56.37 31.89 -9.31
N ARG D 315 -56.16 31.49 -10.56
CA ARG D 315 -55.74 32.45 -11.56
C ARG D 315 -56.95 32.84 -12.30
N VAL D 316 -56.96 34.09 -12.73
CA VAL D 316 -58.10 34.56 -13.47
C VAL D 316 -57.77 35.07 -14.86
N ASP D 317 -58.49 34.51 -15.82
CA ASP D 317 -58.33 34.87 -17.21
C ASP D 317 -59.60 35.66 -17.50
N GLY D 318 -59.42 36.97 -17.49
CA GLY D 318 -60.54 37.83 -17.73
C GLY D 318 -60.07 39.02 -18.49
N GLN D 319 -61.02 39.89 -18.80
CA GLN D 319 -60.76 41.08 -19.58
C GLN D 319 -59.43 41.76 -19.19
N PRO D 320 -58.67 42.14 -20.21
CA PRO D 320 -57.36 42.77 -20.07
C PRO D 320 -57.40 44.08 -19.35
N MET D 321 -56.45 44.25 -18.45
CA MET D 321 -56.35 45.46 -17.67
C MET D 321 -54.91 45.88 -17.74
N ILE D 322 -54.13 45.13 -18.49
CA ILE D 322 -52.73 45.50 -18.55
C ILE D 322 -52.18 45.68 -19.96
N GLY D 323 -51.43 46.77 -20.11
CA GLY D 323 -50.82 47.12 -21.38
C GLY D 323 -51.78 47.11 -22.57
N MET D 324 -51.45 46.25 -23.52
CA MET D 324 -52.17 46.04 -24.77
C MET D 324 -53.58 46.66 -24.83
N SER D 325 -54.57 45.98 -24.24
CA SER D 325 -55.97 46.45 -24.28
C SER D 325 -56.54 46.81 -22.90
N SER D 326 -55.63 47.16 -21.97
CA SER D 326 -55.96 47.56 -20.60
C SER D 326 -57.28 48.28 -20.63
N GLN D 327 -58.29 47.72 -19.98
CA GLN D 327 -59.60 48.37 -19.98
C GLN D 327 -59.65 49.32 -18.79
N VAL D 328 -58.45 49.65 -18.34
CA VAL D 328 -58.26 50.58 -17.28
C VAL D 328 -58.15 51.88 -18.02
N GLU D 329 -59.21 52.67 -17.92
CA GLU D 329 -59.27 53.96 -18.58
C GLU D 329 -58.39 55.06 -17.98
N GLU D 330 -58.03 54.97 -16.70
CA GLU D 330 -57.19 56.00 -16.09
C GLU D 330 -56.94 55.75 -14.62
N VAL D 331 -55.82 56.26 -14.15
CA VAL D 331 -55.48 56.09 -12.77
C VAL D 331 -54.94 57.39 -12.30
N ARG D 332 -55.40 57.83 -11.14
CA ARG D 332 -54.90 59.06 -10.61
C ARG D 332 -54.45 58.73 -9.22
N VAL D 333 -53.54 59.52 -8.71
CA VAL D 333 -53.04 59.27 -7.40
C VAL D 333 -52.83 60.53 -6.66
N TYR D 334 -53.36 60.59 -5.46
CA TYR D 334 -53.22 61.80 -4.70
C TYR D 334 -52.36 61.45 -3.53
N GLU D 335 -51.56 62.40 -3.08
CA GLU D 335 -50.80 62.12 -1.88
C GLU D 335 -51.44 63.00 -0.85
N ASP D 336 -51.06 64.27 -0.81
CA ASP D 336 -51.61 65.13 0.21
C ASP D 336 -52.68 66.12 -0.25
N THR D 337 -52.45 67.37 0.13
CA THR D 337 -53.34 68.47 -0.13
C THR D 337 -52.57 69.72 -0.53
N GLU D 338 -53.31 70.67 -1.05
CA GLU D 338 -52.83 72.01 -1.36
C GLU D 338 -53.92 72.86 -1.97
N GLU D 339 -53.58 74.10 -2.26
CA GLU D 339 -54.51 75.07 -2.82
C GLU D 339 -55.27 74.59 -4.05
N LEU D 340 -56.58 74.42 -3.85
CA LEU D 340 -57.51 73.98 -4.87
C LEU D 340 -57.23 74.59 -6.24
N PRO D 341 -57.28 73.76 -7.28
CA PRO D 341 -57.00 74.18 -8.64
C PRO D 341 -57.77 73.42 -9.76
N GLY D 342 -58.57 74.18 -10.47
CA GLY D 342 -59.33 73.66 -11.59
C GLY D 342 -59.42 74.85 -12.52
N ASP D 343 -58.37 75.68 -12.44
CA ASP D 343 -58.17 77.00 -13.11
C ASP D 343 -57.97 77.21 -14.62
N LYS E 15 21.04 -1.95 38.32
CA LYS E 15 19.69 -2.19 37.82
C LYS E 15 18.95 -3.27 38.63
N LYS E 16 17.73 -2.91 39.01
CA LYS E 16 16.83 -3.73 39.79
C LYS E 16 15.65 -3.93 38.83
N PRO E 17 15.06 -5.14 38.77
CA PRO E 17 13.92 -5.31 37.88
C PRO E 17 12.88 -4.33 38.46
N LYS E 18 11.70 -4.21 37.90
CA LYS E 18 10.83 -3.24 38.52
C LYS E 18 10.01 -3.89 39.63
N GLU E 19 8.89 -4.46 39.23
CA GLU E 19 8.02 -5.16 40.14
C GLU E 19 7.04 -5.86 39.22
N PRO E 20 6.72 -7.13 39.53
CA PRO E 20 5.76 -7.86 38.69
C PRO E 20 4.53 -6.94 38.57
N VAL E 21 4.14 -6.61 37.34
CA VAL E 21 3.01 -5.71 37.10
C VAL E 21 1.65 -6.30 37.47
N GLN E 22 0.79 -5.48 38.09
CA GLN E 22 -0.54 -5.94 38.51
C GLN E 22 -1.62 -6.15 37.46
N VAL E 23 -1.72 -7.40 37.02
CA VAL E 23 -2.70 -7.83 36.05
C VAL E 23 -4.02 -8.09 36.81
N PRO E 24 -5.09 -8.47 36.11
CA PRO E 24 -6.32 -8.73 36.84
C PRO E 24 -6.11 -10.06 37.56
N LYS E 25 -6.55 -10.12 38.81
CA LYS E 25 -6.39 -11.31 39.62
C LYS E 25 -7.45 -12.35 39.36
N LEU E 26 -7.07 -13.47 38.74
CA LEU E 26 -8.05 -14.53 38.53
C LEU E 26 -8.46 -14.94 39.92
N VAL E 27 -9.65 -15.50 40.08
CA VAL E 27 -10.03 -15.89 41.41
C VAL E 27 -10.44 -17.32 41.41
N ILE E 28 -10.84 -17.80 40.26
CA ILE E 28 -11.24 -19.17 40.20
C ILE E 28 -11.53 -19.48 38.78
N LYS E 29 -11.22 -20.70 38.43
CA LYS E 29 -11.36 -21.16 37.08
C LYS E 29 -12.22 -22.37 37.19
N GLY E 30 -12.55 -22.98 36.06
CA GLY E 30 -13.37 -24.16 36.09
C GLY E 30 -14.35 -24.22 34.95
N GLY E 31 -15.44 -24.94 35.18
CA GLY E 31 -16.49 -25.13 34.20
C GLY E 31 -17.73 -24.30 34.54
N ILE E 32 -18.84 -24.60 33.87
CA ILE E 32 -20.03 -23.80 34.06
C ILE E 32 -20.41 -23.61 35.52
N GLU E 33 -20.33 -24.71 36.24
CA GLU E 33 -20.68 -24.70 37.63
C GLU E 33 -19.97 -23.61 38.40
N VAL E 34 -18.74 -23.31 38.01
CA VAL E 34 -17.96 -22.31 38.72
C VAL E 34 -18.74 -21.07 39.01
N LEU E 35 -19.64 -20.74 38.09
CA LEU E 35 -20.46 -19.55 38.17
C LEU E 35 -21.08 -19.31 39.52
N GLY E 36 -21.46 -20.41 40.16
CA GLY E 36 -22.09 -20.37 41.46
C GLY E 36 -21.43 -19.64 42.62
N VAL E 37 -20.17 -19.25 42.51
CA VAL E 37 -19.60 -18.57 43.67
C VAL E 37 -19.83 -17.08 43.82
N LYS E 38 -20.13 -16.69 45.04
CA LYS E 38 -20.37 -15.30 45.36
C LYS E 38 -19.03 -14.66 45.17
N THR E 39 -19.04 -13.51 44.49
CA THR E 39 -17.84 -12.77 44.17
C THR E 39 -18.15 -11.31 44.34
N GLY E 40 -17.09 -10.49 44.36
CA GLY E 40 -17.29 -9.07 44.52
C GLY E 40 -18.26 -8.50 43.48
N VAL E 41 -18.77 -7.33 43.77
CA VAL E 41 -19.66 -6.66 42.84
C VAL E 41 -18.87 -6.27 41.59
N ASP E 42 -17.56 -6.19 41.76
CA ASP E 42 -16.68 -5.82 40.66
C ASP E 42 -15.98 -7.00 40.04
N SER E 43 -16.43 -8.22 40.32
CA SER E 43 -15.76 -9.35 39.70
C SER E 43 -16.24 -9.36 38.27
N PHE E 44 -15.83 -10.38 37.52
CA PHE E 44 -16.26 -10.55 36.15
C PHE E 44 -15.81 -11.87 35.64
N THR E 45 -16.45 -12.35 34.61
CA THR E 45 -16.04 -13.64 34.20
C THR E 45 -16.01 -13.75 32.73
N GLU E 46 -15.30 -14.77 32.33
CA GLU E 46 -15.14 -15.09 30.97
C GLU E 46 -15.76 -16.43 30.84
N VAL E 47 -16.46 -16.63 29.75
CA VAL E 47 -17.13 -17.87 29.50
C VAL E 47 -16.78 -18.41 28.14
N GLU E 48 -15.86 -19.37 28.11
CA GLU E 48 -15.48 -19.96 26.83
C GLU E 48 -16.55 -21.00 26.58
N CYS E 49 -16.86 -21.29 25.33
CA CYS E 49 -17.89 -22.27 25.02
C CYS E 49 -18.04 -22.38 23.52
N PHE E 50 -19.05 -23.11 23.06
CA PHE E 50 -19.20 -23.21 21.63
C PHE E 50 -20.48 -23.82 21.20
N LEU E 51 -20.69 -23.83 19.87
CA LEU E 51 -21.90 -24.38 19.28
C LEU E 51 -21.54 -25.15 18.08
N ASN E 52 -22.24 -26.24 17.90
CA ASN E 52 -22.02 -27.08 16.76
C ASN E 52 -22.98 -26.65 15.69
N PRO E 53 -22.66 -27.01 14.47
CA PRO E 53 -23.46 -26.69 13.30
C PRO E 53 -24.55 -27.65 13.01
N GLN E 54 -25.64 -27.14 12.50
CA GLN E 54 -26.76 -27.97 12.16
C GLN E 54 -26.95 -27.84 10.68
N MET E 55 -26.24 -28.65 9.93
CA MET E 55 -26.38 -28.56 8.49
C MET E 55 -27.45 -29.48 7.96
N GLY E 56 -28.01 -30.28 8.86
CA GLY E 56 -29.04 -31.25 8.49
C GLY E 56 -28.69 -32.59 9.13
N ASN E 57 -27.48 -33.07 8.84
CA ASN E 57 -26.92 -34.32 9.35
C ASN E 57 -27.66 -35.57 8.90
N PRO E 58 -27.71 -35.84 7.57
CA PRO E 58 -28.40 -37.01 7.03
C PRO E 58 -28.25 -38.32 7.81
N ASP E 59 -27.10 -38.97 7.69
CA ASP E 59 -26.89 -40.21 8.39
C ASP E 59 -26.18 -39.93 9.72
N GLU E 60 -25.60 -40.96 10.33
CA GLU E 60 -24.95 -40.76 11.61
C GLU E 60 -23.48 -40.48 11.46
N HIS E 61 -22.98 -40.55 10.24
CA HIS E 61 -21.58 -40.33 9.99
C HIS E 61 -21.39 -38.93 9.43
N GLN E 62 -22.33 -38.52 8.59
CA GLN E 62 -22.23 -37.22 8.00
C GLN E 62 -22.64 -36.05 8.89
N LYS E 63 -22.17 -36.05 10.13
CA LYS E 63 -22.43 -34.92 11.00
C LYS E 63 -21.71 -33.71 10.37
N GLY E 64 -22.31 -32.54 10.50
CA GLY E 64 -21.74 -31.34 9.91
C GLY E 64 -21.99 -31.23 8.40
N LEU E 65 -22.96 -31.95 7.90
CA LEU E 65 -23.22 -31.88 6.49
C LEU E 65 -24.69 -31.87 6.22
N SER E 66 -25.12 -31.22 5.15
CA SER E 66 -26.54 -31.23 4.87
C SER E 66 -26.76 -32.52 4.11
N LYS E 67 -28.01 -32.85 3.87
CA LYS E 67 -28.32 -34.04 3.12
C LYS E 67 -28.00 -33.61 1.71
N SER E 68 -27.77 -34.58 0.86
CA SER E 68 -27.47 -34.32 -0.54
C SER E 68 -28.44 -33.24 -1.00
N LEU E 69 -27.90 -32.17 -1.55
CA LEU E 69 -28.77 -31.09 -1.97
C LEU E 69 -29.51 -31.27 -3.28
N ALA E 70 -30.79 -30.91 -3.18
CA ALA E 70 -31.77 -30.96 -4.26
C ALA E 70 -31.63 -29.79 -5.20
N ALA E 71 -32.04 -29.97 -6.44
CA ALA E 71 -31.84 -28.91 -7.40
C ALA E 71 -32.95 -28.18 -8.14
N GLU E 72 -33.47 -28.76 -9.21
CA GLU E 72 -34.44 -28.08 -10.05
C GLU E 72 -35.96 -28.09 -9.72
N LYS E 73 -36.30 -28.48 -8.47
CA LYS E 73 -37.69 -28.56 -7.98
C LYS E 73 -38.65 -27.51 -8.53
N GLN E 74 -39.81 -27.96 -8.97
CA GLN E 74 -40.78 -27.02 -9.49
C GLN E 74 -41.22 -26.21 -8.27
N PHE E 75 -41.61 -24.95 -8.50
CA PHE E 75 -42.02 -24.03 -7.44
C PHE E 75 -43.15 -24.57 -6.59
N THR E 76 -44.17 -25.04 -7.28
CA THR E 76 -45.35 -25.56 -6.64
C THR E 76 -45.06 -26.85 -5.90
N ASP E 77 -44.05 -27.58 -6.35
CA ASP E 77 -43.71 -28.82 -5.70
C ASP E 77 -42.38 -28.77 -4.94
N ASP E 78 -42.14 -27.68 -4.22
CA ASP E 78 -40.89 -27.61 -3.52
C ASP E 78 -41.05 -28.06 -2.08
N SER E 79 -40.71 -29.30 -1.82
CA SER E 79 -40.83 -29.77 -0.46
C SER E 79 -39.54 -30.38 -0.01
N PRO E 80 -38.59 -29.55 0.37
CA PRO E 80 -37.29 -30.01 0.84
C PRO E 80 -37.48 -30.87 2.09
N ASP E 81 -36.42 -31.51 2.54
CA ASP E 81 -36.44 -32.38 3.73
C ASP E 81 -35.67 -31.67 4.78
N LYS E 82 -36.06 -31.82 6.03
CA LYS E 82 -35.35 -31.11 7.08
C LYS E 82 -33.86 -31.28 7.03
N GLU E 83 -33.41 -32.43 6.58
CA GLU E 83 -31.98 -32.67 6.53
C GLU E 83 -31.28 -31.88 5.44
N GLN E 84 -32.06 -31.26 4.56
CA GLN E 84 -31.43 -30.45 3.52
C GLN E 84 -31.50 -28.97 3.89
N LEU E 85 -32.05 -28.70 5.07
CA LEU E 85 -32.19 -27.34 5.51
C LEU E 85 -31.34 -27.00 6.70
N PRO E 86 -30.25 -26.29 6.45
CA PRO E 86 -29.40 -25.94 7.59
C PRO E 86 -30.21 -24.96 8.40
N CYS E 87 -29.97 -24.99 9.71
CA CYS E 87 -30.67 -24.13 10.65
C CYS E 87 -29.80 -23.41 11.63
N TYR E 88 -30.35 -22.34 12.18
CA TYR E 88 -29.62 -21.57 13.16
C TYR E 88 -29.44 -22.47 14.35
N SER E 89 -28.18 -22.54 14.78
CA SER E 89 -27.77 -23.30 15.95
C SER E 89 -27.87 -22.25 17.08
N VAL E 90 -28.53 -22.59 18.18
CA VAL E 90 -28.66 -21.62 19.27
C VAL E 90 -28.41 -22.26 20.64
N ALA E 91 -28.30 -21.44 21.70
CA ALA E 91 -28.09 -21.96 23.05
C ALA E 91 -28.21 -20.92 24.17
N ARG E 92 -28.57 -21.38 25.37
CA ARG E 92 -28.73 -20.45 26.47
C ARG E 92 -27.77 -20.75 27.58
N ILE E 93 -27.11 -19.72 28.06
CA ILE E 93 -26.18 -19.90 29.12
C ILE E 93 -26.68 -19.21 30.34
N PRO E 94 -27.05 -20.03 31.30
CA PRO E 94 -27.60 -19.84 32.64
C PRO E 94 -26.70 -19.13 33.56
N LEU E 95 -27.03 -17.90 33.88
CA LEU E 95 -26.19 -17.20 34.84
C LEU E 95 -26.95 -17.11 36.12
N PRO E 96 -26.26 -17.02 37.23
CA PRO E 96 -26.96 -16.93 38.50
C PRO E 96 -27.50 -15.55 38.78
N ASN E 97 -28.66 -15.45 39.45
CA ASN E 97 -29.20 -14.12 39.80
C ASN E 97 -28.22 -13.47 40.76
N ILE E 98 -28.12 -12.16 40.68
CA ILE E 98 -27.16 -11.46 41.46
C ILE E 98 -27.74 -10.65 42.60
N ASN E 99 -29.03 -10.43 42.51
CA ASN E 99 -29.70 -9.63 43.50
C ASN E 99 -30.23 -10.30 44.76
N GLU E 100 -29.69 -9.82 45.89
CA GLU E 100 -30.06 -10.22 47.26
C GLU E 100 -30.05 -8.87 47.95
N ASP E 101 -30.05 -7.84 47.09
CA ASP E 101 -30.01 -6.42 47.42
C ASP E 101 -31.43 -5.95 47.79
N LEU E 102 -31.58 -5.78 49.10
CA LEU E 102 -32.82 -5.47 49.79
C LEU E 102 -34.12 -4.88 49.19
N THR E 103 -34.22 -3.55 49.17
CA THR E 103 -35.46 -2.92 48.74
C THR E 103 -35.61 -2.71 47.24
N CYS E 104 -35.60 -1.43 46.87
CA CYS E 104 -35.75 -1.03 45.48
C CYS E 104 -34.46 -0.38 44.99
N GLY E 105 -34.24 -0.48 43.68
CA GLY E 105 -33.12 0.16 43.02
C GLY E 105 -31.79 -0.54 42.82
N ASN E 106 -31.35 -1.29 43.82
CA ASN E 106 -30.09 -2.00 43.71
C ASN E 106 -30.32 -3.25 42.91
N ILE E 107 -30.24 -3.15 41.60
CA ILE E 107 -30.45 -4.32 40.81
C ILE E 107 -29.21 -4.51 40.01
N LEU E 108 -28.80 -5.75 39.84
CA LEU E 108 -27.58 -6.03 39.11
C LEU E 108 -27.89 -7.08 38.11
N MET E 109 -27.55 -6.79 36.87
CA MET E 109 -27.78 -7.76 35.82
C MET E 109 -26.44 -8.12 35.16
N TRP E 110 -26.39 -9.31 34.60
CA TRP E 110 -25.20 -9.75 33.91
C TRP E 110 -25.08 -9.04 32.58
N GLU E 111 -24.01 -8.26 32.41
CA GLU E 111 -23.79 -7.57 31.15
C GLU E 111 -22.68 -8.13 30.30
N ALA E 112 -23.01 -8.45 29.05
CA ALA E 112 -22.04 -8.96 28.09
C ALA E 112 -21.38 -7.74 27.57
N VAL E 113 -20.08 -7.85 27.42
CA VAL E 113 -19.29 -6.73 27.02
C VAL E 113 -18.44 -6.96 25.79
N THR E 114 -17.88 -8.16 25.78
CA THR E 114 -16.97 -8.50 24.76
C THR E 114 -17.10 -9.89 24.31
N VAL E 115 -16.72 -10.09 23.06
CA VAL E 115 -16.77 -11.43 22.64
C VAL E 115 -15.70 -11.69 21.67
N LYS E 116 -15.08 -12.85 21.81
CA LYS E 116 -14.05 -13.28 20.86
C LYS E 116 -14.67 -14.53 20.27
N THR E 117 -14.56 -14.73 18.97
CA THR E 117 -15.17 -15.95 18.43
C THR E 117 -14.32 -16.42 17.28
N GLU E 118 -14.51 -17.66 16.87
CA GLU E 118 -13.72 -18.21 15.78
C GLU E 118 -14.36 -19.47 15.32
N VAL E 119 -14.18 -19.77 14.04
CA VAL E 119 -14.71 -20.99 13.50
C VAL E 119 -13.73 -22.10 13.74
N ILE E 120 -14.24 -23.24 14.16
CA ILE E 120 -13.32 -24.31 14.41
C ILE E 120 -13.08 -25.26 13.27
N GLY E 121 -11.77 -25.56 13.13
CA GLY E 121 -11.33 -26.52 12.16
C GLY E 121 -11.47 -26.05 10.75
N VAL E 122 -11.03 -24.84 10.58
CA VAL E 122 -11.11 -24.29 9.26
C VAL E 122 -10.19 -25.15 8.37
N THR E 123 -9.11 -25.68 8.97
CA THR E 123 -8.13 -26.51 8.24
C THR E 123 -8.74 -27.76 7.69
N ALA E 124 -9.67 -28.30 8.45
CA ALA E 124 -10.31 -29.52 8.04
C ALA E 124 -10.63 -29.55 6.57
N MET E 125 -10.99 -28.40 6.02
CA MET E 125 -11.37 -28.32 4.63
C MET E 125 -10.28 -28.64 3.64
N LEU E 126 -9.10 -28.94 4.20
CA LEU E 126 -7.92 -29.30 3.44
C LEU E 126 -7.89 -30.77 2.97
N ASN E 127 -8.61 -31.66 3.65
CA ASN E 127 -8.68 -33.07 3.26
C ASN E 127 -9.25 -33.18 1.83
N LEU E 128 -8.43 -32.99 0.80
CA LEU E 128 -8.94 -33.10 -0.58
C LEU E 128 -8.97 -34.52 -1.09
N HIS E 129 -9.03 -35.46 -0.15
CA HIS E 129 -8.96 -36.85 -0.49
C HIS E 129 -9.97 -37.79 0.09
N SER E 130 -10.98 -37.32 0.81
CA SER E 130 -11.94 -38.31 1.26
C SER E 130 -12.99 -38.26 0.13
N GLY E 131 -14.28 -38.21 0.45
CA GLY E 131 -15.30 -38.21 -0.59
C GLY E 131 -15.08 -37.39 -1.86
N THR E 132 -14.13 -36.47 -1.80
CA THR E 132 -13.81 -35.56 -2.90
C THR E 132 -14.02 -35.97 -4.34
N GLN E 133 -14.65 -35.10 -5.12
CA GLN E 133 -14.78 -35.39 -6.54
C GLN E 133 -13.41 -34.99 -7.10
N LYS E 134 -13.12 -35.34 -8.34
CA LYS E 134 -11.86 -35.02 -8.95
C LYS E 134 -11.87 -33.61 -9.50
N THR E 135 -10.81 -32.86 -9.26
CA THR E 135 -10.66 -31.51 -9.79
C THR E 135 -10.69 -31.71 -11.32
N HIS E 136 -9.92 -32.69 -11.76
CA HIS E 136 -9.78 -33.04 -13.18
C HIS E 136 -8.71 -34.17 -13.24
N GLU E 137 -8.74 -34.91 -14.34
CA GLU E 137 -7.82 -36.05 -14.70
C GLU E 137 -7.11 -36.74 -13.48
N ASN E 138 -6.11 -36.20 -12.81
CA ASN E 138 -5.53 -36.96 -11.63
C ASN E 138 -5.27 -35.95 -10.52
N GLY E 139 -5.93 -34.81 -10.71
CA GLY E 139 -5.87 -33.70 -9.79
C GLY E 139 -6.56 -34.09 -8.51
N ALA E 140 -6.39 -33.29 -7.46
CA ALA E 140 -6.96 -33.60 -6.17
C ALA E 140 -8.45 -33.33 -6.14
N GLY E 141 -9.03 -33.36 -4.95
CA GLY E 141 -10.46 -33.12 -4.87
C GLY E 141 -10.90 -31.67 -5.05
N LYS E 142 -12.07 -31.47 -5.65
CA LYS E 142 -12.61 -30.12 -5.79
C LYS E 142 -12.92 -29.86 -4.32
N PRO E 143 -12.27 -28.85 -3.73
CA PRO E 143 -12.48 -28.51 -2.33
C PRO E 143 -13.82 -27.86 -2.14
N ILE E 144 -14.17 -27.61 -0.90
CA ILE E 144 -15.43 -26.96 -0.65
C ILE E 144 -15.39 -25.53 -1.14
N GLN E 145 -16.47 -25.10 -1.77
CA GLN E 145 -16.59 -23.73 -2.26
C GLN E 145 -18.06 -23.40 -2.47
N GLY E 146 -18.35 -22.36 -3.25
CA GLY E 146 -19.73 -21.96 -3.47
C GLY E 146 -20.29 -21.07 -2.36
N SER E 147 -21.56 -20.67 -2.49
CA SER E 147 -22.23 -19.80 -1.52
C SER E 147 -21.86 -20.12 -0.08
N ASN E 148 -21.82 -19.12 0.77
CA ASN E 148 -21.49 -19.39 2.15
C ASN E 148 -22.01 -18.25 3.00
N PHE E 149 -22.19 -18.54 4.29
CA PHE E 149 -22.70 -17.51 5.19
C PHE E 149 -22.42 -17.89 6.61
N HIS E 150 -21.79 -16.93 7.28
CA HIS E 150 -21.39 -17.08 8.66
C HIS E 150 -22.01 -15.89 9.32
N PHE E 151 -22.55 -16.15 10.49
CA PHE E 151 -23.25 -15.13 11.22
C PHE E 151 -23.17 -15.57 12.63
N PHE E 152 -23.52 -14.67 13.52
CA PHE E 152 -23.54 -15.00 14.89
C PHE E 152 -24.07 -13.82 15.64
N ALA E 153 -24.42 -14.07 16.88
CA ALA E 153 -24.96 -13.04 17.68
C ALA E 153 -24.89 -13.41 19.13
N VAL E 154 -24.83 -12.39 19.97
CA VAL E 154 -24.76 -12.58 21.38
C VAL E 154 -25.72 -11.59 22.01
N GLY E 155 -26.59 -12.07 22.90
CA GLY E 155 -27.53 -11.16 23.53
C GLY E 155 -28.15 -11.63 24.83
N GLY E 156 -28.78 -10.70 25.55
CA GLY E 156 -29.43 -10.99 26.83
C GLY E 156 -30.87 -11.48 26.78
N GLU E 157 -31.34 -11.84 25.58
CA GLU E 157 -32.66 -12.38 25.29
C GLU E 157 -32.49 -13.18 24.04
N PRO E 158 -33.51 -13.96 23.69
CA PRO E 158 -33.39 -14.75 22.46
C PRO E 158 -33.31 -13.82 21.29
N LEU E 159 -32.81 -14.36 20.22
CA LEU E 159 -32.64 -13.58 19.04
C LEU E 159 -33.95 -13.44 18.30
N GLU E 160 -34.40 -12.21 18.09
CA GLU E 160 -35.64 -11.96 17.37
C GLU E 160 -35.43 -12.05 15.87
N LEU E 161 -36.36 -12.70 15.21
CA LEU E 161 -36.22 -12.87 13.78
C LEU E 161 -37.28 -12.19 13.00
N GLN E 162 -37.18 -12.41 11.71
CA GLN E 162 -38.08 -11.89 10.73
C GLN E 162 -37.84 -12.85 9.62
N GLY E 163 -38.89 -13.50 9.20
CA GLY E 163 -38.70 -14.47 8.17
C GLY E 163 -38.97 -13.80 6.88
N VAL E 164 -38.39 -14.37 5.86
CA VAL E 164 -38.61 -13.85 4.56
C VAL E 164 -38.03 -14.87 3.64
N LEU E 165 -38.69 -15.12 2.50
CA LEU E 165 -38.23 -16.15 1.58
C LEU E 165 -38.47 -16.06 0.09
N ALA E 166 -37.75 -16.89 -0.65
CA ALA E 166 -37.94 -16.95 -2.09
C ALA E 166 -38.88 -18.12 -2.17
N ASN E 167 -39.89 -17.98 -3.02
CA ASN E 167 -40.91 -19.01 -3.20
C ASN E 167 -41.62 -19.31 -1.92
N TYR E 168 -42.61 -18.49 -1.59
CA TYR E 168 -43.37 -18.70 -0.38
C TYR E 168 -44.14 -20.01 -0.45
N ARG E 169 -44.36 -20.50 -1.66
CA ARG E 169 -45.07 -21.75 -1.87
C ARG E 169 -44.24 -22.98 -1.46
N THR E 170 -43.10 -22.76 -0.83
CA THR E 170 -42.29 -23.89 -0.44
C THR E 170 -42.95 -24.62 0.72
N LYS E 171 -42.94 -25.93 0.63
CA LYS E 171 -43.55 -26.82 1.60
C LYS E 171 -42.52 -27.23 2.64
N TYR E 172 -42.75 -26.79 3.87
CA TYR E 172 -41.75 -27.06 4.88
C TYR E 172 -41.76 -28.26 5.80
N PRO E 173 -40.71 -29.08 5.69
CA PRO E 173 -40.46 -30.29 6.45
C PRO E 173 -40.94 -30.16 7.86
N ALA E 174 -41.65 -31.17 8.29
CA ALA E 174 -42.27 -31.24 9.58
C ALA E 174 -41.68 -30.57 10.82
N GLN E 175 -40.45 -30.90 11.14
CA GLN E 175 -39.82 -30.37 12.34
C GLN E 175 -39.35 -28.93 12.27
N THR E 176 -39.46 -28.36 11.08
CA THR E 176 -39.03 -27.01 10.84
C THR E 176 -40.02 -25.95 11.29
N VAL E 177 -39.47 -24.88 11.84
CA VAL E 177 -40.29 -23.76 12.21
C VAL E 177 -40.09 -22.82 11.04
N THR E 178 -41.16 -22.45 10.36
CA THR E 178 -41.04 -21.57 9.22
C THR E 178 -42.05 -20.47 9.32
N PRO E 179 -41.92 -19.44 8.46
CA PRO E 179 -42.89 -18.36 8.53
C PRO E 179 -44.25 -18.93 8.26
N LYS E 180 -45.17 -18.59 9.15
CA LYS E 180 -46.51 -19.10 9.02
C LYS E 180 -47.42 -18.23 8.24
N ASN E 181 -48.17 -18.88 7.35
CA ASN E 181 -49.12 -18.21 6.50
C ASN E 181 -48.40 -17.37 5.49
N ALA E 182 -47.49 -18.03 4.79
CA ALA E 182 -46.71 -17.38 3.75
C ALA E 182 -47.61 -16.74 2.72
N THR E 183 -47.07 -15.83 1.91
CA THR E 183 -47.82 -15.11 0.87
C THR E 183 -46.81 -14.58 -0.13
N VAL E 184 -47.28 -13.91 -1.16
CA VAL E 184 -46.33 -13.36 -2.13
C VAL E 184 -45.41 -12.38 -1.47
N ASP E 185 -45.95 -11.67 -0.49
CA ASP E 185 -45.21 -10.69 0.26
C ASP E 185 -44.19 -11.33 1.17
N SER E 186 -44.33 -12.60 1.44
CA SER E 186 -43.30 -13.23 2.25
C SER E 186 -42.04 -13.29 1.40
N GLN E 187 -42.22 -13.19 0.08
CA GLN E 187 -41.10 -13.23 -0.86
C GLN E 187 -40.28 -11.97 -0.70
N GLN E 188 -40.89 -11.00 -0.02
CA GLN E 188 -40.28 -9.72 0.30
C GLN E 188 -40.66 -9.38 1.75
N MET E 189 -40.86 -8.11 2.08
CA MET E 189 -41.16 -7.80 3.48
C MET E 189 -42.52 -8.14 4.01
N ASN E 190 -42.58 -9.21 4.76
CA ASN E 190 -43.85 -9.58 5.29
C ASN E 190 -43.89 -9.44 6.81
N THR E 191 -44.35 -8.29 7.25
CA THR E 191 -44.42 -7.94 8.66
C THR E 191 -44.94 -9.02 9.56
N ASP E 192 -45.64 -9.98 8.99
CA ASP E 192 -46.18 -11.04 9.80
C ASP E 192 -45.16 -11.97 10.40
N HIS E 193 -44.14 -12.27 9.61
CA HIS E 193 -43.09 -13.18 10.01
C HIS E 193 -42.07 -12.76 11.04
N LYS E 194 -42.57 -12.32 12.18
CA LYS E 194 -41.71 -11.97 13.28
C LYS E 194 -41.62 -13.27 14.07
N ALA E 195 -40.53 -13.46 14.80
CA ALA E 195 -40.36 -14.70 15.54
C ALA E 195 -39.24 -14.57 16.52
N VAL E 196 -38.82 -15.70 17.05
CA VAL E 196 -37.73 -15.70 18.00
C VAL E 196 -37.09 -17.08 18.04
N LEU E 197 -35.81 -17.10 17.71
CA LEU E 197 -35.03 -18.32 17.67
C LEU E 197 -34.92 -18.81 19.08
N ASP E 198 -35.70 -19.85 19.38
CA ASP E 198 -35.77 -20.49 20.70
C ASP E 198 -35.51 -22.00 20.57
N LYS E 199 -35.31 -22.46 19.34
CA LYS E 199 -35.06 -23.86 19.13
C LYS E 199 -33.90 -24.20 18.20
N ASP E 200 -32.98 -24.92 18.82
CA ASP E 200 -31.80 -25.32 18.11
C ASP E 200 -32.17 -26.24 16.97
N ASN E 201 -31.45 -26.12 15.88
CA ASN E 201 -31.72 -26.99 14.77
C ASN E 201 -33.18 -26.87 14.43
N ALA E 202 -33.75 -25.69 14.51
CA ALA E 202 -35.16 -25.66 14.20
C ALA E 202 -35.50 -24.74 13.11
N TYR E 203 -35.01 -23.53 13.26
CA TYR E 203 -35.29 -22.52 12.29
C TYR E 203 -34.25 -22.59 11.20
N PRO E 204 -34.66 -22.93 9.98
CA PRO E 204 -33.70 -23.03 8.86
C PRO E 204 -33.17 -21.66 8.50
N VAL E 205 -31.89 -21.57 8.25
CA VAL E 205 -31.35 -20.25 7.96
C VAL E 205 -31.86 -19.75 6.66
N GLU E 206 -32.33 -20.63 5.81
CA GLU E 206 -32.76 -20.10 4.56
C GLU E 206 -34.11 -19.41 4.60
N CYS E 207 -34.66 -19.30 5.82
CA CYS E 207 -35.98 -18.70 6.03
C CYS E 207 -36.01 -17.45 6.85
N TRP E 208 -35.02 -17.29 7.70
CA TRP E 208 -35.03 -16.14 8.56
C TRP E 208 -33.73 -15.43 8.58
N VAL E 209 -33.79 -14.24 9.15
CA VAL E 209 -32.63 -13.40 9.35
C VAL E 209 -33.08 -12.64 10.57
N PRO E 210 -32.10 -12.18 11.35
CA PRO E 210 -32.34 -11.41 12.58
C PRO E 210 -33.11 -10.21 12.16
N ASP E 211 -34.10 -9.86 12.96
CA ASP E 211 -34.92 -8.72 12.64
C ASP E 211 -34.35 -7.45 13.25
N PRO E 212 -33.93 -6.52 12.38
CA PRO E 212 -33.33 -5.22 12.69
C PRO E 212 -34.19 -4.30 13.48
N SER E 213 -35.43 -4.27 13.06
CA SER E 213 -36.39 -3.42 13.68
C SER E 213 -36.39 -3.64 15.16
N LYS E 214 -36.05 -4.88 15.50
CA LYS E 214 -36.14 -5.19 16.86
C LYS E 214 -35.12 -5.90 17.66
N ASN E 215 -33.88 -6.06 17.26
CA ASN E 215 -33.10 -6.81 18.25
C ASN E 215 -32.47 -5.89 19.30
N GLU E 216 -33.31 -5.11 19.95
CA GLU E 216 -32.78 -4.12 20.87
C GLU E 216 -31.76 -4.58 21.99
N ASN E 217 -31.67 -5.87 22.34
CA ASN E 217 -30.71 -6.27 23.42
C ASN E 217 -29.73 -7.41 23.08
N THR E 218 -29.41 -7.55 21.81
CA THR E 218 -28.48 -8.54 21.35
C THR E 218 -27.67 -7.85 20.21
N ARG E 219 -26.50 -8.37 19.85
CA ARG E 219 -25.74 -7.78 18.76
C ARG E 219 -25.53 -8.94 17.88
N TYR E 220 -25.49 -8.69 16.60
CA TYR E 220 -25.30 -9.77 15.73
C TYR E 220 -24.62 -9.22 14.55
N PHE E 221 -24.00 -10.14 13.86
CA PHE E 221 -23.21 -9.79 12.75
C PHE E 221 -23.23 -11.02 11.94
N GLY E 222 -23.26 -10.83 10.63
CA GLY E 222 -23.24 -11.96 9.75
C GLY E 222 -22.99 -11.42 8.38
N THR E 223 -22.50 -12.29 7.50
CA THR E 223 -22.24 -11.90 6.15
C THR E 223 -22.44 -13.08 5.21
N TYR E 224 -23.12 -12.77 4.12
CA TYR E 224 -23.42 -13.73 3.12
C TYR E 224 -22.65 -13.39 1.90
N THR E 225 -22.14 -14.44 1.30
CA THR E 225 -21.36 -14.33 0.12
C THR E 225 -21.94 -15.45 -0.71
N GLY E 226 -22.73 -15.08 -1.69
CA GLY E 226 -23.33 -16.10 -2.50
C GLY E 226 -22.56 -16.20 -3.77
N GLY E 227 -22.59 -17.38 -4.37
CA GLY E 227 -21.89 -17.62 -5.61
C GLY E 227 -21.70 -19.10 -5.84
N GLU E 228 -21.70 -19.43 -7.12
CA GLU E 228 -21.58 -20.81 -7.55
C GLU E 228 -20.33 -21.45 -6.97
N ASN E 229 -19.28 -20.65 -6.86
CA ASN E 229 -18.03 -21.16 -6.36
C ASN E 229 -17.20 -20.13 -5.60
N VAL E 230 -17.87 -19.39 -4.73
CA VAL E 230 -17.15 -18.43 -3.96
C VAL E 230 -16.23 -19.19 -3.01
N PRO E 231 -14.96 -18.85 -3.07
CA PRO E 231 -13.89 -19.41 -2.27
C PRO E 231 -14.00 -18.92 -0.86
N PRO E 232 -14.21 -19.85 0.05
CA PRO E 232 -14.33 -19.56 1.49
C PRO E 232 -13.05 -18.91 1.93
N VAL E 233 -13.14 -18.09 2.96
CA VAL E 233 -11.96 -17.42 3.44
C VAL E 233 -12.16 -17.31 4.90
N LEU E 234 -11.21 -17.83 5.68
CA LEU E 234 -11.40 -17.79 7.10
C LEU E 234 -10.13 -17.48 7.85
N HIS E 235 -10.27 -16.72 8.92
CA HIS E 235 -9.11 -16.38 9.70
C HIS E 235 -9.30 -16.90 11.08
N ILE E 236 -8.28 -17.57 11.54
CA ILE E 236 -8.34 -18.13 12.83
C ILE E 236 -7.32 -17.23 13.50
N THR E 237 -7.65 -16.73 14.70
CA THR E 237 -6.77 -15.86 15.50
C THR E 237 -7.31 -15.57 16.88
N ASN E 238 -6.39 -15.36 17.82
CA ASN E 238 -6.84 -15.14 19.17
C ASN E 238 -6.46 -13.80 19.66
N THR E 239 -6.32 -12.87 18.72
CA THR E 239 -5.92 -11.54 19.08
C THR E 239 -7.01 -10.53 18.90
N ALA E 240 -8.11 -11.02 18.31
CA ALA E 240 -9.29 -10.22 17.99
C ALA E 240 -10.48 -10.24 18.93
N THR E 241 -10.85 -9.07 19.44
CA THR E 241 -11.99 -8.96 20.32
C THR E 241 -13.08 -8.08 19.72
N THR E 242 -14.32 -8.41 20.01
CA THR E 242 -15.41 -7.61 19.50
C THR E 242 -16.18 -7.05 20.66
N VAL E 243 -16.48 -5.76 20.55
CA VAL E 243 -17.23 -5.12 21.62
C VAL E 243 -18.73 -5.21 21.43
N LEU E 244 -19.44 -5.34 22.53
CA LEU E 244 -20.87 -5.49 22.41
C LEU E 244 -21.53 -4.28 22.98
N LEU E 245 -20.70 -3.33 23.38
CA LEU E 245 -21.23 -2.13 23.97
C LEU E 245 -22.06 -1.34 23.01
N ASP E 246 -23.09 -0.71 23.55
CA ASP E 246 -23.99 0.11 22.76
C ASP E 246 -23.50 1.52 22.82
N GLU E 247 -24.25 2.37 22.17
CA GLU E 247 -24.00 3.77 22.07
C GLU E 247 -23.86 4.41 23.48
N GLN E 248 -24.50 3.86 24.50
CA GLN E 248 -24.39 4.46 25.83
C GLN E 248 -23.40 3.69 26.62
N GLY E 249 -22.73 2.78 25.93
CA GLY E 249 -21.72 1.99 26.55
C GLY E 249 -22.25 0.93 27.49
N VAL E 250 -23.13 0.10 26.98
CA VAL E 250 -23.66 -0.99 27.78
C VAL E 250 -23.88 -2.09 26.80
N GLY E 251 -23.61 -3.30 27.20
CA GLY E 251 -23.78 -4.36 26.26
C GLY E 251 -25.11 -4.98 26.57
N PRO E 252 -25.32 -6.13 25.96
CA PRO E 252 -26.56 -6.87 26.17
C PRO E 252 -26.63 -7.10 27.66
N LEU E 253 -27.84 -7.03 28.17
CA LEU E 253 -28.14 -7.26 29.57
C LEU E 253 -28.92 -8.54 29.68
N CYS E 254 -28.52 -9.41 30.60
CA CYS E 254 -29.26 -10.65 30.77
C CYS E 254 -30.35 -10.28 31.77
N LYS E 255 -31.46 -9.87 31.18
CA LYS E 255 -32.71 -9.43 31.83
C LYS E 255 -33.13 -10.64 32.67
N ALA E 256 -33.31 -11.74 31.94
CA ALA E 256 -33.63 -13.03 32.48
C ALA E 256 -32.19 -13.42 32.65
N ASP E 257 -31.84 -13.94 33.81
CA ASP E 257 -30.47 -14.32 34.07
C ASP E 257 -30.03 -15.43 33.11
N SER E 258 -29.75 -15.04 31.87
CA SER E 258 -29.37 -15.94 30.81
C SER E 258 -28.69 -15.16 29.69
N LEU E 259 -27.69 -15.78 29.14
CA LEU E 259 -26.90 -15.24 28.09
C LEU E 259 -27.22 -16.12 26.88
N TYR E 260 -27.44 -15.52 25.71
CA TYR E 260 -27.81 -16.28 24.53
C TYR E 260 -26.84 -16.12 23.40
N VAL E 261 -26.52 -17.24 22.82
CA VAL E 261 -25.56 -17.29 21.77
C VAL E 261 -26.23 -17.97 20.62
N SER E 262 -25.87 -17.61 19.41
CA SER E 262 -26.51 -18.19 18.24
C SER E 262 -25.51 -17.95 17.15
N ALA E 263 -25.58 -18.77 16.10
CA ALA E 263 -24.60 -18.63 15.04
C ALA E 263 -24.93 -19.50 13.86
N VAL E 264 -24.23 -19.30 12.75
CA VAL E 264 -24.47 -20.11 11.56
C VAL E 264 -23.23 -20.04 10.69
N ASP E 265 -22.73 -21.18 10.23
CA ASP E 265 -21.56 -21.15 9.40
C ASP E 265 -21.56 -22.10 8.27
N ILE E 266 -22.39 -21.84 7.27
CA ILE E 266 -22.39 -22.72 6.13
C ILE E 266 -21.04 -22.35 5.51
N CYS E 267 -19.98 -23.10 5.80
CA CYS E 267 -18.69 -22.77 5.20
C CYS E 267 -18.77 -22.85 3.67
N GLY E 268 -19.70 -23.64 3.17
CA GLY E 268 -19.84 -23.77 1.73
C GLY E 268 -20.39 -25.13 1.32
N LEU E 269 -20.22 -25.42 0.05
CA LEU E 269 -20.68 -26.68 -0.54
C LEU E 269 -19.67 -27.79 -0.76
N PHE E 270 -19.96 -28.96 -0.22
CA PHE E 270 -19.11 -30.13 -0.44
C PHE E 270 -19.66 -30.78 -1.69
N THR E 271 -18.77 -31.14 -2.59
CA THR E 271 -19.17 -31.79 -3.82
C THR E 271 -18.66 -33.24 -3.77
N ASN E 272 -19.59 -34.18 -3.53
CA ASN E 272 -19.29 -35.61 -3.46
C ASN E 272 -18.86 -36.04 -4.83
N THR E 273 -18.04 -37.08 -4.86
CA THR E 273 -17.50 -37.63 -6.09
C THR E 273 -18.49 -37.75 -7.24
N SER E 274 -19.74 -38.02 -6.86
CA SER E 274 -20.86 -38.19 -7.79
C SER E 274 -21.16 -36.92 -8.58
N GLY E 275 -21.26 -35.81 -7.85
CA GLY E 275 -21.58 -34.53 -8.43
C GLY E 275 -22.59 -33.90 -7.49
N THR E 276 -23.10 -34.71 -6.58
CA THR E 276 -24.08 -34.29 -5.60
C THR E 276 -23.35 -33.39 -4.66
N GLN E 277 -24.01 -32.33 -4.19
CA GLN E 277 -23.39 -31.39 -3.27
C GLN E 277 -24.07 -31.38 -1.90
N GLN E 278 -23.48 -30.71 -0.92
CA GLN E 278 -24.12 -30.57 0.40
C GLN E 278 -23.39 -29.60 1.34
N TRP E 279 -24.16 -28.78 2.04
CA TRP E 279 -23.61 -27.78 2.93
C TRP E 279 -22.65 -28.30 4.00
N LYS E 280 -21.50 -27.64 4.16
CA LYS E 280 -20.59 -28.02 5.24
C LYS E 280 -20.61 -26.94 6.27
N GLY E 281 -20.50 -27.38 7.52
CA GLY E 281 -20.44 -26.48 8.65
C GLY E 281 -19.20 -26.78 9.44
N LEU E 282 -18.99 -25.95 10.44
CA LEU E 282 -17.87 -26.06 11.33
C LEU E 282 -18.43 -25.33 12.50
N PRO E 283 -18.11 -25.82 13.67
CA PRO E 283 -18.61 -25.22 14.90
C PRO E 283 -17.99 -23.86 15.13
N ARG E 284 -18.55 -23.14 16.10
CA ARG E 284 -18.02 -21.85 16.43
C ARG E 284 -17.77 -21.68 17.94
N TYR E 285 -16.72 -20.93 18.23
CA TYR E 285 -16.28 -20.66 19.58
C TYR E 285 -16.78 -19.32 20.04
N PHE E 286 -16.90 -19.19 21.36
CA PHE E 286 -17.32 -17.94 21.97
C PHE E 286 -16.63 -17.72 23.28
N LYS E 287 -16.11 -16.53 23.47
CA LYS E 287 -15.50 -16.19 24.72
C LYS E 287 -16.17 -14.86 25.10
N ILE E 288 -17.23 -15.00 25.87
CA ILE E 288 -17.94 -13.83 26.25
C ILE E 288 -17.44 -13.45 27.57
N THR E 289 -17.39 -12.14 27.75
CA THR E 289 -16.92 -11.55 28.96
C THR E 289 -18.10 -10.82 29.57
N LEU E 290 -18.51 -11.23 30.76
CA LEU E 290 -19.64 -10.60 31.43
C LEU E 290 -19.19 -9.83 32.61
N ARG E 291 -19.92 -8.77 32.94
CA ARG E 291 -19.60 -8.03 34.16
C ARG E 291 -20.91 -7.74 34.87
N LYS E 292 -20.79 -7.32 36.12
CA LYS E 292 -21.93 -7.04 36.93
C LYS E 292 -22.40 -5.59 36.76
N ARG E 293 -23.55 -5.43 36.08
CA ARG E 293 -24.09 -4.08 35.80
C ARG E 293 -25.20 -3.60 36.68
N SER E 294 -25.01 -2.40 37.18
CA SER E 294 -26.02 -1.81 38.04
C SER E 294 -27.13 -1.20 37.18
N VAL E 295 -28.39 -1.56 37.47
CA VAL E 295 -29.57 -1.07 36.74
C VAL E 295 -30.72 -0.67 37.66
N LYS E 296 -31.71 0.05 37.09
CA LYS E 296 -32.93 0.54 37.79
C LYS E 296 -34.07 -0.35 37.29
N ASN E 297 -35.04 -0.59 38.16
CA ASN E 297 -36.19 -1.38 37.76
C ASN E 297 -37.14 -0.36 37.19
N PRO E 298 -37.47 -0.47 35.90
CA PRO E 298 -38.35 0.43 35.15
C PRO E 298 -39.79 0.37 35.58
N TYR E 299 -40.26 -0.84 35.85
CA TYR E 299 -41.63 -1.05 36.23
C TYR E 299 -41.95 -0.77 37.67
N PRO E 300 -43.23 -0.76 37.98
CA PRO E 300 -43.65 -0.51 39.36
C PRO E 300 -44.37 -1.70 39.95
N ILE E 301 -43.86 -2.04 41.12
CA ILE E 301 -44.37 -3.09 41.96
C ILE E 301 -45.79 -3.48 41.62
N SER E 302 -46.70 -2.51 41.76
CA SER E 302 -48.13 -2.70 41.48
C SER E 302 -48.28 -3.51 40.23
N PHE E 303 -47.60 -3.06 39.19
CA PHE E 303 -47.65 -3.77 37.92
C PHE E 303 -47.00 -5.11 38.08
N LEU E 304 -45.75 -5.08 38.51
CA LEU E 304 -45.03 -6.32 38.68
C LEU E 304 -45.89 -7.39 39.31
N LEU E 305 -46.41 -7.03 40.47
CA LEU E 305 -47.25 -7.90 41.23
C LEU E 305 -48.40 -8.44 40.43
N SER E 306 -49.25 -7.53 40.02
CA SER E 306 -50.43 -7.90 39.29
C SER E 306 -50.11 -8.65 38.04
N ASP E 307 -49.26 -8.08 37.19
CA ASP E 307 -48.99 -8.80 35.96
C ASP E 307 -48.44 -10.13 36.25
N LEU E 308 -47.52 -10.18 37.20
CA LEU E 308 -46.94 -11.45 37.55
C LEU E 308 -48.07 -12.38 37.97
N ILE E 309 -48.71 -12.02 39.07
CA ILE E 309 -49.82 -12.79 39.62
C ILE E 309 -50.78 -13.18 38.54
N ASN E 310 -51.06 -12.23 37.68
CA ASN E 310 -52.00 -12.47 36.62
C ASN E 310 -51.47 -13.58 35.75
N ARG E 311 -50.24 -13.41 35.34
CA ARG E 311 -49.61 -14.37 34.49
C ARG E 311 -49.61 -15.72 35.16
N ARG E 312 -49.34 -15.71 36.46
CA ARG E 312 -49.30 -16.93 37.26
C ARG E 312 -50.72 -17.55 37.40
N THR E 313 -51.74 -16.70 37.54
CA THR E 313 -53.14 -17.12 37.70
C THR E 313 -53.82 -17.54 36.40
N GLN E 314 -54.78 -18.45 36.50
CA GLN E 314 -55.54 -18.97 35.36
C GLN E 314 -56.38 -17.86 34.75
N ARG E 315 -56.67 -17.95 33.45
CA ARG E 315 -57.51 -16.91 32.86
C ARG E 315 -58.90 -17.49 32.86
N VAL E 316 -59.86 -16.64 33.14
CA VAL E 316 -61.23 -17.12 33.18
C VAL E 316 -62.13 -16.67 32.07
N ASP E 317 -62.68 -17.67 31.40
CA ASP E 317 -63.60 -17.41 30.34
C ASP E 317 -64.95 -17.56 30.95
N GLY E 318 -65.60 -16.43 31.15
CA GLY E 318 -66.90 -16.50 31.75
C GLY E 318 -67.63 -15.32 31.24
N GLN E 319 -68.93 -15.34 31.50
CA GLN E 319 -69.85 -14.31 31.10
C GLN E 319 -69.21 -12.92 31.06
N PRO E 320 -69.61 -12.15 30.06
CA PRO E 320 -69.24 -10.79 29.68
C PRO E 320 -69.53 -9.60 30.58
N MET E 321 -68.49 -9.07 31.19
CA MET E 321 -68.69 -7.91 32.04
C MET E 321 -68.17 -6.69 31.30
N ILE E 322 -67.83 -6.86 30.02
CA ILE E 322 -67.30 -5.75 29.26
C ILE E 322 -67.64 -5.63 27.77
N GLY E 323 -67.60 -4.40 27.28
CA GLY E 323 -67.90 -4.21 25.88
C GLY E 323 -69.37 -4.07 25.66
N MET E 324 -69.83 -4.43 24.48
CA MET E 324 -71.22 -4.26 24.21
C MET E 324 -72.10 -5.20 24.95
N SER E 325 -71.54 -6.28 25.48
CA SER E 325 -72.43 -7.19 26.17
C SER E 325 -72.28 -7.28 27.69
N SER E 326 -71.54 -6.32 28.24
CA SER E 326 -71.29 -6.23 29.67
C SER E 326 -72.59 -6.51 30.41
N GLN E 327 -72.52 -7.43 31.36
CA GLN E 327 -73.70 -7.75 32.14
C GLN E 327 -73.57 -6.95 33.43
N VAL E 328 -72.78 -5.88 33.31
CA VAL E 328 -72.56 -4.94 34.38
C VAL E 328 -73.53 -3.85 33.98
N GLU E 329 -74.66 -3.85 34.66
CA GLU E 329 -75.76 -2.89 34.44
C GLU E 329 -75.57 -1.43 34.91
N GLU E 330 -74.71 -1.16 35.88
CA GLU E 330 -74.62 0.22 36.37
C GLU E 330 -73.45 0.27 37.29
N VAL E 331 -72.88 1.47 37.40
CA VAL E 331 -71.71 1.68 38.21
C VAL E 331 -71.72 3.12 38.66
N ARG E 332 -71.54 3.34 39.95
CA ARG E 332 -71.50 4.70 40.39
C ARG E 332 -70.33 4.80 41.30
N VAL E 333 -69.81 6.01 41.41
CA VAL E 333 -68.64 6.24 42.18
C VAL E 333 -68.82 7.45 43.01
N TYR E 334 -68.33 7.36 44.23
CA TYR E 334 -68.45 8.47 45.16
C TYR E 334 -67.14 8.87 45.75
N GLU E 335 -66.97 10.17 46.01
CA GLU E 335 -65.77 10.61 46.63
C GLU E 335 -66.15 11.24 47.95
N ASP E 336 -66.42 12.52 48.01
CA ASP E 336 -66.76 13.04 49.35
C ASP E 336 -68.26 12.97 49.62
N THR E 337 -68.77 14.05 50.17
CA THR E 337 -70.17 14.12 50.49
C THR E 337 -70.71 15.41 49.98
N GLU E 338 -72.03 15.44 49.80
CA GLU E 338 -72.72 16.62 49.37
C GLU E 338 -74.05 16.56 50.12
N GLU E 339 -74.67 17.72 50.25
CA GLU E 339 -75.94 17.78 50.92
C GLU E 339 -76.92 16.85 50.17
N LEU E 340 -77.78 16.22 50.93
CA LEU E 340 -78.71 15.29 50.36
C LEU E 340 -79.42 15.76 49.10
N PRO E 341 -79.10 15.15 47.97
CA PRO E 341 -79.76 15.56 46.74
C PRO E 341 -81.17 15.04 46.63
N GLY E 342 -82.06 16.00 46.38
CA GLY E 342 -83.45 15.70 46.17
C GLY E 342 -83.72 14.77 44.96
N ASP E 343 -82.79 14.59 44.05
CA ASP E 343 -83.13 13.65 43.01
C ASP E 343 -82.11 12.57 43.02
N PRO E 344 -82.45 11.52 43.72
CA PRO E 344 -81.71 10.30 43.93
C PRO E 344 -81.37 9.71 42.59
N ASP E 345 -82.28 9.87 41.64
CA ASP E 345 -82.04 9.31 40.33
C ASP E 345 -81.19 10.18 39.44
N MET E 346 -80.67 11.27 40.00
CA MET E 346 -79.83 12.18 39.24
C MET E 346 -78.63 11.46 38.67
N ILE E 347 -77.98 12.12 37.70
CA ILE E 347 -76.80 11.59 37.04
C ILE E 347 -75.66 12.57 36.99
N ARG E 348 -74.51 12.11 37.43
CA ARG E 348 -73.33 12.91 37.39
C ARG E 348 -72.55 12.26 36.26
N TYR E 349 -71.90 13.08 35.48
CA TYR E 349 -71.12 12.56 34.41
C TYR E 349 -69.99 13.53 34.17
N ILE E 350 -68.78 13.04 34.29
CA ILE E 350 -67.65 13.90 34.05
C ILE E 350 -67.47 13.82 32.55
N ASP E 351 -68.07 14.80 31.90
CA ASP E 351 -68.03 14.98 30.44
C ASP E 351 -66.59 14.79 29.93
N GLU E 352 -65.93 15.93 29.75
CA GLU E 352 -64.55 16.03 29.36
C GLU E 352 -63.88 16.12 30.72
N PHE E 353 -64.33 17.13 31.49
CA PHE E 353 -63.79 17.45 32.83
C PHE E 353 -64.70 18.23 33.82
N GLY E 354 -65.75 18.88 33.32
CA GLY E 354 -66.65 19.59 34.21
C GLY E 354 -67.77 18.63 34.56
N GLN E 355 -67.90 18.26 35.82
CA GLN E 355 -68.97 17.34 36.21
C GLN E 355 -70.35 17.87 35.82
N THR E 356 -71.18 17.03 35.21
CA THR E 356 -72.51 17.46 34.84
C THR E 356 -73.63 16.67 35.51
N THR E 357 -74.38 17.37 36.36
CA THR E 357 -75.50 16.76 37.04
C THR E 357 -76.64 16.89 36.03
N THR E 358 -77.53 15.91 35.95
CA THR E 358 -78.65 15.95 34.99
C THR E 358 -79.62 14.79 35.29
N ARG E 359 -80.93 14.93 35.05
CA ARG E 359 -81.83 13.82 35.35
C ARG E 359 -82.02 12.83 34.24
N MET E 360 -82.61 11.69 34.60
CA MET E 360 -82.90 10.62 33.66
C MET E 360 -84.19 11.05 32.96
N GLN E 361 -84.16 11.07 31.62
CA GLN E 361 -85.29 11.47 30.75
C GLN E 361 -86.52 10.54 30.75
N LYS F 15 82.29 56.79 5.51
CA LYS F 15 83.62 56.63 4.91
C LYS F 15 84.23 55.32 5.38
N LYS F 16 83.38 54.34 5.65
CA LYS F 16 83.86 53.05 6.12
C LYS F 16 83.05 51.96 5.46
N PRO F 17 83.71 50.85 5.10
CA PRO F 17 82.99 49.76 4.47
C PRO F 17 81.78 49.46 5.32
N LYS F 18 80.64 49.69 4.69
CA LYS F 18 79.33 49.48 5.29
C LYS F 18 79.18 47.99 5.65
N GLU F 19 77.97 47.56 6.01
CA GLU F 19 77.80 46.16 6.37
C GLU F 19 77.02 45.41 5.32
N PRO F 20 77.51 44.22 4.95
CA PRO F 20 76.90 43.37 3.94
C PRO F 20 75.43 43.26 4.06
N VAL F 21 74.83 43.27 2.89
CA VAL F 21 73.41 43.17 2.78
C VAL F 21 73.06 41.81 3.28
N GLN F 22 71.85 41.67 3.78
CA GLN F 22 71.48 40.35 4.23
C GLN F 22 70.80 39.66 3.05
N VAL F 23 71.16 38.39 2.82
CA VAL F 23 70.56 37.62 1.73
C VAL F 23 70.28 36.18 2.11
N PRO F 24 69.25 35.56 1.55
CA PRO F 24 68.93 34.17 1.90
C PRO F 24 70.12 33.25 2.14
N LYS F 25 70.15 32.72 3.36
CA LYS F 25 71.16 31.81 3.84
C LYS F 25 71.03 30.43 3.24
N LEU F 26 72.08 30.00 2.57
CA LEU F 26 72.04 28.68 2.00
C LEU F 26 72.24 27.71 3.10
N VAL F 27 71.37 26.72 3.11
CA VAL F 27 71.45 25.68 4.09
C VAL F 27 72.18 24.49 3.54
N ILE F 28 71.97 24.22 2.28
CA ILE F 28 72.67 23.11 1.69
C ILE F 28 72.39 23.08 0.22
N LYS F 29 73.32 22.49 -0.51
CA LYS F 29 73.18 22.42 -1.95
C LYS F 29 73.65 21.07 -2.41
N GLY F 30 73.08 20.58 -3.49
CA GLY F 30 73.46 19.28 -4.02
C GLY F 30 72.34 18.64 -4.82
N GLY F 31 72.37 17.31 -4.89
CA GLY F 31 71.37 16.53 -5.61
C GLY F 31 69.95 16.54 -5.04
N ILE F 32 69.05 15.84 -5.72
CA ILE F 32 67.66 15.89 -5.30
C ILE F 32 67.48 15.40 -3.90
N GLU F 33 68.39 14.51 -3.49
CA GLU F 33 68.33 13.95 -2.17
C GLU F 33 68.38 15.05 -1.15
N VAL F 34 69.21 16.07 -1.41
CA VAL F 34 69.33 17.17 -0.47
C VAL F 34 67.98 17.73 -0.11
N LEU F 35 67.10 17.76 -1.10
CA LEU F 35 65.76 18.29 -0.92
C LEU F 35 65.15 17.82 0.41
N GLY F 36 65.64 16.67 0.87
CA GLY F 36 65.18 16.08 2.11
C GLY F 36 65.56 16.76 3.40
N VAL F 37 66.42 17.77 3.35
CA VAL F 37 66.76 18.41 4.58
C VAL F 37 65.52 18.87 5.32
N LYS F 38 65.53 18.71 6.63
CA LYS F 38 64.38 19.15 7.41
C LYS F 38 64.57 20.62 7.72
N THR F 39 63.71 21.44 7.14
CA THR F 39 63.78 22.89 7.32
C THR F 39 62.58 23.54 7.94
N GLY F 40 62.70 24.85 8.08
CA GLY F 40 61.62 25.63 8.65
C GLY F 40 60.47 25.79 7.70
N VAL F 41 59.54 26.59 8.13
CA VAL F 41 58.34 26.87 7.37
C VAL F 41 58.67 27.87 6.29
N ASP F 42 59.59 28.75 6.62
CA ASP F 42 59.99 29.80 5.72
C ASP F 42 61.10 29.43 4.78
N SER F 43 61.49 28.17 4.75
CA SER F 43 62.57 27.84 3.84
C SER F 43 61.96 27.78 2.46
N PHE F 44 62.86 27.59 1.51
CA PHE F 44 62.46 27.43 0.12
C PHE F 44 63.64 26.85 -0.53
N THR F 45 63.39 26.25 -1.67
CA THR F 45 64.46 25.63 -2.37
C THR F 45 64.36 25.97 -3.81
N GLU F 46 65.45 25.70 -4.52
CA GLU F 46 65.53 25.95 -5.93
C GLU F 46 65.97 24.64 -6.54
N VAL F 47 65.22 24.18 -7.54
CA VAL F 47 65.48 22.93 -8.23
C VAL F 47 65.83 23.19 -9.67
N GLU F 48 66.98 22.70 -10.11
CA GLU F 48 67.38 22.89 -11.51
C GLU F 48 67.39 21.51 -12.15
N CYS F 49 66.51 21.33 -13.12
CA CYS F 49 66.44 20.06 -13.80
C CYS F 49 66.50 20.38 -15.24
N PHE F 50 66.27 19.35 -16.05
CA PHE F 50 66.27 19.52 -17.50
C PHE F 50 65.63 18.33 -18.11
N LEU F 51 65.14 18.52 -19.32
CA LEU F 51 64.46 17.48 -20.04
C LEU F 51 65.11 17.36 -21.34
N ASN F 52 65.32 16.12 -21.72
CA ASN F 52 65.95 15.83 -22.98
C ASN F 52 64.76 15.80 -23.90
N PRO F 53 64.99 16.06 -25.18
CA PRO F 53 63.80 16.03 -26.02
C PRO F 53 63.59 14.74 -26.74
N GLN F 54 62.34 14.54 -27.16
CA GLN F 54 62.00 13.34 -27.91
C GLN F 54 61.55 13.57 -29.34
N MET F 55 62.50 13.79 -30.22
CA MET F 55 62.18 13.97 -31.62
C MET F 55 61.84 12.63 -32.31
N GLY F 56 62.11 11.52 -31.64
CA GLY F 56 61.84 10.22 -32.24
C GLY F 56 62.98 9.26 -32.00
N ASN F 57 64.20 9.78 -32.18
CA ASN F 57 65.45 9.05 -31.94
C ASN F 57 65.56 7.74 -32.69
N PRO F 58 65.59 7.81 -34.04
CA PRO F 58 65.69 6.69 -34.97
C PRO F 58 66.75 5.65 -34.68
N ASP F 59 67.92 6.08 -34.20
CA ASP F 59 68.97 5.13 -33.87
C ASP F 59 69.89 5.65 -32.78
N GLU F 60 70.95 4.92 -32.53
CA GLU F 60 71.85 5.30 -31.46
C GLU F 60 72.82 6.39 -31.88
N HIS F 61 72.55 7.06 -32.98
CA HIS F 61 73.46 8.10 -33.43
C HIS F 61 72.68 9.35 -33.69
N GLN F 62 71.39 9.19 -33.75
CA GLN F 62 70.58 10.30 -34.09
C GLN F 62 69.65 10.73 -33.01
N LYS F 63 70.19 10.92 -31.82
CA LYS F 63 69.31 11.39 -30.80
C LYS F 63 69.03 12.87 -31.09
N GLY F 64 67.82 13.30 -30.75
CA GLY F 64 67.43 14.68 -30.97
C GLY F 64 66.93 14.97 -32.35
N LEU F 65 66.73 13.90 -33.10
CA LEU F 65 66.26 13.99 -34.45
C LEU F 65 65.15 12.99 -34.59
N SER F 66 64.20 13.26 -35.46
CA SER F 66 63.11 12.30 -35.67
C SER F 66 63.58 11.41 -36.79
N LYS F 67 62.74 10.47 -37.21
CA LYS F 67 63.12 9.64 -38.31
C LYS F 67 62.88 10.54 -39.49
N SER F 68 63.44 10.19 -40.63
CA SER F 68 63.26 10.98 -41.83
C SER F 68 61.76 11.08 -42.00
N LEU F 69 61.28 12.29 -42.22
CA LEU F 69 59.86 12.50 -42.36
C LEU F 69 59.43 12.16 -43.75
N ALA F 70 58.24 11.58 -43.82
CA ALA F 70 57.65 11.17 -45.07
C ALA F 70 56.60 12.16 -45.40
N ALA F 71 56.20 12.21 -46.67
CA ALA F 71 55.29 13.23 -47.09
C ALA F 71 53.90 13.03 -47.66
N GLU F 72 53.82 12.81 -48.95
CA GLU F 72 52.54 12.78 -49.58
C GLU F 72 51.55 11.65 -49.31
N LYS F 73 51.48 11.15 -48.09
CA LYS F 73 50.56 10.05 -47.80
C LYS F 73 49.07 10.32 -47.93
N GLN F 74 48.32 9.28 -48.29
CA GLN F 74 46.89 9.44 -48.43
C GLN F 74 46.28 9.32 -47.05
N PHE F 75 45.18 10.02 -46.85
CA PHE F 75 44.52 10.04 -45.56
C PHE F 75 44.14 8.67 -45.08
N THR F 76 43.77 7.83 -46.03
CA THR F 76 43.35 6.48 -45.71
C THR F 76 44.47 5.56 -45.35
N ASP F 77 45.65 5.84 -45.86
CA ASP F 77 46.79 5.01 -45.56
C ASP F 77 47.90 5.83 -44.94
N ASP F 78 47.57 6.59 -43.91
CA ASP F 78 48.59 7.39 -43.27
C ASP F 78 49.03 6.66 -42.04
N SER F 79 50.10 5.91 -42.17
CA SER F 79 50.55 5.18 -41.03
C SER F 79 51.98 5.51 -40.66
N PRO F 80 52.18 6.64 -39.97
CA PRO F 80 53.49 7.12 -39.53
C PRO F 80 54.13 6.14 -38.58
N ASP F 81 55.44 6.29 -38.37
CA ASP F 81 56.22 5.44 -37.45
C ASP F 81 56.50 6.20 -36.20
N LYS F 82 56.59 5.52 -35.08
CA LYS F 82 56.84 6.29 -33.89
C LYS F 82 58.02 7.20 -34.03
N GLU F 83 59.12 6.68 -34.55
CA GLU F 83 60.29 7.52 -34.67
C GLU F 83 60.09 8.72 -35.56
N GLN F 84 58.96 8.81 -36.23
CA GLN F 84 58.74 9.98 -37.05
C GLN F 84 57.92 10.98 -36.27
N LEU F 85 57.39 10.53 -35.14
CA LEU F 85 56.55 11.38 -34.34
C LEU F 85 57.12 11.90 -33.06
N PRO F 86 57.40 13.19 -33.03
CA PRO F 86 57.96 13.80 -31.85
C PRO F 86 56.86 13.80 -30.80
N CYS F 87 57.25 13.50 -29.56
CA CYS F 87 56.31 13.45 -28.46
C CYS F 87 56.64 14.41 -27.35
N TYR F 88 55.65 14.69 -26.54
CA TYR F 88 55.88 15.56 -25.42
C TYR F 88 56.81 14.79 -24.50
N SER F 89 57.65 15.56 -23.81
CA SER F 89 58.62 15.07 -22.86
C SER F 89 58.08 15.50 -21.51
N VAL F 90 58.17 14.62 -20.52
CA VAL F 90 57.67 14.89 -19.18
C VAL F 90 58.55 14.25 -18.09
N ALA F 91 58.37 14.66 -16.84
CA ALA F 91 59.15 14.12 -15.73
C ALA F 91 58.54 14.55 -14.42
N ARG F 92 58.81 13.79 -13.36
CA ARG F 92 58.24 14.15 -12.06
C ARG F 92 59.25 14.23 -10.95
N ILE F 93 59.42 15.40 -10.38
CA ILE F 93 60.36 15.58 -9.31
C ILE F 93 59.56 15.50 -8.09
N PRO F 94 59.90 14.55 -7.25
CA PRO F 94 59.38 14.13 -5.96
C PRO F 94 59.85 15.07 -4.91
N LEU F 95 58.92 15.47 -4.07
CA LEU F 95 59.25 16.37 -3.01
C LEU F 95 58.94 15.63 -1.74
N PRO F 96 59.69 15.95 -0.71
CA PRO F 96 59.57 15.36 0.60
C PRO F 96 58.27 15.82 1.24
N ASN F 97 57.59 14.91 1.93
CA ASN F 97 56.31 15.24 2.59
C ASN F 97 56.62 16.34 3.54
N ILE F 98 55.79 17.36 3.50
CA ILE F 98 56.08 18.50 4.30
C ILE F 98 55.52 18.56 5.70
N ASN F 99 54.52 17.76 6.00
CA ASN F 99 53.97 17.79 7.33
C ASN F 99 53.58 16.43 7.86
N GLU F 100 54.33 15.95 8.86
CA GLU F 100 54.16 14.62 9.48
C GLU F 100 53.44 14.68 10.81
N ASP F 101 52.24 14.08 10.89
CA ASP F 101 51.44 14.03 12.14
C ASP F 101 49.94 13.65 11.99
N LEU F 102 49.28 13.39 13.13
CA LEU F 102 47.84 13.07 13.15
C LEU F 102 47.22 14.48 13.17
N THR F 103 47.14 15.03 11.97
CA THR F 103 46.66 16.38 11.69
C THR F 103 45.21 16.70 11.96
N CYS F 104 44.96 18.00 11.91
CA CYS F 104 43.65 18.57 12.08
C CYS F 104 43.75 19.94 11.41
N GLY F 105 42.91 20.15 10.41
CA GLY F 105 42.85 21.44 9.73
C GLY F 105 43.80 21.95 8.66
N ASN F 106 45.03 22.30 9.03
CA ASN F 106 45.96 22.85 8.06
C ASN F 106 47.23 22.12 7.75
N ILE F 107 47.31 21.75 6.50
CA ILE F 107 48.42 21.03 5.96
C ILE F 107 49.38 22.07 5.37
N LEU F 108 50.51 21.58 4.90
CA LEU F 108 51.49 22.41 4.23
C LEU F 108 51.78 21.71 2.94
N MET F 109 51.77 22.45 1.86
CA MET F 109 52.02 21.84 0.58
C MET F 109 53.08 22.64 -0.14
N TRP F 110 53.84 21.97 -1.00
CA TRP F 110 54.87 22.61 -1.77
C TRP F 110 54.33 23.46 -2.96
N GLU F 111 54.62 24.76 -2.95
CA GLU F 111 54.18 25.66 -4.01
C GLU F 111 55.25 26.14 -4.97
N ALA F 112 54.95 26.08 -6.26
CA ALA F 112 55.85 26.54 -7.31
C ALA F 112 55.53 27.99 -7.42
N VAL F 113 56.55 28.75 -7.72
CA VAL F 113 56.36 30.17 -7.75
C VAL F 113 56.99 30.85 -8.93
N THR F 114 58.15 30.36 -9.25
CA THR F 114 58.88 30.97 -10.28
C THR F 114 59.56 29.91 -11.04
N VAL F 115 59.75 30.18 -12.30
CA VAL F 115 60.47 29.23 -13.10
C VAL F 115 61.33 30.01 -14.05
N LYS F 116 62.53 29.51 -14.25
CA LYS F 116 63.44 30.11 -15.21
C LYS F 116 63.67 28.93 -16.14
N THR F 117 63.51 29.14 -17.45
CA THR F 117 63.74 28.03 -18.35
C THR F 117 64.49 28.52 -19.53
N GLU F 118 65.09 27.59 -20.27
CA GLU F 118 65.92 27.96 -21.40
C GLU F 118 66.30 26.74 -22.23
N VAL F 119 66.65 27.01 -23.48
CA VAL F 119 67.04 25.94 -24.36
C VAL F 119 68.51 25.66 -24.40
N ILE F 120 68.79 24.42 -24.08
CA ILE F 120 70.17 24.08 -24.02
C ILE F 120 70.72 23.71 -25.36
N GLY F 121 71.72 24.49 -25.78
CA GLY F 121 72.38 24.14 -27.01
C GLY F 121 72.00 24.83 -28.27
N VAL F 122 71.40 25.98 -28.19
CA VAL F 122 71.03 26.61 -29.43
C VAL F 122 72.18 26.78 -30.44
N THR F 123 73.37 27.10 -29.93
CA THR F 123 74.51 27.34 -30.82
C THR F 123 74.85 26.18 -31.69
N ALA F 124 74.41 25.02 -31.26
CA ALA F 124 74.72 23.85 -32.02
C ALA F 124 74.30 23.90 -33.49
N MET F 125 73.35 24.74 -33.84
CA MET F 125 72.95 24.75 -35.23
C MET F 125 73.83 25.63 -36.08
N LEU F 126 75.01 25.91 -35.56
CA LEU F 126 75.97 26.67 -36.34
C LEU F 126 76.87 25.73 -37.11
N ASN F 127 76.63 24.43 -36.90
CA ASN F 127 77.38 23.39 -37.58
C ASN F 127 76.63 23.25 -38.85
N LEU F 128 77.16 23.81 -39.90
CA LEU F 128 76.53 23.72 -41.19
C LEU F 128 77.41 22.86 -42.05
N HIS F 129 78.10 21.94 -41.39
CA HIS F 129 79.03 21.09 -42.08
C HIS F 129 78.86 19.61 -41.91
N SER F 130 78.20 19.17 -40.85
CA SER F 130 78.04 17.74 -40.72
C SER F 130 76.99 17.33 -41.79
N GLY F 131 75.97 16.56 -41.45
CA GLY F 131 74.99 16.09 -42.44
C GLY F 131 74.47 16.97 -43.59
N THR F 132 74.67 18.26 -43.39
CA THR F 132 74.34 19.35 -44.30
C THR F 132 74.06 19.05 -45.77
N GLN F 133 73.10 19.80 -46.34
CA GLN F 133 72.85 19.75 -47.78
C GLN F 133 73.25 21.13 -48.23
N LYS F 134 74.10 21.18 -49.23
CA LYS F 134 74.60 22.42 -49.80
C LYS F 134 73.52 23.45 -49.94
N THR F 135 73.86 24.68 -49.59
CA THR F 135 72.95 25.82 -49.69
C THR F 135 72.82 26.07 -51.17
N HIS F 136 73.95 25.98 -51.85
CA HIS F 136 74.04 26.22 -53.27
C HIS F 136 75.52 26.05 -53.60
N GLU F 137 75.87 26.00 -54.88
CA GLU F 137 77.24 25.89 -55.38
C GLU F 137 78.37 25.58 -54.43
N ASN F 138 78.80 26.56 -53.63
CA ASN F 138 79.88 26.32 -52.68
C ASN F 138 79.51 26.90 -51.33
N GLY F 139 78.21 27.09 -51.18
CA GLY F 139 77.64 27.63 -49.97
C GLY F 139 77.75 26.68 -48.82
N ALA F 140 77.37 27.14 -47.63
CA ALA F 140 77.46 26.26 -46.49
C ALA F 140 76.22 25.41 -46.47
N GLY F 141 75.93 24.81 -45.35
CA GLY F 141 74.75 23.99 -45.31
C GLY F 141 73.49 24.77 -45.09
N LYS F 142 72.38 24.24 -45.59
CA LYS F 142 71.12 24.90 -45.38
C LYS F 142 70.95 24.65 -43.89
N PRO F 143 70.90 25.73 -43.10
CA PRO F 143 70.74 25.59 -41.66
C PRO F 143 69.35 25.08 -41.33
N ILE F 144 69.17 24.62 -40.10
CA ILE F 144 67.87 24.12 -39.70
C ILE F 144 66.85 25.21 -39.69
N GLN F 145 65.65 24.91 -40.20
CA GLN F 145 64.55 25.88 -40.25
C GLN F 145 63.18 25.24 -40.49
N GLY F 146 62.17 26.06 -40.67
CA GLY F 146 60.82 25.57 -40.92
C GLY F 146 60.01 25.48 -39.64
N SER F 147 58.76 24.99 -39.75
CA SER F 147 57.84 24.83 -38.63
C SER F 147 58.58 24.54 -37.31
N ASN F 148 58.24 25.28 -36.27
CA ASN F 148 58.88 25.04 -34.99
C ASN F 148 57.87 25.25 -33.87
N PHE F 149 58.09 24.55 -32.76
CA PHE F 149 57.21 24.63 -31.62
C PHE F 149 57.98 24.43 -30.36
N HIS F 150 57.85 25.43 -29.51
CA HIS F 150 58.56 25.37 -28.24
C HIS F 150 57.51 25.56 -27.15
N PHE F 151 57.44 24.62 -26.23
CA PHE F 151 56.40 24.67 -25.25
C PHE F 151 56.93 24.16 -23.97
N PHE F 152 56.26 24.50 -22.88
CA PHE F 152 56.64 24.00 -21.59
C PHE F 152 55.59 24.31 -20.57
N ALA F 153 55.69 23.59 -19.46
CA ALA F 153 54.70 23.76 -18.44
C ALA F 153 55.22 23.26 -17.13
N VAL F 154 54.71 23.85 -16.05
CA VAL F 154 55.12 23.52 -14.70
C VAL F 154 53.87 23.44 -13.84
N GLY F 155 53.75 22.36 -13.08
CA GLY F 155 52.55 22.19 -12.27
C GLY F 155 52.61 21.14 -11.17
N GLY F 156 51.57 21.14 -10.34
CA GLY F 156 51.46 20.26 -9.18
C GLY F 156 50.73 18.94 -9.35
N GLU F 157 50.40 18.66 -10.60
CA GLU F 157 49.71 17.44 -11.03
C GLU F 157 50.17 17.33 -12.44
N PRO F 158 49.83 16.23 -13.11
CA PRO F 158 50.25 16.02 -14.49
C PRO F 158 49.51 16.92 -15.45
N LEU F 159 50.11 17.11 -16.60
CA LEU F 159 49.54 17.99 -17.60
C LEU F 159 48.32 17.40 -18.27
N GLU F 160 47.20 18.10 -18.18
CA GLU F 160 45.93 17.65 -18.81
C GLU F 160 45.89 18.01 -20.29
N LEU F 161 45.57 17.03 -21.13
CA LEU F 161 45.58 17.30 -22.55
C LEU F 161 44.26 17.13 -23.15
N GLN F 162 44.23 17.56 -24.42
CA GLN F 162 43.07 17.47 -25.30
C GLN F 162 43.58 17.13 -26.68
N GLY F 163 42.95 16.13 -27.25
CA GLY F 163 43.34 15.65 -28.54
C GLY F 163 42.58 16.40 -29.59
N VAL F 164 43.34 16.67 -30.63
CA VAL F 164 42.85 17.34 -31.81
C VAL F 164 43.88 16.97 -32.80
N LEU F 165 43.41 16.57 -33.98
CA LEU F 165 44.33 16.19 -35.01
C LEU F 165 43.83 16.43 -36.40
N ALA F 166 44.76 16.50 -37.34
CA ALA F 166 44.35 16.68 -38.72
C ALA F 166 44.29 15.25 -39.20
N ASN F 167 43.28 14.95 -40.02
CA ASN F 167 43.11 13.59 -40.56
C ASN F 167 42.92 12.57 -39.46
N TYR F 168 41.69 12.44 -38.99
CA TYR F 168 41.45 11.49 -37.93
C TYR F 168 41.61 10.05 -38.41
N ARG F 169 41.81 9.89 -39.71
CA ARG F 169 42.00 8.57 -40.26
C ARG F 169 43.47 8.17 -40.23
N THR F 170 44.26 8.88 -39.46
CA THR F 170 45.66 8.54 -39.39
C THR F 170 45.77 7.33 -38.50
N LYS F 171 46.53 6.36 -38.98
CA LYS F 171 46.79 5.10 -38.30
C LYS F 171 48.06 5.33 -37.52
N TYR F 172 47.92 5.46 -36.22
CA TYR F 172 49.08 5.76 -35.39
C TYR F 172 49.90 4.60 -34.89
N PRO F 173 51.23 4.75 -34.89
CA PRO F 173 52.19 3.77 -34.42
C PRO F 173 51.73 3.16 -33.13
N ALA F 174 52.31 2.00 -32.88
CA ALA F 174 51.96 1.18 -31.76
C ALA F 174 52.32 1.62 -30.38
N GLN F 175 53.52 2.15 -30.25
CA GLN F 175 53.96 2.55 -28.93
C GLN F 175 53.49 3.88 -28.40
N THR F 176 52.79 4.63 -29.23
CA THR F 176 52.30 5.93 -28.89
C THR F 176 50.95 5.90 -28.21
N VAL F 177 50.56 7.04 -27.68
CA VAL F 177 49.26 7.24 -27.05
C VAL F 177 48.61 8.38 -27.80
N THR F 178 47.64 8.03 -28.62
CA THR F 178 46.92 9.00 -29.43
C THR F 178 45.47 8.98 -29.00
N PRO F 179 44.66 9.93 -29.51
CA PRO F 179 43.24 9.96 -29.14
C PRO F 179 42.64 8.72 -29.72
N LYS F 180 41.80 8.12 -28.88
CA LYS F 180 41.14 6.88 -29.21
C LYS F 180 39.73 7.18 -29.70
N ASN F 181 39.36 6.57 -30.82
CA ASN F 181 38.04 6.73 -31.43
C ASN F 181 37.84 8.02 -32.17
N ALA F 182 38.76 8.29 -33.07
CA ALA F 182 38.65 9.52 -33.83
C ALA F 182 37.35 9.48 -34.59
N THR F 183 36.89 10.63 -34.98
CA THR F 183 35.67 10.78 -35.71
C THR F 183 36.04 12.01 -36.49
N VAL F 184 35.20 12.43 -37.39
CA VAL F 184 35.56 13.65 -38.08
C VAL F 184 35.73 14.81 -37.12
N ASP F 185 35.01 14.79 -36.02
CA ASP F 185 35.11 15.88 -35.07
C ASP F 185 36.44 15.95 -34.37
N SER F 186 37.16 14.85 -34.39
CA SER F 186 38.46 14.82 -33.76
C SER F 186 39.33 15.76 -34.55
N GLN F 187 38.92 16.06 -35.78
CA GLN F 187 39.69 16.96 -36.64
C GLN F 187 39.45 18.37 -36.14
N GLN F 188 38.44 18.49 -35.28
CA GLN F 188 38.15 19.76 -34.66
C GLN F 188 37.95 19.51 -33.17
N MET F 189 37.08 20.27 -32.54
CA MET F 189 36.88 20.05 -31.12
C MET F 189 36.10 18.79 -30.79
N ASN F 190 36.80 17.72 -30.46
CA ASN F 190 36.13 16.52 -30.06
C ASN F 190 36.33 16.25 -28.57
N THR F 191 35.32 16.63 -27.80
CA THR F 191 35.36 16.52 -26.35
C THR F 191 35.78 15.23 -25.69
N ASP F 192 35.76 14.13 -26.42
CA ASP F 192 36.11 12.85 -25.83
C ASP F 192 37.59 12.77 -25.65
N HIS F 193 38.33 13.51 -26.47
CA HIS F 193 39.75 13.44 -26.40
C HIS F 193 40.43 14.13 -25.28
N LYS F 194 39.96 13.89 -24.07
CA LYS F 194 40.61 14.49 -22.95
C LYS F 194 41.56 13.41 -22.44
N ALA F 195 42.74 13.81 -21.99
CA ALA F 195 43.73 12.86 -21.52
C ALA F 195 44.72 13.54 -20.59
N VAL F 196 45.83 12.85 -20.33
CA VAL F 196 46.88 13.37 -19.45
C VAL F 196 48.27 12.84 -19.78
N LEU F 197 49.22 13.75 -19.83
CA LEU F 197 50.58 13.44 -20.18
C LEU F 197 51.22 12.78 -19.01
N ASP F 198 51.30 11.46 -19.08
CA ASP F 198 51.85 10.66 -18.00
C ASP F 198 52.91 9.70 -18.48
N LYS F 199 53.35 9.87 -19.70
CA LYS F 199 54.38 8.99 -20.18
C LYS F 199 55.30 9.72 -21.11
N ASP F 200 56.56 9.72 -20.71
CA ASP F 200 57.54 10.39 -21.49
C ASP F 200 57.65 9.67 -22.82
N ASN F 201 57.81 10.43 -23.89
CA ASN F 201 57.92 9.91 -25.25
C ASN F 201 56.76 9.02 -25.55
N ALA F 202 55.58 9.58 -25.67
CA ALA F 202 54.50 8.68 -25.93
C ALA F 202 53.43 9.42 -26.61
N TYR F 203 53.11 10.54 -26.02
CA TYR F 203 52.09 11.41 -26.52
C TYR F 203 52.71 12.22 -27.62
N PRO F 204 52.34 11.94 -28.85
CA PRO F 204 52.95 12.70 -29.93
C PRO F 204 52.38 14.06 -30.00
N VAL F 205 53.25 15.03 -30.17
CA VAL F 205 52.79 16.41 -30.22
C VAL F 205 51.74 16.70 -31.28
N GLU F 206 51.70 15.92 -32.34
CA GLU F 206 50.72 16.27 -33.33
C GLU F 206 49.31 15.85 -33.07
N CYS F 207 49.04 15.43 -31.84
CA CYS F 207 47.72 14.95 -31.50
C CYS F 207 47.18 15.61 -30.27
N TRP F 208 48.07 16.18 -29.49
CA TRP F 208 47.61 16.78 -28.28
C TRP F 208 48.09 18.15 -28.08
N VAL F 209 47.36 18.86 -27.26
CA VAL F 209 47.74 20.18 -26.89
C VAL F 209 47.25 20.19 -25.47
N PRO F 210 47.84 21.07 -24.66
CA PRO F 210 47.40 21.13 -23.28
C PRO F 210 45.95 21.55 -23.38
N ASP F 211 45.14 21.00 -22.50
CA ASP F 211 43.71 21.29 -22.48
C ASP F 211 43.37 22.49 -21.60
N PRO F 212 42.93 23.62 -22.18
CA PRO F 212 42.58 24.85 -21.43
C PRO F 212 41.40 24.76 -20.48
N SER F 213 40.41 24.02 -20.92
CA SER F 213 39.21 23.86 -20.13
C SER F 213 39.58 23.38 -18.76
N LYS F 214 40.75 22.75 -18.68
CA LYS F 214 41.09 22.21 -17.43
C LYS F 214 42.45 22.30 -16.80
N ASN F 215 43.40 23.06 -17.28
CA ASN F 215 44.65 22.94 -16.51
C ASN F 215 44.71 23.91 -15.36
N GLU F 216 43.92 23.56 -14.36
CA GLU F 216 43.78 24.44 -13.24
C GLU F 216 44.98 24.59 -12.34
N ASN F 217 45.82 23.56 -12.24
CA ASN F 217 46.97 23.63 -11.32
C ASN F 217 48.32 23.53 -12.00
N THR F 218 48.40 24.00 -13.23
CA THR F 218 49.68 23.97 -13.93
C THR F 218 49.68 25.13 -14.90
N ARG F 219 50.85 25.68 -15.18
CA ARG F 219 50.90 26.79 -16.11
C ARG F 219 51.62 26.28 -17.30
N TYR F 220 51.17 26.72 -18.45
CA TYR F 220 51.82 26.28 -19.64
C TYR F 220 51.93 27.40 -20.58
N PHE F 221 52.83 27.18 -21.51
CA PHE F 221 53.12 28.15 -22.51
C PHE F 221 53.77 27.45 -23.66
N GLY F 222 53.43 27.95 -24.83
CA GLY F 222 54.02 27.45 -26.03
C GLY F 222 53.64 28.33 -27.19
N THR F 223 54.42 28.22 -28.27
CA THR F 223 54.10 28.94 -29.47
C THR F 223 54.53 28.16 -30.72
N TYR F 224 53.58 28.11 -31.64
CA TYR F 224 53.74 27.44 -32.89
C TYR F 224 54.01 28.51 -33.88
N THR F 225 54.82 28.14 -34.84
CA THR F 225 55.18 29.05 -35.86
C THR F 225 55.32 28.14 -37.04
N GLY F 226 54.21 27.92 -37.70
CA GLY F 226 54.26 27.06 -38.84
C GLY F 226 54.85 27.79 -40.02
N GLY F 227 55.58 27.06 -40.84
CA GLY F 227 56.20 27.64 -42.01
C GLY F 227 57.16 26.68 -42.66
N GLU F 228 57.14 26.72 -43.98
CA GLU F 228 57.99 25.86 -44.78
C GLU F 228 59.44 26.17 -44.46
N ASN F 229 59.68 27.41 -44.00
CA ASN F 229 61.03 27.81 -43.65
C ASN F 229 61.17 29.09 -42.85
N VAL F 230 60.50 29.01 -41.72
CA VAL F 230 60.56 30.06 -40.77
C VAL F 230 61.87 29.85 -40.06
N PRO F 231 62.57 30.93 -39.81
CA PRO F 231 63.86 30.90 -39.14
C PRO F 231 63.61 30.86 -37.66
N PRO F 232 64.21 29.90 -37.01
CA PRO F 232 64.07 29.75 -35.58
C PRO F 232 64.76 30.91 -34.94
N VAL F 233 64.28 31.28 -33.79
CA VAL F 233 64.90 32.37 -33.13
C VAL F 233 64.87 32.04 -31.69
N LEU F 234 66.02 32.02 -31.06
CA LEU F 234 66.03 31.65 -29.66
C LEU F 234 66.92 32.52 -28.89
N HIS F 235 66.51 32.84 -27.67
CA HIS F 235 67.34 33.63 -26.78
C HIS F 235 67.69 32.76 -25.62
N ILE F 236 68.92 32.93 -25.18
CA ILE F 236 69.44 32.17 -24.11
C ILE F 236 69.84 33.30 -23.16
N THR F 237 69.37 33.22 -21.90
CA THR F 237 69.71 34.16 -20.81
C THR F 237 69.40 33.78 -19.40
N ASN F 238 70.37 34.03 -18.55
CA ASN F 238 70.10 33.71 -17.18
C ASN F 238 69.53 34.91 -16.44
N THR F 239 68.92 35.86 -17.11
CA THR F 239 68.42 37.00 -16.36
C THR F 239 66.92 37.11 -16.29
N ALA F 240 66.23 36.07 -16.72
CA ALA F 240 64.78 36.14 -16.74
C ALA F 240 63.94 35.14 -16.04
N THR F 241 62.94 35.65 -15.31
CA THR F 241 62.08 34.77 -14.58
C THR F 241 60.61 34.83 -15.00
N THR F 242 59.94 33.71 -14.81
CA THR F 242 58.54 33.62 -15.10
C THR F 242 57.81 33.26 -13.84
N VAL F 243 56.74 33.99 -13.62
CA VAL F 243 55.96 33.74 -12.45
C VAL F 243 54.86 32.74 -12.62
N LEU F 244 54.76 31.86 -11.66
CA LEU F 244 53.78 30.81 -11.73
C LEU F 244 52.57 31.22 -10.97
N LEU F 245 52.70 32.28 -10.19
CA LEU F 245 51.58 32.73 -9.40
C LEU F 245 50.35 33.02 -10.14
N ASP F 246 49.24 32.55 -9.58
CA ASP F 246 47.94 32.73 -10.20
C ASP F 246 47.35 34.03 -9.78
N GLU F 247 46.08 34.23 -10.10
CA GLU F 247 45.41 35.48 -9.79
C GLU F 247 45.30 35.67 -8.29
N GLN F 248 45.29 34.59 -7.50
CA GLN F 248 45.17 34.74 -6.05
C GLN F 248 46.54 34.74 -5.43
N GLY F 249 47.54 34.63 -6.30
CA GLY F 249 48.92 34.62 -5.87
C GLY F 249 49.37 33.28 -5.38
N VAL F 250 48.84 32.21 -5.94
CA VAL F 250 49.28 30.92 -5.49
C VAL F 250 49.86 30.36 -6.74
N GLY F 251 50.89 29.56 -6.59
CA GLY F 251 51.47 29.00 -7.77
C GLY F 251 50.87 27.66 -7.74
N PRO F 252 51.39 26.83 -8.60
CA PRO F 252 50.92 25.46 -8.67
C PRO F 252 51.18 24.89 -7.32
N LEU F 253 50.31 23.98 -6.86
CA LEU F 253 50.45 23.31 -5.58
C LEU F 253 50.76 21.88 -5.84
N CYS F 254 51.87 21.41 -5.31
CA CYS F 254 52.26 20.03 -5.52
C CYS F 254 51.44 19.12 -4.62
N LYS F 255 50.22 18.89 -5.07
CA LYS F 255 49.19 18.07 -4.41
C LYS F 255 49.73 16.81 -3.80
N ALA F 256 50.10 15.89 -4.69
CA ALA F 256 50.72 14.63 -4.31
C ALA F 256 52.05 15.25 -4.19
N ASP F 257 52.82 14.93 -3.16
CA ASP F 257 54.10 15.61 -3.02
C ASP F 257 55.08 15.48 -4.21
N SER F 258 54.66 16.04 -5.35
CA SER F 258 55.39 15.96 -6.60
C SER F 258 55.19 17.22 -7.45
N LEU F 259 56.25 17.55 -8.18
CA LEU F 259 56.32 18.69 -9.06
C LEU F 259 56.43 18.11 -10.43
N TYR F 260 55.63 18.62 -11.35
CA TYR F 260 55.61 18.09 -12.70
C TYR F 260 56.07 19.09 -13.69
N VAL F 261 56.83 18.60 -14.65
CA VAL F 261 57.43 19.41 -15.66
C VAL F 261 57.28 18.74 -17.02
N SER F 262 56.92 19.51 -18.02
CA SER F 262 56.71 18.95 -19.35
C SER F 262 57.18 19.97 -20.33
N ALA F 263 57.68 19.51 -21.46
CA ALA F 263 58.16 20.44 -22.43
C ALA F 263 58.22 19.86 -23.81
N VAL F 264 58.43 20.73 -24.80
CA VAL F 264 58.52 20.32 -26.20
C VAL F 264 59.34 21.34 -26.98
N ASP F 265 60.28 20.87 -27.77
CA ASP F 265 61.09 21.83 -28.47
C ASP F 265 61.52 21.54 -29.88
N ILE F 266 60.55 21.46 -30.78
CA ILE F 266 60.95 21.21 -32.13
C ILE F 266 61.55 22.53 -32.55
N CYS F 267 62.87 22.58 -32.71
CA CYS F 267 63.51 23.80 -33.17
C CYS F 267 63.30 24.01 -34.68
N GLY F 268 62.95 22.95 -35.40
CA GLY F 268 62.70 23.03 -36.84
C GLY F 268 63.05 21.74 -37.63
N LEU F 269 63.43 21.92 -38.89
CA LEU F 269 63.78 20.78 -39.74
C LEU F 269 65.20 20.74 -40.26
N PHE F 270 65.86 19.60 -40.04
CA PHE F 270 67.24 19.39 -40.50
C PHE F 270 67.05 18.82 -41.86
N THR F 271 67.68 19.45 -42.85
CA THR F 271 67.56 18.95 -44.18
C THR F 271 68.89 18.28 -44.53
N ASN F 272 68.85 16.95 -44.59
CA ASN F 272 70.03 16.15 -44.89
C ASN F 272 70.49 16.43 -46.29
N THR F 273 71.70 15.98 -46.58
CA THR F 273 72.30 16.14 -47.89
C THR F 273 71.35 15.55 -48.92
N SER F 274 70.83 14.38 -48.56
CA SER F 274 69.87 13.61 -49.34
C SER F 274 68.71 14.49 -49.79
N GLY F 275 68.22 15.33 -48.90
CA GLY F 275 67.08 16.16 -49.23
C GLY F 275 65.99 15.77 -48.25
N THR F 276 66.19 14.64 -47.55
CA THR F 276 65.25 14.18 -46.56
C THR F 276 65.34 15.14 -45.42
N GLN F 277 64.22 15.36 -44.77
CA GLN F 277 64.23 16.26 -43.66
C GLN F 277 63.83 15.48 -42.40
N GLN F 278 64.21 15.97 -41.23
CA GLN F 278 63.83 15.34 -39.95
C GLN F 278 63.90 16.38 -38.83
N TRP F 279 62.90 16.37 -37.97
CA TRP F 279 62.79 17.31 -36.86
C TRP F 279 63.99 17.35 -35.95
N LYS F 280 64.31 18.52 -35.45
CA LYS F 280 65.37 18.57 -34.46
C LYS F 280 64.83 19.19 -33.21
N GLY F 281 65.29 18.65 -32.08
CA GLY F 281 64.92 19.22 -30.79
C GLY F 281 66.15 19.51 -29.95
N LEU F 282 65.98 20.18 -28.82
CA LEU F 282 67.11 20.50 -27.92
C LEU F 282 66.58 20.32 -26.54
N PRO F 283 67.46 20.07 -25.60
CA PRO F 283 66.83 19.91 -24.30
C PRO F 283 66.55 21.25 -23.68
N ARG F 284 65.71 21.20 -22.66
CA ARG F 284 65.34 22.40 -21.98
C ARG F 284 65.63 22.31 -20.51
N TYR F 285 66.02 23.45 -19.98
CA TYR F 285 66.39 23.57 -18.60
C TYR F 285 65.32 24.26 -17.80
N PHE F 286 65.22 23.91 -16.53
CA PHE F 286 64.29 24.62 -15.68
C PHE F 286 64.92 24.81 -14.35
N LYS F 287 64.49 25.87 -13.69
CA LYS F 287 64.94 26.16 -12.37
C LYS F 287 63.66 26.62 -11.71
N ILE F 288 63.08 25.72 -10.92
CA ILE F 288 61.85 26.06 -10.23
C ILE F 288 62.15 26.39 -8.81
N THR F 289 61.44 27.40 -8.34
CA THR F 289 61.61 27.92 -7.00
C THR F 289 60.36 27.53 -6.21
N LEU F 290 60.54 26.71 -5.19
CA LEU F 290 59.41 26.22 -4.39
C LEU F 290 59.40 26.75 -3.00
N ARG F 291 58.22 26.92 -2.45
CA ARG F 291 58.14 27.38 -1.08
C ARG F 291 57.06 26.60 -0.36
N LYS F 292 56.97 26.78 0.96
CA LYS F 292 55.98 26.05 1.75
C LYS F 292 54.71 26.90 1.89
N ARG F 293 53.61 26.40 1.33
CA ARG F 293 52.33 27.12 1.32
C ARG F 293 51.33 26.44 2.20
N SER F 294 50.73 27.25 3.05
CA SER F 294 49.76 26.76 3.97
C SER F 294 48.40 26.62 3.30
N VAL F 295 47.78 25.45 3.48
CA VAL F 295 46.45 25.20 2.93
C VAL F 295 45.50 24.44 3.87
N LYS F 296 44.23 24.54 3.52
CA LYS F 296 43.14 23.91 4.24
C LYS F 296 43.31 22.49 3.90
N ASN F 297 43.27 21.64 4.92
CA ASN F 297 43.42 20.22 4.69
C ASN F 297 42.30 19.88 3.77
N PRO F 298 42.63 19.31 2.62
CA PRO F 298 41.54 18.99 1.69
C PRO F 298 40.80 17.72 2.05
N TYR F 299 41.55 16.78 2.62
CA TYR F 299 41.04 15.46 2.94
C TYR F 299 41.25 15.01 4.38
N PRO F 300 40.26 15.27 5.25
CA PRO F 300 40.21 14.95 6.68
C PRO F 300 39.88 13.52 7.01
N ILE F 301 39.90 13.28 8.31
CA ILE F 301 39.64 11.96 8.85
C ILE F 301 38.26 11.44 8.50
N SER F 302 37.31 12.37 8.46
CA SER F 302 35.93 12.06 8.15
C SER F 302 35.93 11.28 6.83
N PHE F 303 36.64 11.86 5.88
CA PHE F 303 36.82 11.28 4.56
C PHE F 303 37.40 9.88 4.67
N LEU F 304 38.30 9.67 5.63
CA LEU F 304 38.86 8.34 5.80
C LEU F 304 37.74 7.32 5.95
N LEU F 305 36.86 7.50 6.93
CA LEU F 305 35.82 6.50 7.13
C LEU F 305 34.96 6.31 5.89
N SER F 306 34.56 7.44 5.32
CA SER F 306 33.71 7.40 4.15
C SER F 306 34.36 6.52 3.10
N ASP F 307 35.68 6.66 2.98
CA ASP F 307 36.43 5.87 2.01
C ASP F 307 36.45 4.39 2.43
N LEU F 308 36.91 4.10 3.63
CA LEU F 308 36.95 2.70 4.08
C LEU F 308 35.65 2.00 3.78
N ILE F 309 34.57 2.62 4.22
CA ILE F 309 33.29 2.04 4.00
C ILE F 309 33.05 1.84 2.51
N ASN F 310 33.48 2.80 1.70
CA ASN F 310 33.26 2.68 0.27
C ASN F 310 34.08 1.57 -0.34
N ARG F 311 35.32 1.47 0.14
CA ARG F 311 36.23 0.47 -0.37
C ARG F 311 35.68 -0.87 0.02
N ARG F 312 35.21 -0.96 1.25
CA ARG F 312 34.66 -2.20 1.76
C ARG F 312 33.36 -2.61 1.02
N THR F 313 32.57 -1.62 0.57
CA THR F 313 31.33 -1.97 -0.11
C THR F 313 31.47 -2.44 -1.54
N GLN F 314 30.66 -3.44 -1.86
CA GLN F 314 30.68 -4.02 -3.18
C GLN F 314 30.18 -3.03 -4.20
N ARG F 315 30.82 -2.98 -5.36
CA ARG F 315 30.40 -2.05 -6.39
C ARG F 315 29.24 -2.64 -7.14
N VAL F 316 28.34 -1.80 -7.64
CA VAL F 316 27.22 -2.36 -8.39
C VAL F 316 27.18 -1.87 -9.82
N ASP F 317 27.06 -2.85 -10.69
CA ASP F 317 26.96 -2.51 -12.07
C ASP F 317 25.49 -2.45 -12.32
N GLY F 318 24.97 -1.24 -12.39
CA GLY F 318 23.56 -1.13 -12.63
C GLY F 318 23.22 -0.01 -13.54
N GLN F 319 21.93 0.13 -13.80
CA GLN F 319 21.43 1.17 -14.67
C GLN F 319 22.01 2.52 -14.30
N PRO F 320 22.27 3.31 -15.32
CA PRO F 320 22.85 4.65 -15.42
C PRO F 320 22.16 5.74 -14.69
N MET F 321 22.70 6.16 -13.56
CA MET F 321 22.06 7.27 -12.91
C MET F 321 22.96 8.47 -13.11
N ILE F 322 23.99 8.32 -13.92
CA ILE F 322 24.89 9.45 -14.09
C ILE F 322 25.42 9.69 -15.47
N GLY F 323 25.68 10.96 -15.77
CA GLY F 323 26.19 11.27 -17.08
C GLY F 323 25.16 11.25 -18.18
N MET F 324 25.61 10.93 -19.38
CA MET F 324 24.77 10.95 -20.58
C MET F 324 23.47 10.17 -20.58
N SER F 325 23.35 9.17 -19.72
CA SER F 325 22.12 8.42 -19.75
C SER F 325 21.45 8.33 -18.39
N SER F 326 21.93 9.18 -17.50
CA SER F 326 21.45 9.27 -16.14
C SER F 326 19.94 9.09 -16.23
N GLN F 327 19.44 8.12 -15.48
CA GLN F 327 18.03 7.88 -15.47
C GLN F 327 17.42 8.72 -14.34
N VAL F 328 18.20 9.70 -13.89
CA VAL F 328 17.74 10.63 -12.91
C VAL F 328 17.14 11.74 -13.77
N GLU F 329 15.83 11.85 -13.74
CA GLU F 329 15.13 12.86 -14.50
C GLU F 329 15.32 14.24 -13.92
N GLU F 330 15.40 14.36 -12.60
CA GLU F 330 15.56 15.69 -12.01
C GLU F 330 15.91 15.63 -10.55
N VAL F 331 16.54 16.71 -10.09
CA VAL F 331 16.97 16.84 -8.71
C VAL F 331 16.76 18.24 -8.23
N ARG F 332 16.12 18.35 -7.08
CA ARG F 332 15.90 19.65 -6.55
C ARG F 332 16.61 19.66 -5.23
N VAL F 333 17.02 20.84 -4.85
CA VAL F 333 17.75 21.01 -3.62
C VAL F 333 17.22 22.21 -2.94
N TYR F 334 16.97 22.08 -1.64
CA TYR F 334 16.43 23.22 -0.96
C TYR F 334 17.24 23.52 0.22
N GLU F 335 17.25 24.80 0.60
CA GLU F 335 17.95 25.12 1.79
C GLU F 335 17.11 25.82 2.79
N ASP F 336 16.65 27.04 2.52
CA ASP F 336 15.86 27.60 3.60
C ASP F 336 14.38 27.62 3.25
N THR F 337 13.75 28.74 3.58
CA THR F 337 12.35 28.98 3.31
C THR F 337 12.25 30.17 2.38
N GLU F 338 11.04 30.44 1.92
CA GLU F 338 10.83 31.48 0.95
C GLU F 338 9.32 31.65 0.88
N GLU F 339 8.87 32.89 0.77
CA GLU F 339 7.44 33.13 0.68
C GLU F 339 6.96 32.27 -0.49
N LEU F 340 5.89 31.53 -0.27
CA LEU F 340 5.37 30.65 -1.28
C LEU F 340 5.43 31.24 -2.69
N PRO F 341 6.39 30.79 -3.43
CA PRO F 341 6.58 31.25 -4.79
C PRO F 341 5.33 30.94 -5.56
N GLY F 342 4.91 31.93 -6.35
CA GLY F 342 3.76 31.77 -7.20
C GLY F 342 4.02 30.79 -8.33
N ASP F 343 5.28 30.56 -8.69
CA ASP F 343 5.52 29.62 -9.78
C ASP F 343 6.34 28.41 -9.38
N PRO F 344 5.67 27.25 -9.24
CA PRO F 344 6.21 25.94 -8.86
C PRO F 344 7.44 25.46 -9.65
N ASP F 345 7.34 25.31 -10.98
CA ASP F 345 8.55 24.90 -11.69
C ASP F 345 9.39 26.18 -11.85
N MET F 346 9.90 26.68 -10.73
CA MET F 346 10.68 27.93 -10.67
C MET F 346 11.36 28.28 -11.99
N ILE F 347 10.64 29.01 -12.83
CA ILE F 347 11.17 29.41 -14.14
C ILE F 347 12.41 30.23 -13.82
N ARG F 348 13.56 29.73 -14.24
CA ARG F 348 14.78 30.46 -13.97
C ARG F 348 15.27 31.11 -15.26
N TYR F 349 15.34 30.35 -16.35
CA TYR F 349 15.75 30.93 -17.61
C TYR F 349 14.48 31.44 -18.30
N ILE F 350 14.60 32.36 -19.24
CA ILE F 350 13.43 32.93 -19.92
C ILE F 350 12.99 32.12 -21.15
N ASP F 351 13.94 31.43 -21.76
CA ASP F 351 13.67 30.60 -22.93
C ASP F 351 12.64 29.61 -22.49
N GLU F 352 12.56 29.41 -21.18
CA GLU F 352 11.66 28.44 -20.62
C GLU F 352 10.44 29.17 -20.15
N PHE F 353 9.79 29.83 -21.08
CA PHE F 353 8.58 30.49 -20.71
C PHE F 353 7.45 29.91 -21.50
N GLY F 354 6.64 29.14 -20.78
CA GLY F 354 5.50 28.45 -21.35
C GLY F 354 6.04 27.11 -21.81
N GLN F 355 6.58 27.12 -23.03
CA GLN F 355 7.18 25.96 -23.71
C GLN F 355 6.42 24.63 -23.56
#